data_3HYL
#
_entry.id   3HYL
#
_cell.length_a   138.801
_cell.length_b   70.975
_cell.length_c   145.795
_cell.angle_alpha   90.00
_cell.angle_beta   117.35
_cell.angle_gamma   90.00
#
_symmetry.space_group_name_H-M   'C 1 2 1'
#
loop_
_entity.id
_entity.type
_entity.pdbx_description
1 polymer Transketolase
2 non-polymer GLYCEROL
3 non-polymer 'FORMIC ACID'
4 non-polymer DI(HYDROXYETHYL)ETHER
5 non-polymer 'MAGNESIUM ION'
6 non-polymer 'CHLORIDE ION'
7 non-polymer 'SULFATE ION'
8 water water
#
_entity_poly.entity_id   1
_entity_poly.type   'polypeptide(L)'
_entity_poly.pdbx_seq_one_letter_code
;(MSE)HHHHHHSSGVDLGTENLYFQSNA(MSE)SHSIEQLSINTIRTLSIDAIEKANSGHPG(MSE)P(MSE)GAAP
(MSE)AYTLWTQF(MSE)KHNPNNPTWFNRDRFVLSAGHGS(MSE)LLYSLLHLSGYDVT(MSE)DDLKNFRQWGSKTPG
HPEYGHTAGVDATTGPLGQGIATAVG(MSE)A(MSE)AERHLAAKYNRDAYNIVDHYTYAICGDGDL(MSE)EGVSAEAS
SLAAHLQLGRLVVLYDSNDISLDGDLNRSFSESVEDRYKAYGWQVIRVEDGNDIEAIAKAIEEAKADEKRPTLIEVRTTI
GFGSPNKSGKSASHGSPLGVEETKLTKEAYAWTAEQDFHVAEEVYENFRKTVQDVGETAQAEWNT(MSE)LGEYAQAYPE
LANELQAA(MSE)NGLLPEGWEQNLPTYELGSKAATRNSSGAVINAIAESVPSFFGGSADLAGSNKTY(MSE)NNEKDFT
RDDYSGKNIWYGVREFA(MSE)GAA(MSE)NGIALHGGLKTYGGTFFVFSDYLRPAIRLAAL(MSE)QLPVTYVFTHDSI
AVGEDGPTHEPIEQLAALRA(MSE)PNVSVIRPADGNESVAAWRLALESTNKPTALVLTRQDLPTLEGAKDDTYEKVAKG
AYVVSASKKETADVILLATGSEVSLAVEAQKALAVDGVDASVVS(MSE)PS(MSE)DRFEAQTAEYKESVLPKAVTKRFA
IE(MSE)GATFGWHRYVGLEGDVLGIDTFGASAPGEKI(MSE)EEYGFTVENVVRKVKE(MSE)L
;
_entity_poly.pdbx_strand_id   A,B
#
# COMPACT_ATOMS: atom_id res chain seq x y z
N SER A 28 -0.37 40.99 22.78
CA SER A 28 1.06 40.82 22.97
C SER A 28 1.34 39.70 23.94
N ILE A 29 0.37 39.32 24.77
CA ILE A 29 0.60 38.08 25.47
C ILE A 29 0.47 36.87 24.54
N GLU A 30 -0.53 36.90 23.65
CA GLU A 30 -0.67 35.83 22.69
C GLU A 30 0.65 35.74 21.91
N GLN A 31 1.19 36.88 21.51
CA GLN A 31 2.42 36.86 20.75
C GLN A 31 3.52 36.20 21.58
N LEU A 32 3.60 36.56 22.87
CA LEU A 32 4.56 35.97 23.77
C LEU A 32 4.38 34.43 23.84
N SER A 33 3.13 33.99 24.01
CA SER A 33 2.88 32.55 24.02
C SER A 33 3.35 31.88 22.73
N ILE A 34 3.03 32.51 21.60
CA ILE A 34 3.34 31.94 20.29
C ILE A 34 4.85 31.77 20.14
N ASN A 35 5.58 32.76 20.62
CA ASN A 35 7.03 32.75 20.52
C ASN A 35 7.66 31.79 21.50
N THR A 36 6.94 31.47 22.57
CA THR A 36 7.41 30.47 23.50
C THR A 36 7.31 29.08 22.85
N ILE A 37 6.21 28.83 22.16
CA ILE A 37 6.05 27.58 21.43
C ILE A 37 7.20 27.42 20.44
N ARG A 38 7.41 28.48 19.66
CA ARG A 38 8.50 28.54 18.70
C ARG A 38 9.86 28.19 19.31
N THR A 39 10.13 28.87 20.39
CA THR A 39 11.41 28.84 21.01
C THR A 39 11.65 27.54 21.81
N LEU A 40 10.63 27.03 22.49
CA LEU A 40 10.70 25.68 23.07
C LEU A 40 11.04 24.63 22.00
N SER A 41 10.30 24.64 20.91
CA SER A 41 10.46 23.69 19.85
C SER A 41 11.90 23.68 19.35
N ILE A 42 12.38 24.89 19.06
CA ILE A 42 13.71 25.08 18.50
C ILE A 42 14.78 24.57 19.47
N ASP A 43 14.65 24.93 20.73
CA ASP A 43 15.62 24.56 21.74
C ASP A 43 15.60 23.04 21.97
N ALA A 44 14.40 22.46 22.00
CA ALA A 44 14.31 21.01 22.18
C ALA A 44 15.05 20.28 21.03
N ILE A 45 14.95 20.83 19.83
CA ILE A 45 15.52 20.23 18.62
C ILE A 45 17.06 20.44 18.60
N GLU A 46 17.51 21.57 19.11
CA GLU A 46 18.95 21.82 19.28
C GLU A 46 19.52 20.83 20.26
N LYS A 47 18.80 20.60 21.35
CA LYS A 47 19.32 19.71 22.38
C LYS A 47 19.38 18.26 21.90
N ALA A 48 18.34 17.83 21.17
CA ALA A 48 18.33 16.48 20.60
C ALA A 48 19.27 16.39 19.40
N ASN A 49 19.60 17.54 18.81
CA ASN A 49 20.39 17.55 17.58
C ASN A 49 19.69 16.67 16.57
N SER A 50 18.38 16.74 16.59
CA SER A 50 17.56 16.00 15.63
C SER A 50 16.20 16.61 15.68
N GLY A 51 15.54 16.69 14.54
CA GLY A 51 14.18 17.16 14.54
C GLY A 51 13.85 18.18 13.49
N HIS A 52 12.60 18.61 13.49
CA HIS A 52 12.05 19.46 12.43
C HIS A 52 11.53 20.77 13.00
N PRO A 53 12.33 21.83 12.87
CA PRO A 53 12.03 23.13 13.48
C PRO A 53 11.15 24.00 12.59
N GLY A 54 11.27 23.80 11.29
CA GLY A 54 10.65 24.70 10.33
C GLY A 54 9.17 24.93 10.49
N PRO A 56 6.99 23.94 13.10
CA PRO A 56 6.61 24.53 14.41
C PRO A 56 6.67 26.05 14.39
N GLY A 58 6.36 28.05 11.62
CA GLY A 58 5.44 28.62 10.67
C GLY A 58 4.04 28.54 11.23
N ALA A 59 3.82 27.49 12.00
CA ALA A 59 2.47 27.08 12.33
C ALA A 59 2.07 27.37 13.77
N ALA A 60 3.03 27.81 14.58
CA ALA A 60 2.73 28.10 15.97
C ALA A 60 1.50 29.03 16.17
N PRO A 61 1.35 30.05 15.31
CA PRO A 61 0.16 30.91 15.52
C PRO A 61 -1.19 30.21 15.33
N ALA A 63 -1.96 27.09 15.30
CA ALA A 63 -2.11 26.06 16.31
C ALA A 63 -2.49 26.68 17.67
N TYR A 64 -1.77 27.72 18.07
CA TYR A 64 -2.08 28.37 19.37
C TYR A 64 -3.54 28.83 19.37
N THR A 65 -3.98 29.44 18.27
CA THR A 65 -5.34 29.98 18.18
C THR A 65 -6.37 28.88 18.32
N LEU A 66 -6.16 27.77 17.62
CA LEU A 66 -7.11 26.65 17.68
C LEU A 66 -7.17 26.03 19.07
N TRP A 67 -5.98 25.85 19.64
CA TRP A 67 -5.80 25.12 20.89
C TRP A 67 -6.36 25.90 22.06
N THR A 68 -6.09 27.21 22.11
CA THR A 68 -6.53 28.00 23.24
C THR A 68 -7.90 28.69 23.07
N GLN A 69 -8.38 28.86 21.83
CA GLN A 69 -9.57 29.71 21.59
C GLN A 69 -10.77 28.90 21.10
N PHE A 70 -10.52 27.68 20.64
CA PHE A 70 -11.58 26.88 20.05
C PHE A 70 -11.76 25.47 20.59
N LYS A 72 -12.18 22.42 22.96
CA LYS A 72 -12.54 22.07 24.33
C LYS A 72 -11.82 20.80 24.75
N HIS A 73 -10.88 20.95 25.68
CA HIS A 73 -10.11 19.80 26.13
C HIS A 73 -9.62 20.04 27.56
N ASN A 74 -9.51 18.96 28.33
CA ASN A 74 -9.13 19.02 29.73
C ASN A 74 -7.76 18.41 29.96
N PRO A 75 -6.72 19.24 30.14
CA PRO A 75 -5.34 18.78 30.30
C PRO A 75 -5.20 17.87 31.48
N ASN A 76 -6.09 17.98 32.46
CA ASN A 76 -6.02 17.05 33.57
C ASN A 76 -6.75 15.74 33.32
N ASN A 77 -7.54 15.68 32.24
CA ASN A 77 -8.15 14.42 31.83
C ASN A 77 -8.06 14.21 30.31
N PRO A 78 -6.89 13.83 29.81
CA PRO A 78 -6.72 13.78 28.35
C PRO A 78 -7.62 12.75 27.68
N THR A 79 -8.25 11.91 28.48
CA THR A 79 -9.00 10.78 28.00
C THR A 79 -10.53 11.06 28.00
N TRP A 80 -10.89 12.30 28.33
CA TRP A 80 -12.30 12.72 28.41
C TRP A 80 -13.04 12.38 27.11
N PHE A 81 -14.04 11.51 27.21
CA PHE A 81 -14.76 10.99 26.04
C PHE A 81 -15.30 12.04 25.07
N ASN A 82 -15.69 13.18 25.60
CA ASN A 82 -16.29 14.18 24.75
C ASN A 82 -15.40 15.37 24.50
N ARG A 83 -14.11 15.27 24.85
CA ARG A 83 -13.19 16.30 24.45
C ARG A 83 -13.18 16.47 22.91
N ASP A 84 -12.79 17.66 22.44
CA ASP A 84 -12.54 17.76 21.02
C ASP A 84 -11.32 16.87 20.70
N ARG A 85 -11.29 16.20 19.55
CA ARG A 85 -10.14 15.35 19.17
C ARG A 85 -9.16 16.14 18.28
N PHE A 86 -7.90 15.79 18.35
CA PHE A 86 -6.95 16.53 17.54
C PHE A 86 -5.88 15.63 16.92
N VAL A 87 -5.57 15.82 15.63
CA VAL A 87 -4.60 14.96 14.94
C VAL A 87 -3.53 15.82 14.25
N LEU A 88 -2.28 15.68 14.66
CA LEU A 88 -1.20 16.35 13.96
C LEU A 88 -0.85 15.47 12.76
N SER A 89 -1.60 15.59 11.66
CA SER A 89 -1.32 14.79 10.47
C SER A 89 0.12 14.98 9.99
N ALA A 90 0.58 16.23 10.03
CA ALA A 90 1.97 16.54 9.75
C ALA A 90 2.90 16.16 10.94
N GLY A 91 3.15 14.86 11.11
CA GLY A 91 3.83 14.35 12.30
C GLY A 91 5.19 14.97 12.62
N HIS A 92 5.93 15.36 11.60
CA HIS A 92 7.32 15.76 11.79
C HIS A 92 7.37 17.00 12.66
N GLY A 93 6.27 17.75 12.70
CA GLY A 93 6.20 18.92 13.58
C GLY A 93 5.86 18.61 15.04
N SER A 94 6.18 17.41 15.50
CA SER A 94 5.81 16.98 16.84
C SER A 94 6.12 17.95 18.02
N LEU A 96 5.74 21.02 18.08
CA LEU A 96 4.64 21.95 18.14
C LEU A 96 3.59 21.36 19.09
N LEU A 97 3.27 20.08 18.90
CA LEU A 97 2.29 19.46 19.76
C LEU A 97 2.83 19.34 21.20
N TYR A 98 4.08 18.87 21.35
CA TYR A 98 4.66 18.73 22.69
C TYR A 98 4.70 20.06 23.48
N SER A 99 5.09 21.13 22.80
CA SER A 99 5.04 22.47 23.38
C SER A 99 3.67 22.83 23.93
N LEU A 100 2.65 22.73 23.08
CA LEU A 100 1.29 23.01 23.50
C LEU A 100 0.87 22.11 24.65
N LEU A 101 1.14 20.81 24.57
CA LEU A 101 0.75 19.94 25.67
C LEU A 101 1.43 20.40 27.01
N HIS A 102 2.73 20.66 26.96
CA HIS A 102 3.43 21.06 28.17
C HIS A 102 2.92 22.38 28.75
N LEU A 103 2.91 23.42 27.91
CA LEU A 103 2.42 24.74 28.26
C LEU A 103 0.98 24.76 28.76
N SER A 104 0.18 23.77 28.38
CA SER A 104 -1.25 23.71 28.69
C SER A 104 -1.55 22.91 29.96
N GLY A 105 -0.55 22.19 30.47
CA GLY A 105 -0.71 21.48 31.73
C GLY A 105 -1.02 20.00 31.53
N TYR A 106 -0.83 19.50 30.32
CA TYR A 106 -0.90 18.07 30.17
C TYR A 106 0.33 17.48 30.88
N ASP A 107 0.31 16.19 31.11
CA ASP A 107 1.42 15.56 31.78
C ASP A 107 2.62 15.37 30.86
N VAL A 108 3.07 16.46 30.27
CA VAL A 108 4.29 16.48 29.47
C VAL A 108 5.15 17.56 30.12
N THR A 109 6.23 17.15 30.78
CA THR A 109 7.00 18.05 31.63
C THR A 109 8.08 18.80 30.86
N ASP A 111 11.26 18.40 31.70
N ASP A 111 11.31 18.46 31.73
CA ASP A 111 12.27 17.32 31.52
CA ASP A 111 12.28 17.43 31.46
C ASP A 111 11.91 16.33 30.39
C ASP A 111 11.86 16.74 30.14
N ASP A 112 10.62 16.24 30.07
CA ASP A 112 10.18 15.50 28.89
C ASP A 112 10.65 16.24 27.64
N LEU A 113 10.42 17.55 27.56
CA LEU A 113 10.82 18.31 26.37
C LEU A 113 12.33 18.29 26.16
N LYS A 114 13.07 18.23 27.26
CA LYS A 114 14.51 18.24 27.21
C LYS A 114 15.01 16.85 26.80
N ASN A 115 14.06 15.93 26.60
CA ASN A 115 14.38 14.57 26.18
C ASN A 115 13.71 14.16 24.88
N PHE A 116 13.22 15.16 24.18
CA PHE A 116 12.79 15.01 22.82
C PHE A 116 13.70 14.03 22.08
N ARG A 117 13.09 13.03 21.42
CA ARG A 117 13.79 12.08 20.54
C ARG A 117 14.85 11.19 21.19
N GLN A 118 14.77 11.04 22.50
CA GLN A 118 15.71 10.24 23.28
C GLN A 118 15.08 8.95 23.80
N TRP A 119 15.91 7.91 23.85
CA TRP A 119 15.51 6.60 24.34
C TRP A 119 14.61 6.67 25.59
N GLY A 120 13.45 6.05 25.51
CA GLY A 120 12.51 6.08 26.63
C GLY A 120 11.76 7.39 26.87
N SER A 121 11.91 8.40 26.01
CA SER A 121 11.10 9.64 26.10
C SER A 121 9.59 9.47 26.08
N LYS A 122 8.92 10.43 26.71
CA LYS A 122 7.53 10.70 26.41
C LYS A 122 7.42 11.68 25.22
N THR A 123 8.54 12.04 24.63
CA THR A 123 8.57 12.97 23.51
C THR A 123 9.26 12.37 22.26
N PRO A 124 8.68 11.30 21.70
CA PRO A 124 9.37 10.63 20.57
C PRO A 124 9.32 11.50 19.30
N GLY A 125 10.17 11.22 18.31
CA GLY A 125 10.31 12.09 17.13
C GLY A 125 9.04 12.40 16.33
N HIS A 126 8.13 11.42 16.29
CA HIS A 126 6.79 11.61 15.71
C HIS A 126 5.75 11.26 16.80
N PRO A 127 4.55 11.83 16.76
CA PRO A 127 3.66 11.64 17.92
C PRO A 127 3.18 10.16 18.04
N GLU A 128 3.05 9.65 19.27
CA GLU A 128 2.63 8.28 19.50
C GLU A 128 1.50 8.17 20.51
N TYR A 129 0.35 7.82 19.97
CA TYR A 129 -0.79 7.52 20.80
C TYR A 129 -0.41 6.44 21.78
N GLY A 130 -0.82 6.64 23.03
CA GLY A 130 -0.54 5.67 24.05
C GLY A 130 0.77 5.91 24.79
N HIS A 131 1.65 6.77 24.26
CA HIS A 131 2.95 6.96 24.91
C HIS A 131 3.07 8.33 25.54
N THR A 132 2.29 9.27 25.03
CA THR A 132 2.33 10.65 25.50
C THR A 132 0.93 11.16 25.89
N ALA A 133 0.82 11.80 27.06
CA ALA A 133 -0.47 12.21 27.58
C ALA A 133 -1.06 13.16 26.59
N GLY A 134 -2.31 12.98 26.18
CA GLY A 134 -2.91 13.98 25.32
C GLY A 134 -2.64 13.78 23.82
N VAL A 135 -1.85 12.77 23.44
CA VAL A 135 -1.72 12.51 22.00
C VAL A 135 -2.86 11.60 21.54
N ASP A 136 -3.73 12.11 20.68
CA ASP A 136 -4.89 11.34 20.19
C ASP A 136 -4.62 10.29 19.10
N ALA A 137 -3.54 10.44 18.34
CA ALA A 137 -3.21 9.52 17.24
C ALA A 137 -1.74 9.53 16.96
N THR A 138 -1.22 8.39 16.49
CA THR A 138 0.15 8.33 16.00
C THR A 138 0.23 8.73 14.53
N THR A 139 0.98 9.79 14.26
CA THR A 139 1.18 10.27 12.89
C THR A 139 2.63 10.11 12.45
N GLY A 140 2.88 10.37 11.17
CA GLY A 140 4.24 10.43 10.66
C GLY A 140 4.32 10.10 9.18
N PRO A 141 3.99 8.86 8.84
CA PRO A 141 3.53 8.54 7.49
C PRO A 141 2.45 9.50 7.00
N LEU A 142 2.72 10.19 5.90
CA LEU A 142 1.98 11.40 5.55
C LEU A 142 0.64 11.05 4.90
N GLY A 143 -0.33 11.94 5.09
CA GLY A 143 -1.65 11.73 4.55
C GLY A 143 -2.57 10.98 5.49
N GLN A 144 -2.02 10.04 6.24
CA GLN A 144 -2.85 9.18 7.09
C GLN A 144 -3.53 9.89 8.26
N GLY A 145 -2.86 10.88 8.84
CA GLY A 145 -3.47 11.62 9.93
C GLY A 145 -4.83 12.19 9.53
N ILE A 146 -4.93 12.66 8.30
CA ILE A 146 -6.21 13.26 7.88
C ILE A 146 -7.28 12.20 7.78
N ALA A 147 -6.89 11.04 7.28
CA ALA A 147 -7.84 9.98 7.08
C ALA A 147 -8.24 9.37 8.41
N THR A 148 -7.30 9.35 9.35
CA THR A 148 -7.61 8.88 10.67
C THR A 148 -8.65 9.83 11.29
N ALA A 149 -8.41 11.14 11.18
CA ALA A 149 -9.35 12.13 11.73
C ALA A 149 -10.75 11.93 11.13
N VAL A 150 -10.82 11.55 9.88
CA VAL A 150 -12.10 11.35 9.21
C VAL A 150 -12.82 10.20 9.91
N GLY A 151 -12.13 9.10 10.18
CA GLY A 151 -12.68 8.06 11.04
C GLY A 151 -13.14 8.50 12.44
N ALA A 153 -14.26 11.41 13.14
CA ALA A 153 -15.46 12.24 12.96
C ALA A 153 -16.70 11.37 12.65
N ALA A 155 -17.00 8.30 13.88
CA ALA A 155 -17.38 7.71 15.14
C ALA A 155 -18.25 8.72 15.93
N GLU A 156 -17.85 9.98 15.91
CA GLU A 156 -18.50 10.96 16.77
C GLU A 156 -19.97 11.11 16.33
N ARG A 157 -20.23 11.26 15.03
CA ARG A 157 -21.65 11.38 14.63
C ARG A 157 -22.39 10.07 14.83
N HIS A 158 -21.71 8.94 14.70
CA HIS A 158 -22.42 7.69 14.87
C HIS A 158 -22.87 7.50 16.32
N LEU A 159 -21.96 7.80 17.25
CA LEU A 159 -22.24 7.71 18.66
C LEU A 159 -23.32 8.71 19.10
N ALA A 160 -23.24 9.93 18.58
CA ALA A 160 -24.22 10.94 18.91
C ALA A 160 -25.62 10.46 18.49
N ALA A 161 -25.73 9.93 17.28
CA ALA A 161 -27.03 9.46 16.80
C ALA A 161 -27.59 8.32 17.66
N LYS A 162 -26.72 7.36 17.96
CA LYS A 162 -27.09 6.23 18.80
C LYS A 162 -27.51 6.69 20.21
N TYR A 163 -26.68 7.51 20.84
CA TYR A 163 -26.85 7.77 22.27
C TYR A 163 -27.50 9.10 22.68
N ASN A 164 -27.39 10.16 21.88
CA ASN A 164 -27.98 11.46 22.28
C ASN A 164 -29.51 11.46 22.34
N ARG A 165 -30.06 12.03 23.40
CA ARG A 165 -31.50 12.18 23.54
C ARG A 165 -31.88 13.62 23.88
N ASP A 166 -33.16 13.84 24.13
CA ASP A 166 -33.66 15.18 24.44
C ASP A 166 -32.85 15.82 25.56
N ALA A 167 -32.28 16.98 25.28
CA ALA A 167 -31.49 17.71 26.25
C ALA A 167 -30.05 17.20 26.31
N TYR A 168 -29.91 15.87 26.32
CA TYR A 168 -28.62 15.25 26.59
C TYR A 168 -27.81 15.10 25.30
N ASN A 169 -27.04 16.14 24.96
CA ASN A 169 -26.13 16.07 23.85
C ASN A 169 -24.81 15.43 24.35
N ILE A 170 -24.88 14.13 24.66
CA ILE A 170 -23.81 13.46 25.40
C ILE A 170 -22.55 13.34 24.56
N VAL A 171 -22.74 12.94 23.31
CA VAL A 171 -21.65 12.93 22.36
C VAL A 171 -21.86 14.14 21.50
N ASP A 172 -20.93 15.08 21.58
CA ASP A 172 -21.01 16.35 20.90
C ASP A 172 -19.64 17.02 20.92
N HIS A 173 -18.85 16.81 19.89
CA HIS A 173 -17.55 17.46 19.87
C HIS A 173 -17.06 17.57 18.45
N TYR A 174 -15.97 18.28 18.28
CA TYR A 174 -15.39 18.51 16.99
C TYR A 174 -14.18 17.62 16.79
N THR A 175 -13.71 17.54 15.56
CA THR A 175 -12.53 16.80 15.21
C THR A 175 -11.61 17.71 14.42
N TYR A 176 -10.39 17.88 14.89
CA TYR A 176 -9.48 18.83 14.27
C TYR A 176 -8.21 18.17 13.79
N ALA A 177 -7.58 18.74 12.77
CA ALA A 177 -6.26 18.24 12.37
C ALA A 177 -5.44 19.35 11.76
N ILE A 178 -4.13 19.24 11.85
CA ILE A 178 -3.27 20.17 11.13
C ILE A 178 -2.42 19.33 10.21
N CYS A 179 -2.31 19.76 8.94
CA CYS A 179 -1.58 19.04 7.91
C CYS A 179 -0.67 19.98 7.13
N GLY A 180 0.19 19.40 6.32
CA GLY A 180 1.07 20.16 5.46
C GLY A 180 0.79 19.83 4.00
N ASP A 181 1.70 20.29 3.14
CA ASP A 181 1.60 20.04 1.72
C ASP A 181 1.68 18.54 1.41
N GLY A 182 2.72 17.87 1.91
CA GLY A 182 2.85 16.45 1.74
C GLY A 182 1.52 15.74 1.91
N ASP A 183 0.87 15.99 3.04
CA ASP A 183 -0.36 15.28 3.40
C ASP A 183 -1.34 15.31 2.27
N LEU A 184 -1.45 16.48 1.66
CA LEU A 184 -2.47 16.72 0.68
C LEU A 184 -2.08 16.20 -0.73
N GLU A 186 -0.80 13.00 -0.84
CA GLU A 186 -0.96 11.54 -0.66
C GLU A 186 -2.33 11.07 -1.07
N GLY A 187 -2.44 9.99 -1.86
CA GLY A 187 -3.77 9.51 -2.23
C GLY A 187 -4.77 9.23 -1.08
N VAL A 188 -4.24 8.71 0.03
CA VAL A 188 -5.10 8.38 1.15
C VAL A 188 -5.85 9.61 1.68
N SER A 189 -5.23 10.78 1.70
CA SER A 189 -5.98 11.95 2.13
C SER A 189 -7.05 12.37 1.08
N ALA A 190 -6.71 12.22 -0.20
CA ALA A 190 -7.66 12.44 -1.28
C ALA A 190 -8.90 11.53 -1.12
N GLU A 191 -8.69 10.24 -0.91
CA GLU A 191 -9.81 9.30 -0.70
C GLU A 191 -10.65 9.67 0.53
N ALA A 192 -9.98 9.95 1.64
CA ALA A 192 -10.69 10.28 2.90
C ALA A 192 -11.47 11.60 2.80
N SER A 193 -10.94 12.56 2.06
CA SER A 193 -11.65 13.83 1.86
C SER A 193 -12.92 13.66 0.99
N SER A 194 -12.80 12.87 -0.10
CA SER A 194 -13.95 12.52 -0.91
C SER A 194 -15.02 11.89 0.00
N LEU A 195 -14.62 10.90 0.78
CA LEU A 195 -15.55 10.25 1.71
C LEU A 195 -16.20 11.20 2.75
N ALA A 196 -15.38 12.05 3.36
CA ALA A 196 -15.84 12.90 4.44
C ALA A 196 -16.89 13.85 3.89
N ALA A 197 -16.66 14.39 2.69
CA ALA A 197 -17.65 15.20 2.00
C ALA A 197 -18.95 14.43 1.77
N HIS A 198 -18.86 13.18 1.30
CA HIS A 198 -20.07 12.39 1.03
C HIS A 198 -20.93 12.11 2.28
N LEU A 199 -20.27 11.97 3.42
CA LEU A 199 -20.95 11.77 4.68
C LEU A 199 -21.27 13.12 5.34
N GLN A 200 -20.82 14.20 4.70
CA GLN A 200 -21.06 15.56 5.18
C GLN A 200 -20.69 15.69 6.65
N LEU A 201 -19.42 15.41 6.96
CA LEU A 201 -18.95 15.38 8.33
C LEU A 201 -18.65 16.83 8.78
N GLY A 202 -19.69 17.61 9.08
CA GLY A 202 -19.48 19.02 9.35
C GLY A 202 -18.59 19.43 10.55
N ARG A 203 -18.20 18.46 11.38
CA ARG A 203 -17.45 18.80 12.57
C ARG A 203 -15.99 18.48 12.38
N LEU A 204 -15.66 17.95 11.21
CA LEU A 204 -14.25 17.78 10.89
C LEU A 204 -13.81 19.13 10.43
N VAL A 205 -12.74 19.64 11.03
CA VAL A 205 -12.11 20.87 10.61
C VAL A 205 -10.60 20.71 10.45
N VAL A 206 -10.09 20.91 9.23
CA VAL A 206 -8.68 20.71 9.00
C VAL A 206 -7.94 21.98 8.68
N LEU A 207 -6.92 22.29 9.51
CA LEU A 207 -6.05 23.43 9.28
C LEU A 207 -4.86 22.98 8.48
N TYR A 208 -4.67 23.62 7.33
CA TYR A 208 -3.63 23.29 6.36
C TYR A 208 -2.51 24.33 6.43
N ASP A 209 -1.34 23.92 6.90
CA ASP A 209 -0.17 24.77 6.87
C ASP A 209 0.35 24.84 5.44
N SER A 210 -0.05 25.87 4.72
CA SER A 210 0.28 26.02 3.31
C SER A 210 1.46 26.96 3.09
N ASN A 211 2.66 26.41 2.94
CA ASN A 211 3.89 27.23 2.93
C ASN A 211 4.81 27.04 1.71
N ASP A 212 4.29 26.48 0.61
CA ASP A 212 5.05 26.41 -0.64
C ASP A 212 6.35 25.61 -0.52
N ILE A 213 6.53 24.91 0.58
CA ILE A 213 7.73 24.09 0.74
C ILE A 213 7.36 22.62 1.03
N SER A 214 8.11 21.67 0.47
CA SER A 214 7.88 20.29 0.81
C SER A 214 9.10 19.68 1.50
N LEU A 215 9.09 18.36 1.64
CA LEU A 215 10.18 17.70 2.35
C LEU A 215 11.56 18.03 1.76
N ASP A 216 11.56 18.43 0.49
CA ASP A 216 12.74 18.34 -0.37
C ASP A 216 13.10 19.61 -1.18
N GLY A 217 12.26 20.64 -1.14
CA GLY A 217 12.44 21.78 -2.01
C GLY A 217 11.16 22.56 -2.16
N ASP A 218 11.10 23.49 -3.12
CA ASP A 218 9.91 24.28 -3.34
C ASP A 218 8.79 23.34 -3.75
N LEU A 219 7.63 23.51 -3.14
CA LEU A 219 6.45 22.81 -3.60
C LEU A 219 6.37 22.71 -5.12
N ASN A 220 6.63 23.83 -5.80
N ASN A 220 6.54 23.82 -5.83
CA ASN A 220 6.42 23.97 -7.23
CA ASN A 220 6.25 23.80 -7.26
C ASN A 220 7.27 23.06 -8.11
C ASN A 220 7.25 23.04 -8.13
N ARG A 221 8.02 22.17 -7.47
CA ARG A 221 8.81 21.17 -8.17
C ARG A 221 8.00 19.90 -8.40
N SER A 222 6.85 19.79 -7.73
CA SER A 222 6.03 18.59 -7.80
C SER A 222 4.54 18.93 -7.86
N PHE A 223 4.22 20.20 -7.64
CA PHE A 223 2.89 20.59 -7.18
C PHE A 223 2.48 21.94 -7.74
N SER A 224 1.36 21.97 -8.47
CA SER A 224 0.83 23.20 -9.02
C SER A 224 -0.70 23.19 -9.05
N GLU A 225 -1.28 22.19 -8.38
CA GLU A 225 -2.73 22.04 -8.32
C GLU A 225 -3.37 23.08 -7.42
N SER A 226 -4.68 23.29 -7.58
CA SER A 226 -5.43 24.15 -6.69
C SER A 226 -6.13 23.34 -5.61
N VAL A 227 -5.58 23.37 -4.39
CA VAL A 227 -6.10 22.58 -3.29
C VAL A 227 -7.54 23.01 -2.98
N GLU A 228 -7.75 24.33 -2.99
CA GLU A 228 -9.04 24.89 -2.62
C GLU A 228 -10.09 24.37 -3.56
N ASP A 229 -9.79 24.42 -4.84
CA ASP A 229 -10.75 23.98 -5.83
C ASP A 229 -11.02 22.47 -5.81
N ARG A 230 -9.98 21.67 -5.57
CA ARG A 230 -10.20 20.24 -5.34
C ARG A 230 -11.15 19.98 -4.16
N TYR A 231 -10.91 20.64 -3.04
CA TYR A 231 -11.77 20.44 -1.87
C TYR A 231 -13.21 20.94 -2.04
N LYS A 232 -13.38 22.05 -2.74
CA LYS A 232 -14.74 22.48 -3.08
C LYS A 232 -15.41 21.44 -3.98
N ALA A 233 -14.63 20.90 -4.92
CA ALA A 233 -15.11 19.83 -5.80
C ALA A 233 -15.59 18.60 -5.01
N TYR A 234 -14.80 18.16 -4.01
CA TYR A 234 -15.25 17.08 -3.11
C TYR A 234 -16.60 17.46 -2.47
N GLY A 235 -16.73 18.73 -2.08
CA GLY A 235 -17.89 19.19 -1.34
C GLY A 235 -17.55 19.72 0.05
N TRP A 236 -16.32 20.20 0.25
CA TRP A 236 -15.93 20.78 1.53
C TRP A 236 -16.12 22.29 1.45
N GLN A 237 -16.11 22.91 2.63
CA GLN A 237 -16.05 24.35 2.72
C GLN A 237 -14.56 24.64 2.80
N VAL A 238 -14.07 25.60 2.03
CA VAL A 238 -12.68 26.00 2.11
C VAL A 238 -12.62 27.47 2.49
N ILE A 239 -11.70 27.84 3.39
CA ILE A 239 -11.52 29.20 3.87
C ILE A 239 -10.03 29.54 3.89
N ARG A 240 -9.64 30.67 3.29
CA ARG A 240 -8.22 31.01 3.13
C ARG A 240 -7.76 32.05 4.12
N VAL A 241 -6.55 31.89 4.65
CA VAL A 241 -6.00 32.87 5.57
C VAL A 241 -4.70 33.36 4.96
N GLU A 242 -4.67 34.64 4.57
CA GLU A 242 -3.55 35.18 3.81
C GLU A 242 -2.25 35.24 4.59
N ASP A 243 -2.39 35.43 5.88
CA ASP A 243 -1.23 35.70 6.71
C ASP A 243 -1.30 34.83 7.95
N GLY A 244 -0.64 33.68 7.89
CA GLY A 244 -0.67 32.72 8.98
C GLY A 244 -0.34 33.28 10.34
N ASN A 245 0.30 34.44 10.38
CA ASN A 245 0.65 35.08 11.64
C ASN A 245 -0.48 35.92 12.21
N ASP A 246 -1.57 36.02 11.46
CA ASP A 246 -2.76 36.76 11.90
C ASP A 246 -3.75 35.85 12.63
N ILE A 247 -3.70 35.92 13.97
CA ILE A 247 -4.53 35.12 14.88
C ILE A 247 -6.01 35.44 14.79
N GLU A 248 -6.32 36.71 14.54
CA GLU A 248 -7.70 37.15 14.47
C GLU A 248 -8.36 36.55 13.22
N ALA A 249 -7.62 36.48 12.12
CA ALA A 249 -8.14 35.85 10.89
C ALA A 249 -8.31 34.35 11.08
N ILE A 250 -7.31 33.69 11.66
CA ILE A 250 -7.44 32.25 11.79
C ILE A 250 -8.67 32.04 12.66
N ALA A 251 -8.78 32.84 13.73
CA ALA A 251 -9.91 32.71 14.65
C ALA A 251 -11.25 32.86 13.91
N LYS A 252 -11.29 33.77 12.95
CA LYS A 252 -12.50 33.99 12.13
C LYS A 252 -12.80 32.79 11.29
N ALA A 253 -11.78 32.25 10.64
CA ALA A 253 -12.00 31.07 9.80
C ALA A 253 -12.59 29.91 10.60
N ILE A 254 -12.12 29.72 11.82
CA ILE A 254 -12.57 28.57 12.62
C ILE A 254 -14.00 28.78 13.08
N GLU A 255 -14.32 30.00 13.51
CA GLU A 255 -15.70 30.40 13.76
C GLU A 255 -16.58 30.05 12.58
N GLU A 256 -16.17 30.44 11.38
CA GLU A 256 -16.90 30.13 10.15
C GLU A 256 -16.97 28.63 9.93
N ALA A 257 -15.85 27.93 10.16
CA ALA A 257 -15.79 26.47 9.92
C ALA A 257 -16.84 25.77 10.76
N LYS A 258 -16.93 26.20 12.02
CA LYS A 258 -17.79 25.60 13.02
C LYS A 258 -19.29 25.94 12.83
N ALA A 259 -19.59 27.04 12.18
CA ALA A 259 -20.99 27.42 11.93
C ALA A 259 -21.56 26.63 10.73
N ASP A 260 -20.69 26.13 9.87
CA ASP A 260 -21.18 25.37 8.74
C ASP A 260 -21.16 23.88 9.09
N GLU A 261 -22.22 23.41 9.75
CA GLU A 261 -22.33 22.02 10.16
C GLU A 261 -22.58 21.08 8.97
N LYS A 262 -22.68 21.64 7.76
CA LYS A 262 -23.03 20.85 6.56
C LYS A 262 -21.82 20.15 5.95
N ARG A 263 -20.74 20.89 5.76
CA ARG A 263 -19.57 20.41 5.07
C ARG A 263 -18.42 20.26 6.04
N PRO A 264 -17.52 19.31 5.75
CA PRO A 264 -16.25 19.34 6.46
C PRO A 264 -15.55 20.60 5.99
N THR A 265 -14.75 21.22 6.83
CA THR A 265 -14.08 22.45 6.44
C THR A 265 -12.56 22.34 6.38
N LEU A 266 -11.98 22.84 5.30
CA LEU A 266 -10.53 23.03 5.17
C LEU A 266 -10.19 24.50 5.26
N ILE A 267 -9.16 24.82 6.03
CA ILE A 267 -8.67 26.18 6.16
C ILE A 267 -7.25 26.26 5.68
N GLU A 268 -7.03 26.88 4.53
CA GLU A 268 -5.68 26.98 4.00
C GLU A 268 -5.03 28.14 4.69
N VAL A 269 -3.99 27.89 5.47
CA VAL A 269 -3.36 28.98 6.21
C VAL A 269 -1.99 29.27 5.61
N ARG A 270 -1.87 30.45 5.01
CA ARG A 270 -0.65 30.75 4.26
C ARG A 270 0.47 31.17 5.20
N THR A 271 1.46 30.32 5.37
CA THR A 271 2.53 30.63 6.31
C THR A 271 3.88 30.58 5.63
N THR A 272 4.90 30.96 6.37
CA THR A 272 6.26 30.98 5.87
C THR A 272 7.17 30.08 6.76
N ILE A 273 7.60 28.96 6.19
CA ILE A 273 8.39 27.95 6.90
C ILE A 273 9.54 28.60 7.64
N GLY A 274 9.87 28.08 8.81
CA GLY A 274 10.93 28.64 9.63
C GLY A 274 10.85 30.16 9.81
N PHE A 275 9.64 30.70 9.89
CA PHE A 275 9.48 32.12 10.17
C PHE A 275 10.44 32.56 11.30
N GLY A 276 11.24 33.60 11.05
CA GLY A 276 12.15 34.12 12.07
C GLY A 276 13.62 33.80 11.87
N SER A 277 13.91 32.77 11.11
CA SER A 277 15.29 32.47 10.74
C SER A 277 15.67 33.31 9.53
N PRO A 278 16.54 34.31 9.73
CA PRO A 278 16.88 35.19 8.63
C PRO A 278 17.44 34.42 7.43
N ASN A 279 18.40 33.54 7.69
CA ASN A 279 19.08 32.85 6.60
C ASN A 279 18.14 31.78 6.00
N LYS A 280 17.62 30.90 6.85
CA LYS A 280 16.91 29.74 6.32
C LYS A 280 15.40 29.72 6.48
N SER A 281 14.78 30.86 6.79
CA SER A 281 13.32 30.92 6.81
C SER A 281 12.69 30.45 5.50
N GLY A 282 12.82 31.21 4.43
CA GLY A 282 12.08 30.83 3.22
C GLY A 282 12.27 29.42 2.62
N LYS A 283 13.05 28.57 3.27
CA LYS A 283 13.66 27.41 2.62
C LYS A 283 13.38 26.03 3.25
N SER A 284 13.52 24.98 2.45
CA SER A 284 13.36 23.60 2.94
C SER A 284 14.54 23.23 3.85
N ALA A 285 15.57 24.06 3.85
CA ALA A 285 16.73 23.83 4.69
C ALA A 285 16.29 23.85 6.15
N SER A 286 15.16 24.53 6.39
CA SER A 286 14.66 24.74 7.75
C SER A 286 13.70 23.63 8.16
N HIS A 287 13.43 22.69 7.24
CA HIS A 287 12.39 21.68 7.48
C HIS A 287 12.80 20.54 8.41
N GLY A 288 14.01 20.00 8.23
CA GLY A 288 14.31 18.69 8.81
C GLY A 288 15.58 18.51 9.62
N SER A 289 16.22 19.61 10.04
CA SER A 289 17.42 19.52 10.87
C SER A 289 17.53 20.75 11.76
N PRO A 290 18.20 20.61 12.92
CA PRO A 290 18.25 21.72 13.88
C PRO A 290 18.84 22.92 13.18
N LEU A 291 18.23 24.09 13.34
CA LEU A 291 18.79 25.31 12.73
C LEU A 291 20.21 25.69 13.19
N GLY A 292 20.62 25.17 14.34
CA GLY A 292 22.01 25.29 14.77
C GLY A 292 22.27 26.48 15.68
N VAL A 293 23.34 26.40 16.47
CA VAL A 293 23.56 27.33 17.56
C VAL A 293 23.63 28.81 17.15
N GLU A 294 24.39 29.11 16.11
CA GLU A 294 24.51 30.50 15.70
C GLU A 294 23.18 30.98 15.12
N GLU A 295 22.52 30.13 14.35
CA GLU A 295 21.26 30.54 13.72
C GLU A 295 20.07 30.61 14.70
N THR A 296 20.14 29.79 15.74
CA THR A 296 19.18 29.85 16.84
C THR A 296 19.24 31.22 17.54
N LYS A 297 20.46 31.64 17.92
CA LYS A 297 20.70 32.95 18.55
C LYS A 297 20.10 34.06 17.70
N LEU A 298 20.35 33.99 16.40
CA LEU A 298 19.89 35.01 15.46
C LEU A 298 18.39 35.00 15.39
N THR A 299 17.80 33.81 15.44
CA THR A 299 16.35 33.66 15.32
C THR A 299 15.66 34.27 16.56
N LYS A 300 16.16 33.90 17.73
CA LYS A 300 15.69 34.44 19.00
C LYS A 300 15.77 35.99 19.00
N GLU A 301 16.89 36.56 18.58
CA GLU A 301 16.92 37.98 18.25
C GLU A 301 15.66 38.39 17.49
N ALA A 302 15.47 37.83 16.29
CA ALA A 302 14.35 38.18 15.42
C ALA A 302 12.99 38.12 16.13
N TYR A 303 12.89 37.34 17.21
CA TYR A 303 11.64 37.26 17.99
C TYR A 303 11.56 38.25 19.17
N ALA A 304 12.63 39.01 19.39
CA ALA A 304 12.68 39.92 20.55
C ALA A 304 12.65 39.01 21.76
N TRP A 305 13.22 37.81 21.57
CA TRP A 305 13.36 36.84 22.63
C TRP A 305 14.62 37.14 23.46
N THR A 306 14.43 37.76 24.62
CA THR A 306 15.57 38.16 25.43
C THR A 306 15.95 37.07 26.43
N ALA A 307 14.99 36.25 26.84
CA ALA A 307 15.27 35.18 27.80
C ALA A 307 16.61 34.58 27.42
N GLU A 308 17.52 34.49 28.37
CA GLU A 308 18.89 34.10 28.02
C GLU A 308 19.27 32.68 28.44
N GLN A 309 18.32 31.97 29.04
CA GLN A 309 18.48 30.54 29.26
C GLN A 309 17.63 29.81 28.22
N ASP A 310 18.03 28.60 27.86
CA ASP A 310 17.24 27.79 26.92
C ASP A 310 16.04 27.20 27.63
N PHE A 311 14.97 26.95 26.87
CA PHE A 311 13.84 26.23 27.41
C PHE A 311 13.12 27.14 28.38
N HIS A 312 13.23 28.44 28.13
CA HIS A 312 12.60 29.38 29.01
C HIS A 312 11.11 29.61 28.74
N VAL A 313 10.30 29.54 29.79
CA VAL A 313 8.90 29.92 29.70
C VAL A 313 8.55 30.88 30.84
N ALA A 314 8.04 32.05 30.48
CA ALA A 314 7.55 33.04 31.45
C ALA A 314 6.29 32.55 32.16
N GLU A 315 6.16 32.98 33.40
CA GLU A 315 5.01 32.71 34.23
C GLU A 315 3.71 33.21 33.60
N GLU A 316 3.77 34.41 33.01
CA GLU A 316 2.64 34.96 32.27
C GLU A 316 2.15 33.98 31.18
N VAL A 317 3.07 33.30 30.48
CA VAL A 317 2.67 32.34 29.43
C VAL A 317 1.93 31.12 30.03
N TYR A 318 2.54 30.47 31.03
CA TYR A 318 1.79 29.39 31.68
C TYR A 318 0.39 29.87 32.07
N GLU A 319 0.31 31.04 32.71
CA GLU A 319 -0.97 31.58 33.17
C GLU A 319 -2.02 31.74 32.06
N ASN A 320 -1.55 32.23 30.92
CA ASN A 320 -2.39 32.38 29.74
C ASN A 320 -3.04 31.03 29.34
N PHE A 321 -2.25 29.94 29.40
CA PHE A 321 -2.77 28.63 28.95
C PHE A 321 -3.71 28.05 30.02
N ARG A 322 -3.34 28.30 31.28
CA ARG A 322 -4.15 27.88 32.42
C ARG A 322 -5.55 28.54 32.30
N LYS A 323 -5.57 29.82 31.91
CA LYS A 323 -6.82 30.54 31.75
C LYS A 323 -7.56 29.99 30.53
N THR A 324 -6.90 29.98 29.38
CA THR A 324 -7.62 29.68 28.14
C THR A 324 -7.84 28.20 27.88
N VAL A 325 -6.98 27.36 28.41
CA VAL A 325 -7.15 25.92 28.19
C VAL A 325 -7.63 25.17 29.44
N GLN A 326 -6.84 25.24 30.50
CA GLN A 326 -7.09 24.44 31.71
C GLN A 326 -8.41 24.80 32.41
N ASP A 327 -8.65 26.08 32.69
CA ASP A 327 -9.91 26.48 33.36
C ASP A 327 -11.13 26.18 32.50
N VAL A 328 -11.01 26.47 31.21
CA VAL A 328 -12.13 26.24 30.32
C VAL A 328 -12.44 24.75 30.19
N GLY A 329 -11.42 23.90 30.13
CA GLY A 329 -11.65 22.48 29.95
C GLY A 329 -12.19 21.83 31.19
N GLU A 330 -11.58 22.16 32.32
CA GLU A 330 -12.11 21.83 33.64
C GLU A 330 -13.64 22.06 33.75
N THR A 331 -14.07 23.28 33.51
CA THR A 331 -15.49 23.64 33.64
C THR A 331 -16.34 22.84 32.65
N ALA A 332 -15.92 22.85 31.37
CA ALA A 332 -16.58 22.07 30.33
C ALA A 332 -16.75 20.64 30.81
N GLN A 333 -15.70 20.06 31.35
CA GLN A 333 -15.81 18.67 31.72
C GLN A 333 -16.79 18.42 32.88
N ALA A 334 -16.81 19.34 33.86
CA ALA A 334 -17.63 19.21 35.05
C ALA A 334 -19.11 19.21 34.69
N GLU A 335 -19.47 20.10 33.78
CA GLU A 335 -20.83 20.17 33.29
C GLU A 335 -21.19 18.95 32.51
N TRP A 336 -20.20 18.38 31.81
CA TRP A 336 -20.51 17.27 30.96
C TRP A 336 -20.85 16.13 31.91
N ASN A 337 -20.01 15.95 32.93
CA ASN A 337 -20.24 14.91 33.93
C ASN A 337 -21.60 15.07 34.62
N THR A 338 -22.03 16.30 34.86
CA THR A 338 -23.33 16.48 35.52
C THR A 338 -24.43 16.08 34.58
N LEU A 340 -24.24 13.93 32.37
CA LEU A 340 -24.13 12.48 32.26
C LEU A 340 -24.91 11.76 33.38
N GLY A 341 -24.70 12.20 34.61
CA GLY A 341 -25.44 11.67 35.74
C GLY A 341 -26.94 11.79 35.57
N GLU A 342 -27.41 12.89 35.01
CA GLU A 342 -28.83 13.07 34.79
C GLU A 342 -29.31 12.16 33.66
N TYR A 343 -28.39 11.96 32.69
CA TYR A 343 -28.66 11.18 31.51
C TYR A 343 -28.92 9.78 32.01
N ALA A 344 -28.06 9.33 32.91
CA ALA A 344 -28.19 8.01 33.50
C ALA A 344 -29.57 7.74 34.13
N GLN A 345 -30.05 8.55 35.07
CA GLN A 345 -31.41 8.33 35.63
C GLN A 345 -32.49 8.32 34.61
N ALA A 346 -32.44 9.28 33.71
CA ALA A 346 -33.47 9.40 32.69
C ALA A 346 -33.42 8.25 31.67
N TYR A 347 -32.24 7.65 31.49
CA TYR A 347 -32.13 6.59 30.49
C TYR A 347 -31.13 5.55 30.98
N PRO A 348 -31.49 4.79 31.99
CA PRO A 348 -30.51 4.03 32.78
C PRO A 348 -29.83 2.91 32.00
N GLU A 349 -30.62 2.20 31.20
CA GLU A 349 -30.11 1.10 30.39
C GLU A 349 -29.29 1.63 29.21
N LEU A 350 -29.73 2.73 28.62
CA LEU A 350 -29.03 3.36 27.53
C LEU A 350 -27.68 3.86 28.02
N ALA A 351 -27.68 4.49 29.19
CA ALA A 351 -26.42 5.03 29.71
C ALA A 351 -25.50 3.92 30.16
N ASN A 352 -26.09 2.81 30.57
CA ASN A 352 -25.32 1.64 30.94
C ASN A 352 -24.63 1.04 29.73
N GLU A 353 -25.37 0.97 28.62
CA GLU A 353 -24.85 0.43 27.38
C GLU A 353 -23.65 1.25 26.94
N LEU A 354 -23.80 2.56 26.95
CA LEU A 354 -22.73 3.48 26.56
C LEU A 354 -21.47 3.32 27.42
N GLN A 355 -21.69 3.20 28.74
CA GLN A 355 -20.60 2.98 29.68
C GLN A 355 -19.77 1.77 29.27
N ALA A 356 -20.48 0.68 29.07
CA ALA A 356 -19.86 -0.57 28.70
C ALA A 356 -19.14 -0.44 27.36
N ALA A 357 -19.71 0.34 26.44
CA ALA A 357 -19.11 0.46 25.10
C ALA A 357 -17.84 1.30 25.21
N ASN A 359 -15.97 1.33 27.54
CA ASN A 359 -14.95 0.52 28.18
C ASN A 359 -14.59 -0.75 27.43
N GLY A 360 -15.11 -0.88 26.21
CA GLY A 360 -14.82 -2.01 25.36
C GLY A 360 -15.30 -3.37 25.86
N LEU A 361 -16.35 -3.35 26.69
CA LEU A 361 -16.88 -4.58 27.24
C LEU A 361 -17.93 -5.10 26.29
N LEU A 362 -17.83 -6.38 25.95
CA LEU A 362 -18.87 -7.05 25.18
C LEU A 362 -19.99 -7.51 26.11
N PRO A 363 -21.24 -7.44 25.65
CA PRO A 363 -22.29 -7.86 26.58
C PRO A 363 -22.18 -9.33 26.94
N GLU A 364 -22.47 -9.61 28.20
CA GLU A 364 -22.51 -10.95 28.76
C GLU A 364 -23.36 -11.88 27.89
N GLY A 365 -22.81 -13.05 27.56
CA GLY A 365 -23.52 -14.05 26.76
C GLY A 365 -23.72 -13.75 25.28
N TRP A 366 -23.12 -12.67 24.78
CA TRP A 366 -23.25 -12.29 23.37
C TRP A 366 -22.98 -13.42 22.38
N GLU A 367 -22.05 -14.31 22.73
CA GLU A 367 -21.67 -15.41 21.84
C GLU A 367 -22.74 -16.52 21.66
N GLN A 368 -23.82 -16.45 22.42
CA GLN A 368 -24.86 -17.46 22.33
C GLN A 368 -25.49 -17.42 20.96
N ASN A 369 -25.65 -16.21 20.47
CA ASN A 369 -26.12 -15.88 19.13
C ASN A 369 -25.44 -16.58 17.91
N LEU A 370 -24.19 -16.96 18.08
CA LEU A 370 -23.35 -17.33 16.93
C LEU A 370 -23.75 -18.65 16.26
N PRO A 371 -23.55 -18.75 14.95
CA PRO A 371 -23.79 -19.97 14.19
C PRO A 371 -22.95 -21.17 14.64
N THR A 372 -23.54 -22.34 14.47
CA THR A 372 -22.84 -23.60 14.56
C THR A 372 -23.02 -24.32 13.22
N TYR A 373 -21.97 -25.03 12.78
CA TYR A 373 -22.02 -25.77 11.54
C TYR A 373 -21.99 -27.23 11.93
N GLU A 374 -23.03 -27.98 11.55
CA GLU A 374 -23.14 -29.37 11.96
C GLU A 374 -22.31 -30.30 11.10
N LEU A 375 -21.91 -31.43 11.67
CA LEU A 375 -21.12 -32.38 10.91
C LEU A 375 -21.84 -32.71 9.63
N GLY A 376 -21.12 -32.58 8.52
CA GLY A 376 -21.67 -32.85 7.22
C GLY A 376 -21.94 -31.61 6.40
N SER A 377 -22.03 -30.45 7.05
CA SER A 377 -22.26 -29.21 6.30
C SER A 377 -21.05 -28.70 5.49
N LYS A 378 -21.32 -27.73 4.63
CA LYS A 378 -20.30 -27.11 3.80
C LYS A 378 -20.55 -25.61 3.91
N ALA A 379 -19.50 -24.82 4.03
CA ALA A 379 -19.65 -23.36 4.01
C ALA A 379 -18.38 -22.63 3.55
N ALA A 380 -18.52 -21.65 2.65
CA ALA A 380 -17.42 -20.74 2.35
C ALA A 380 -17.17 -19.87 3.57
N THR A 381 -15.92 -19.67 3.95
CA THR A 381 -15.71 -18.90 5.18
C THR A 381 -16.11 -17.44 4.97
N ARG A 382 -16.21 -16.94 3.75
CA ARG A 382 -16.78 -15.59 3.67
C ARG A 382 -18.27 -15.59 4.07
N ASN A 383 -18.97 -16.70 3.80
CA ASN A 383 -20.40 -16.77 4.14
C ASN A 383 -20.64 -16.99 5.64
N SER A 384 -19.90 -17.93 6.18
CA SER A 384 -19.73 -18.12 7.61
C SER A 384 -19.47 -16.78 8.29
N SER A 385 -18.63 -15.95 7.67
CA SER A 385 -18.27 -14.66 8.28
C SER A 385 -19.47 -13.69 8.26
N GLY A 386 -20.19 -13.67 7.14
CA GLY A 386 -21.43 -12.93 7.06
C GLY A 386 -22.47 -13.32 8.11
N ALA A 387 -22.64 -14.63 8.34
CA ALA A 387 -23.64 -15.08 9.32
C ALA A 387 -23.21 -14.60 10.69
N VAL A 388 -21.91 -14.70 10.97
CA VAL A 388 -21.37 -14.18 12.23
C VAL A 388 -21.58 -12.67 12.38
N ILE A 389 -21.22 -11.91 11.35
CA ILE A 389 -21.40 -10.48 11.36
C ILE A 389 -22.86 -10.12 11.68
N ASN A 390 -23.81 -10.87 11.11
CA ASN A 390 -25.21 -10.61 11.44
C ASN A 390 -25.61 -10.99 12.85
N ALA A 391 -25.05 -12.06 13.37
CA ALA A 391 -25.33 -12.45 14.73
C ALA A 391 -24.68 -11.41 15.67
N ILE A 392 -23.53 -10.87 15.29
CA ILE A 392 -22.91 -9.84 16.13
C ILE A 392 -23.74 -8.55 16.11
N ALA A 393 -24.21 -8.14 14.93
CA ALA A 393 -24.94 -6.87 14.85
C ALA A 393 -26.18 -6.92 15.78
N GLU A 394 -26.71 -8.12 15.98
CA GLU A 394 -27.88 -8.34 16.82
C GLU A 394 -27.57 -8.35 18.31
N SER A 395 -26.38 -8.79 18.68
CA SER A 395 -26.05 -9.01 20.10
C SER A 395 -25.04 -8.04 20.70
N VAL A 396 -24.40 -7.24 19.85
CA VAL A 396 -23.31 -6.37 20.28
C VAL A 396 -23.55 -4.98 19.75
N PRO A 397 -24.08 -4.06 20.60
CA PRO A 397 -24.58 -2.76 20.12
C PRO A 397 -23.50 -1.80 19.60
N SER A 398 -22.25 -2.00 20.00
CA SER A 398 -21.16 -1.13 19.54
C SER A 398 -20.56 -1.47 18.13
N PHE A 399 -21.10 -2.49 17.46
CA PHE A 399 -20.55 -2.96 16.18
C PHE A 399 -20.85 -1.91 15.10
N PHE A 400 -19.89 -1.66 14.22
CA PHE A 400 -19.97 -0.60 13.22
C PHE A 400 -18.92 -0.97 12.14
N GLY A 401 -19.33 -1.10 10.87
CA GLY A 401 -18.33 -1.45 9.88
C GLY A 401 -18.94 -1.59 8.51
N GLY A 402 -18.09 -1.88 7.52
CA GLY A 402 -18.58 -2.03 6.16
C GLY A 402 -17.51 -2.55 5.23
N SER A 403 -17.63 -2.21 3.96
CA SER A 403 -16.74 -2.77 2.96
C SER A 403 -16.32 -1.68 2.01
N ALA A 404 -15.17 -1.89 1.41
CA ALA A 404 -14.70 -1.02 0.36
C ALA A 404 -15.34 -1.36 -0.97
N ASP A 405 -16.67 -1.28 -1.05
CA ASP A 405 -17.40 -1.45 -2.33
C ASP A 405 -17.45 -2.90 -2.81
N LEU A 406 -17.39 -3.82 -1.87
CA LEU A 406 -17.37 -5.22 -2.20
C LEU A 406 -18.28 -5.91 -1.21
N ALA A 407 -19.26 -5.17 -0.70
CA ALA A 407 -20.10 -5.72 0.36
C ALA A 407 -20.75 -7.01 -0.06
N GLY A 408 -21.29 -7.05 -1.27
CA GLY A 408 -21.92 -8.26 -1.74
C GLY A 408 -20.94 -9.41 -1.91
N SER A 409 -19.70 -9.15 -2.32
CA SER A 409 -18.71 -10.23 -2.43
C SER A 409 -18.02 -10.59 -1.11
N ASN A 410 -17.74 -9.59 -0.27
CA ASN A 410 -17.12 -9.85 1.04
C ASN A 410 -18.10 -10.42 2.06
N LYS A 411 -19.41 -10.28 1.82
CA LYS A 411 -20.44 -10.69 2.83
C LYS A 411 -20.40 -9.96 4.19
N THR A 412 -20.16 -8.66 4.16
CA THR A 412 -19.92 -7.88 5.36
C THR A 412 -21.18 -7.13 5.74
N TYR A 413 -22.21 -7.26 4.91
CA TYR A 413 -23.39 -6.40 5.10
C TYR A 413 -24.26 -6.84 6.25
N ASN A 415 -27.65 -7.09 7.34
CA ASN A 415 -28.94 -7.06 6.66
C ASN A 415 -30.12 -6.43 7.42
N ASN A 416 -30.18 -6.51 8.75
CA ASN A 416 -31.23 -5.76 9.46
C ASN A 416 -30.72 -4.50 10.10
N GLU A 417 -29.65 -3.91 9.58
CA GLU A 417 -29.22 -2.61 10.09
C GLU A 417 -29.31 -1.55 8.99
N LYS A 418 -29.36 -0.29 9.38
CA LYS A 418 -29.48 0.74 8.36
C LYS A 418 -28.09 1.10 7.82
N ASP A 419 -28.05 1.91 6.77
CA ASP A 419 -26.83 2.50 6.26
C ASP A 419 -26.39 3.74 7.02
N PHE A 420 -25.07 3.86 7.17
CA PHE A 420 -24.49 5.05 7.76
C PHE A 420 -24.47 6.15 6.72
N THR A 421 -25.31 7.16 6.88
CA THR A 421 -25.32 8.21 5.89
C THR A 421 -25.48 9.64 6.43
N ARG A 422 -25.31 10.61 5.55
CA ARG A 422 -25.46 12.01 5.88
C ARG A 422 -26.86 12.28 6.43
N ASP A 423 -27.77 11.35 6.15
CA ASP A 423 -29.15 11.50 6.55
C ASP A 423 -29.50 10.69 7.78
N ASP A 424 -28.68 9.68 8.13
CA ASP A 424 -28.94 8.87 9.34
C ASP A 424 -27.64 8.35 9.95
N TYR A 425 -27.01 9.16 10.80
CA TYR A 425 -25.72 8.78 11.34
C TYR A 425 -25.82 7.58 12.27
N SER A 426 -27.03 7.08 12.52
CA SER A 426 -27.16 5.93 13.41
C SER A 426 -27.08 4.60 12.66
N GLY A 427 -27.03 4.66 11.32
CA GLY A 427 -26.98 3.46 10.50
C GLY A 427 -25.64 2.80 10.79
N LYS A 428 -25.57 1.49 10.75
CA LYS A 428 -24.33 0.79 11.13
C LYS A 428 -23.50 0.31 9.96
N ASN A 429 -24.10 0.22 8.77
CA ASN A 429 -23.40 -0.27 7.58
C ASN A 429 -22.68 0.86 6.89
N ILE A 430 -21.34 0.76 6.79
CA ILE A 430 -20.58 1.82 6.15
C ILE A 430 -20.28 1.42 4.68
N TRP A 431 -20.53 2.34 3.76
CA TRP A 431 -20.15 2.19 2.37
C TRP A 431 -18.91 3.02 2.12
N TYR A 432 -17.73 2.39 2.19
CA TYR A 432 -16.49 3.11 1.99
C TYR A 432 -16.17 3.49 0.55
N GLY A 433 -16.83 2.85 -0.42
CA GLY A 433 -16.45 3.02 -1.81
C GLY A 433 -15.09 2.36 -2.07
N VAL A 434 -14.54 2.54 -3.27
CA VAL A 434 -13.29 1.86 -3.66
C VAL A 434 -12.12 2.65 -3.07
N ARG A 435 -12.02 2.63 -1.75
CA ARG A 435 -11.11 3.47 -1.00
C ARG A 435 -10.44 2.63 0.13
N GLU A 436 -9.73 1.57 -0.25
CA GLU A 436 -9.20 0.64 0.71
C GLU A 436 -8.32 1.35 1.75
N PHE A 437 -7.38 2.16 1.29
CA PHE A 437 -6.43 2.77 2.20
C PHE A 437 -7.23 3.72 3.18
N ALA A 438 -8.10 4.59 2.64
CA ALA A 438 -8.83 5.52 3.48
C ALA A 438 -9.67 4.70 4.45
N GLY A 440 -8.91 1.72 5.76
CA GLY A 440 -8.06 1.24 6.83
C GLY A 440 -7.78 2.39 7.83
N ALA A 441 -7.48 3.58 7.32
CA ALA A 441 -7.13 4.69 8.19
C ALA A 441 -8.36 5.19 8.96
N ALA A 442 -9.53 5.21 8.32
CA ALA A 442 -10.72 5.59 9.08
C ALA A 442 -11.01 4.60 10.19
N ASN A 444 -8.91 3.02 11.95
CA ASN A 444 -8.07 3.40 13.06
C ASN A 444 -8.69 4.54 13.86
N GLY A 445 -9.26 5.53 13.15
CA GLY A 445 -9.84 6.69 13.79
C GLY A 445 -11.09 6.29 14.58
N ILE A 446 -11.89 5.38 14.02
CA ILE A 446 -13.08 4.87 14.73
C ILE A 446 -12.68 4.19 16.06
N ALA A 447 -11.62 3.38 16.03
CA ALA A 447 -11.19 2.67 17.21
C ALA A 447 -10.60 3.63 18.25
N LEU A 448 -9.85 4.62 17.77
CA LEU A 448 -9.19 5.58 18.65
C LEU A 448 -10.26 6.35 19.41
N HIS A 449 -11.34 6.68 18.74
CA HIS A 449 -12.40 7.48 19.37
C HIS A 449 -12.89 6.81 20.67
N GLY A 450 -13.11 5.50 20.61
CA GLY A 450 -13.66 4.71 21.70
C GLY A 450 -15.17 4.54 21.52
N GLY A 451 -15.71 3.43 22.00
CA GLY A 451 -17.14 3.28 22.10
C GLY A 451 -17.67 2.46 20.95
N LEU A 452 -16.79 2.10 20.01
CA LEU A 452 -17.19 1.26 18.86
C LEU A 452 -16.23 0.11 18.59
N LYS A 453 -16.78 -1.03 18.17
CA LYS A 453 -15.98 -2.15 17.65
C LYS A 453 -16.13 -2.12 16.12
N THR A 454 -15.05 -1.91 15.35
CA THR A 454 -15.20 -1.83 13.88
C THR A 454 -14.54 -2.95 13.09
N TYR A 455 -14.96 -3.03 11.84
CA TYR A 455 -14.39 -3.95 10.90
C TYR A 455 -14.51 -3.38 9.50
N GLY A 456 -13.63 -3.82 8.59
CA GLY A 456 -13.57 -3.32 7.24
C GLY A 456 -13.32 -4.52 6.30
N GLY A 457 -14.05 -4.63 5.18
CA GLY A 457 -13.89 -5.75 4.25
C GLY A 457 -13.34 -5.29 2.93
N THR A 458 -12.43 -6.09 2.38
CA THR A 458 -12.04 -5.99 0.97
C THR A 458 -11.47 -7.35 0.46
N PHE A 459 -11.16 -7.47 -0.82
CA PHE A 459 -10.56 -8.73 -1.29
C PHE A 459 -9.17 -8.81 -0.62
N PHE A 460 -8.79 -10.00 -0.15
CA PHE A 460 -7.47 -10.21 0.44
C PHE A 460 -6.36 -9.67 -0.44
N VAL A 461 -6.48 -9.86 -1.77
CA VAL A 461 -5.41 -9.40 -2.66
C VAL A 461 -5.22 -7.86 -2.53
N PHE A 462 -6.28 -7.13 -2.15
CA PHE A 462 -6.20 -5.66 -1.95
C PHE A 462 -5.84 -5.17 -0.56
N SER A 463 -5.54 -6.08 0.33
CA SER A 463 -4.95 -5.71 1.60
C SER A 463 -3.69 -4.88 1.40
N ASP A 464 -2.97 -5.12 0.30
CA ASP A 464 -1.78 -4.32 -0.03
C ASP A 464 -2.13 -2.82 -0.12
N TYR A 465 -3.34 -2.48 -0.60
CA TYR A 465 -3.74 -1.07 -0.75
C TYR A 465 -3.83 -0.31 0.57
N LEU A 466 -4.11 -1.01 1.67
CA LEU A 466 -4.21 -0.35 2.98
C LEU A 466 -3.12 -0.75 3.95
N ARG A 467 -2.10 -1.41 3.42
CA ARG A 467 -0.99 -1.88 4.25
C ARG A 467 -0.46 -0.87 5.27
N PRO A 468 -0.21 0.38 4.84
CA PRO A 468 0.39 1.34 5.79
C PRO A 468 -0.53 1.63 6.96
N ALA A 469 -1.85 1.51 6.77
CA ALA A 469 -2.82 1.74 7.84
C ALA A 469 -2.89 0.55 8.80
N ILE A 470 -2.84 -0.67 8.26
CA ILE A 470 -2.66 -1.86 9.08
C ILE A 470 -1.46 -1.69 10.03
N ARG A 471 -0.34 -1.22 9.45
CA ARG A 471 0.88 -1.09 10.23
C ARG A 471 0.65 -0.06 11.35
N LEU A 472 -0.08 1.02 11.08
CA LEU A 472 -0.34 1.98 12.16
C LEU A 472 -1.29 1.42 13.20
N ALA A 473 -2.21 0.55 12.79
CA ALA A 473 -3.16 -0.12 13.69
C ALA A 473 -2.34 -1.07 14.61
N ALA A 474 -1.34 -1.72 14.01
CA ALA A 474 -0.47 -2.58 14.79
C ALA A 474 0.34 -1.76 15.81
N LEU A 475 0.94 -0.67 15.35
CA LEU A 475 1.75 0.19 16.22
C LEU A 475 0.93 0.77 17.37
N GLN A 477 -1.80 -0.46 18.56
CA GLN A 477 -2.50 -1.47 19.35
C GLN A 477 -4.01 -1.35 19.25
N LEU A 478 -4.50 -1.08 18.04
CA LEU A 478 -5.95 -0.91 17.86
C LEU A 478 -6.68 -2.20 17.50
N PRO A 479 -7.73 -2.59 18.27
CA PRO A 479 -8.28 -3.91 17.93
C PRO A 479 -9.35 -3.82 16.82
N VAL A 480 -8.95 -3.35 15.64
CA VAL A 480 -9.84 -3.38 14.47
C VAL A 480 -9.80 -4.78 13.86
N THR A 481 -10.83 -5.13 13.08
CA THR A 481 -10.89 -6.43 12.41
C THR A 481 -10.99 -6.23 10.89
N TYR A 482 -10.09 -6.86 10.12
CA TYR A 482 -10.19 -6.88 8.65
C TYR A 482 -10.86 -8.16 8.15
N VAL A 483 -11.77 -7.99 7.23
CA VAL A 483 -12.50 -9.11 6.64
C VAL A 483 -11.93 -9.24 5.22
N PHE A 484 -10.92 -10.09 5.07
CA PHE A 484 -10.22 -10.27 3.80
C PHE A 484 -10.70 -11.56 3.13
N THR A 485 -11.55 -11.44 2.09
CA THR A 485 -12.12 -12.64 1.47
C THR A 485 -11.37 -12.95 0.18
N HIS A 486 -11.74 -14.05 -0.46
CA HIS A 486 -11.17 -14.39 -1.77
C HIS A 486 -9.68 -14.59 -1.62
N ASP A 487 -9.35 -15.55 -0.77
CA ASP A 487 -8.02 -15.56 -0.16
C ASP A 487 -6.98 -16.31 -0.99
N SER A 488 -7.36 -16.87 -2.13
CA SER A 488 -6.36 -17.73 -2.83
C SER A 488 -6.52 -17.84 -4.34
N ILE A 489 -5.68 -18.68 -4.96
CA ILE A 489 -5.91 -18.99 -6.37
C ILE A 489 -7.27 -19.60 -6.65
N ALA A 490 -7.95 -20.13 -5.64
CA ALA A 490 -9.30 -20.67 -5.81
C ALA A 490 -10.25 -19.59 -6.33
N VAL A 491 -9.87 -18.34 -6.19
CA VAL A 491 -10.65 -17.28 -6.80
C VAL A 491 -10.93 -17.55 -8.29
N GLY A 492 -9.97 -18.12 -9.00
CA GLY A 492 -10.26 -18.69 -10.32
C GLY A 492 -10.27 -17.69 -11.48
N GLU A 493 -11.45 -17.39 -12.06
CA GLU A 493 -11.40 -16.78 -13.39
C GLU A 493 -10.85 -15.36 -13.40
N ASP A 494 -10.99 -14.61 -12.30
CA ASP A 494 -10.45 -13.22 -12.27
C ASP A 494 -8.94 -13.08 -12.52
N GLY A 495 -8.20 -14.16 -12.31
CA GLY A 495 -6.78 -14.21 -12.68
C GLY A 495 -5.80 -13.70 -11.61
N PRO A 496 -4.50 -13.65 -11.98
CA PRO A 496 -3.41 -13.48 -11.03
C PRO A 496 -3.40 -12.13 -10.31
N THR A 497 -3.95 -11.08 -10.93
CA THR A 497 -4.00 -9.78 -10.26
C THR A 497 -5.01 -9.81 -9.11
N HIS A 498 -5.88 -10.85 -9.09
CA HIS A 498 -6.89 -11.01 -8.05
C HIS A 498 -6.71 -12.25 -7.17
N GLU A 499 -5.59 -12.96 -7.33
CA GLU A 499 -5.31 -14.12 -6.50
C GLU A 499 -4.16 -13.89 -5.51
N PRO A 500 -4.48 -13.96 -4.21
CA PRO A 500 -3.40 -13.70 -3.25
C PRO A 500 -2.36 -14.82 -3.35
N ILE A 501 -1.10 -14.51 -3.08
CA ILE A 501 -0.07 -15.52 -3.01
C ILE A 501 0.78 -15.17 -1.77
N GLU A 502 1.36 -14.00 -1.77
CA GLU A 502 2.27 -13.62 -0.69
C GLU A 502 1.62 -12.84 0.47
N GLN A 503 0.34 -12.49 0.32
CA GLN A 503 -0.36 -11.67 1.33
C GLN A 503 -0.37 -12.25 2.76
N LEU A 504 -0.47 -13.57 2.90
CA LEU A 504 -0.36 -14.20 4.23
C LEU A 504 0.98 -13.90 4.90
N ALA A 505 2.09 -14.15 4.17
CA ALA A 505 3.41 -13.96 4.72
C ALA A 505 3.66 -12.50 5.07
N ALA A 506 3.14 -11.59 4.23
CA ALA A 506 3.40 -10.17 4.42
C ALA A 506 2.77 -9.64 5.71
N LEU A 507 1.71 -10.30 6.17
CA LEU A 507 1.04 -9.88 7.41
C LEU A 507 1.61 -10.67 8.58
N ARG A 508 1.91 -11.96 8.36
CA ARG A 508 2.44 -12.78 9.40
C ARG A 508 3.77 -12.17 9.91
N ALA A 509 4.55 -11.52 9.04
CA ALA A 509 5.86 -10.95 9.40
C ALA A 509 5.73 -9.63 10.19
N PRO A 511 4.98 -7.11 13.08
CA PRO A 511 4.68 -7.10 14.52
C PRO A 511 3.21 -6.75 14.90
N ASN A 512 2.65 -7.45 15.88
CA ASN A 512 1.41 -7.08 16.52
C ASN A 512 0.18 -7.03 15.60
N VAL A 513 0.12 -7.94 14.65
CA VAL A 513 -1.14 -8.20 13.92
C VAL A 513 -1.46 -9.67 14.11
N SER A 514 -2.70 -10.01 14.38
CA SER A 514 -3.05 -11.42 14.38
C SER A 514 -3.67 -11.77 13.03
N VAL A 515 -3.25 -12.91 12.48
CA VAL A 515 -3.73 -13.35 11.18
C VAL A 515 -4.39 -14.69 11.42
N ILE A 516 -5.67 -14.82 11.11
CA ILE A 516 -6.38 -16.06 11.38
C ILE A 516 -7.04 -16.50 10.08
N ARG A 517 -6.74 -17.72 9.62
CA ARG A 517 -7.26 -18.20 8.35
C ARG A 517 -8.07 -19.49 8.64
N PRO A 518 -9.36 -19.33 8.95
CA PRO A 518 -10.06 -20.49 9.55
C PRO A 518 -10.30 -21.57 8.50
N ALA A 519 -10.31 -22.82 8.94
CA ALA A 519 -10.34 -23.98 8.05
C ALA A 519 -11.76 -24.42 7.68
N ASP A 520 -12.74 -23.97 8.48
CA ASP A 520 -14.14 -24.19 8.13
C ASP A 520 -15.05 -23.17 8.84
N GLY A 521 -16.36 -23.38 8.68
CA GLY A 521 -17.36 -22.54 9.33
C GLY A 521 -17.14 -22.35 10.82
N ASN A 522 -16.96 -23.45 11.54
CA ASN A 522 -16.80 -23.36 12.99
C ASN A 522 -15.49 -22.72 13.39
N GLU A 523 -14.38 -23.06 12.73
CA GLU A 523 -13.15 -22.33 13.04
C GLU A 523 -13.39 -20.84 12.80
N SER A 524 -14.29 -20.50 11.88
CA SER A 524 -14.33 -19.09 11.50
C SER A 524 -15.20 -18.31 12.46
N VAL A 525 -16.10 -19.04 13.13
CA VAL A 525 -16.85 -18.45 14.23
C VAL A 525 -15.90 -18.22 15.40
N ALA A 526 -15.02 -19.16 15.68
CA ALA A 526 -14.07 -18.94 16.76
C ALA A 526 -13.16 -17.74 16.41
N ALA A 527 -12.71 -17.68 15.14
CA ALA A 527 -11.85 -16.59 14.66
C ALA A 527 -12.49 -15.23 14.89
N TRP A 528 -13.78 -15.12 14.57
CA TRP A 528 -14.49 -13.89 14.80
C TRP A 528 -14.61 -13.58 16.32
N ARG A 529 -14.74 -14.59 17.16
CA ARG A 529 -14.81 -14.29 18.56
C ARG A 529 -13.48 -13.71 18.99
N LEU A 530 -12.39 -14.28 18.46
CA LEU A 530 -11.09 -13.81 18.87
C LEU A 530 -10.81 -12.41 18.35
N ALA A 531 -11.34 -12.07 17.19
CA ALA A 531 -11.14 -10.74 16.64
C ALA A 531 -11.91 -9.70 17.43
N LEU A 532 -13.18 -9.98 17.70
CA LEU A 532 -14.06 -9.10 18.48
C LEU A 532 -13.54 -8.93 19.91
N GLU A 533 -12.95 -9.97 20.48
CA GLU A 533 -12.45 -9.90 21.86
C GLU A 533 -11.12 -9.19 21.97
N SER A 534 -10.46 -8.91 20.85
CA SER A 534 -9.12 -8.33 20.94
C SER A 534 -9.14 -6.96 21.67
N THR A 535 -8.09 -6.61 22.39
CA THR A 535 -8.07 -5.28 23.01
C THR A 535 -6.86 -4.47 22.55
N ASN A 536 -5.80 -5.13 22.07
CA ASN A 536 -4.58 -4.38 21.78
C ASN A 536 -3.89 -4.81 20.47
N LYS A 537 -4.62 -5.48 19.61
CA LYS A 537 -4.04 -5.78 18.31
C LYS A 537 -5.09 -6.01 17.26
N PRO A 538 -4.82 -5.55 16.04
CA PRO A 538 -5.70 -5.79 14.90
C PRO A 538 -5.68 -7.24 14.46
N THR A 539 -6.81 -7.71 13.94
CA THR A 539 -6.98 -9.10 13.55
C THR A 539 -7.39 -9.13 12.08
N ALA A 540 -6.62 -9.82 11.26
CA ALA A 540 -6.99 -10.04 9.86
C ALA A 540 -7.57 -11.43 9.74
N LEU A 541 -8.84 -11.49 9.35
CA LEU A 541 -9.56 -12.72 9.06
C LEU A 541 -9.38 -13.01 7.57
N VAL A 542 -8.85 -14.16 7.27
CA VAL A 542 -8.58 -14.52 5.91
C VAL A 542 -9.57 -15.63 5.45
N LEU A 543 -10.46 -15.27 4.53
CA LEU A 543 -11.67 -16.04 4.25
C LEU A 543 -11.83 -16.49 2.78
N THR A 544 -12.53 -17.61 2.56
CA THR A 544 -12.58 -18.16 1.22
C THR A 544 -13.77 -17.70 0.42
N ARG A 545 -13.57 -17.73 -0.89
CA ARG A 545 -14.68 -17.61 -1.80
C ARG A 545 -15.46 -18.94 -1.83
N GLN A 546 -14.77 -20.07 -1.69
CA GLN A 546 -15.38 -21.34 -2.01
C GLN A 546 -15.76 -22.12 -0.79
N ASP A 547 -16.72 -23.02 -0.95
CA ASP A 547 -17.20 -23.78 0.17
C ASP A 547 -16.13 -24.72 0.80
N LEU A 548 -16.09 -24.78 2.13
CA LEU A 548 -15.23 -25.74 2.82
C LEU A 548 -16.08 -26.72 3.63
N PRO A 549 -15.69 -28.01 3.61
CA PRO A 549 -16.36 -29.10 4.33
C PRO A 549 -16.21 -28.92 5.85
N THR A 550 -17.32 -28.97 6.60
CA THR A 550 -17.19 -28.85 8.06
C THR A 550 -16.31 -29.99 8.58
N LEU A 551 -15.33 -29.67 9.40
CA LEU A 551 -14.40 -30.70 9.89
C LEU A 551 -14.86 -31.25 11.24
N GLU A 552 -14.70 -32.55 11.44
CA GLU A 552 -15.06 -33.20 12.70
C GLU A 552 -14.06 -32.85 13.78
N GLY A 553 -12.79 -32.86 13.40
CA GLY A 553 -11.71 -32.58 14.32
C GLY A 553 -11.76 -31.16 14.86
N ALA A 554 -12.62 -30.34 14.27
CA ALA A 554 -12.71 -28.92 14.59
C ALA A 554 -14.00 -28.57 15.38
N LYS A 555 -14.99 -29.46 15.32
CA LYS A 555 -16.33 -29.19 15.77
C LYS A 555 -16.47 -28.96 17.30
N ASP A 556 -15.73 -29.73 18.09
CA ASP A 556 -15.81 -29.62 19.54
C ASP A 556 -14.77 -28.68 20.08
N ASP A 557 -15.22 -27.81 20.96
CA ASP A 557 -14.33 -26.83 21.58
C ASP A 557 -13.52 -26.06 20.56
N THR A 558 -14.19 -25.62 19.50
CA THR A 558 -13.51 -24.88 18.45
C THR A 558 -12.81 -23.67 18.99
N TYR A 559 -13.50 -22.93 19.86
CA TYR A 559 -12.93 -21.71 20.39
C TYR A 559 -11.59 -21.95 21.11
N GLU A 560 -11.51 -22.97 21.97
CA GLU A 560 -10.27 -23.26 22.67
C GLU A 560 -9.21 -23.73 21.67
N LYS A 561 -9.63 -24.49 20.66
CA LYS A 561 -8.75 -24.95 19.57
C LYS A 561 -8.16 -23.80 18.82
N VAL A 562 -9.00 -22.97 18.23
CA VAL A 562 -8.50 -21.83 17.44
C VAL A 562 -7.69 -20.89 18.33
N ALA A 563 -8.06 -20.73 19.60
CA ALA A 563 -7.36 -19.84 20.49
C ALA A 563 -5.88 -20.21 20.68
N LYS A 564 -5.57 -21.52 20.61
CA LYS A 564 -4.20 -22.00 20.67
C LYS A 564 -3.42 -21.79 19.38
N GLY A 565 -4.11 -21.43 18.30
CA GLY A 565 -3.40 -21.02 17.09
C GLY A 565 -3.07 -22.22 16.15
N ALA A 566 -2.62 -23.31 16.76
CA ALA A 566 -2.52 -24.61 16.08
C ALA A 566 -2.89 -25.67 17.06
N TYR A 567 -3.65 -26.64 16.56
CA TYR A 567 -4.01 -27.81 17.33
C TYR A 567 -4.08 -29.03 16.40
N VAL A 568 -4.13 -30.21 17.01
CA VAL A 568 -4.20 -31.47 16.26
C VAL A 568 -5.64 -31.71 15.84
N VAL A 569 -5.92 -31.57 14.55
CA VAL A 569 -7.29 -31.65 14.10
C VAL A 569 -7.69 -33.08 13.76
N SER A 570 -6.69 -33.89 13.47
CA SER A 570 -6.92 -35.31 13.21
C SER A 570 -5.69 -36.08 13.63
N ALA A 571 -5.78 -36.80 14.75
CA ALA A 571 -4.61 -37.48 15.32
C ALA A 571 -4.18 -38.67 14.46
N SER A 572 -2.88 -38.96 14.47
CA SER A 572 -2.35 -40.24 14.06
C SER A 572 -2.92 -41.40 14.90
N LYS A 573 -2.55 -42.61 14.49
CA LYS A 573 -2.92 -43.85 15.16
C LYS A 573 -2.07 -44.10 16.40
N LYS A 574 -0.76 -43.91 16.29
CA LYS A 574 0.15 -44.05 17.42
C LYS A 574 0.41 -42.73 18.08
N GLU A 575 1.01 -42.74 19.26
CA GLU A 575 1.35 -41.46 19.87
C GLU A 575 2.42 -40.84 18.99
N THR A 576 3.10 -41.69 18.23
CA THR A 576 4.13 -41.19 17.34
C THR A 576 3.85 -41.37 15.85
N ALA A 577 3.57 -40.23 15.20
CA ALA A 577 3.17 -40.21 13.81
C ALA A 577 4.37 -40.54 12.95
N ASP A 578 4.14 -41.15 11.80
CA ASP A 578 5.19 -41.24 10.79
C ASP A 578 5.46 -39.83 10.24
N VAL A 579 4.40 -39.06 10.06
CA VAL A 579 4.53 -37.68 9.58
C VAL A 579 3.47 -36.75 10.14
N ILE A 580 3.81 -35.47 10.23
CA ILE A 580 2.80 -34.47 10.54
C ILE A 580 2.45 -33.65 9.32
N LEU A 581 1.18 -33.64 8.92
CA LEU A 581 0.72 -32.67 7.94
C LEU A 581 0.21 -31.36 8.61
N LEU A 582 0.83 -30.21 8.29
CA LEU A 582 0.34 -28.91 8.78
C LEU A 582 -0.42 -28.24 7.67
N ALA A 583 -1.59 -27.70 7.95
CA ALA A 583 -2.30 -26.99 6.93
C ALA A 583 -3.08 -25.83 7.56
N THR A 584 -3.60 -24.92 6.74
CA THR A 584 -4.41 -23.83 7.27
C THR A 584 -5.61 -23.63 6.36
N GLY A 585 -6.62 -22.93 6.88
CA GLY A 585 -7.73 -22.57 6.02
C GLY A 585 -8.23 -23.69 5.10
N SER A 586 -8.34 -23.39 3.81
CA SER A 586 -8.96 -24.31 2.85
C SER A 586 -8.13 -25.57 2.64
N GLU A 587 -6.89 -25.58 3.11
CA GLU A 587 -6.02 -26.73 2.85
C GLU A 587 -6.09 -27.81 3.93
N VAL A 588 -6.76 -27.51 5.06
CA VAL A 588 -6.91 -28.51 6.12
C VAL A 588 -7.72 -29.72 5.63
N SER A 589 -8.86 -29.48 4.96
CA SER A 589 -9.68 -30.61 4.42
C SER A 589 -8.82 -31.48 3.52
N LEU A 590 -8.15 -30.83 2.58
CA LEU A 590 -7.18 -31.51 1.76
C LEU A 590 -6.25 -32.36 2.60
N ALA A 591 -5.68 -31.77 3.65
CA ALA A 591 -4.71 -32.52 4.47
C ALA A 591 -5.34 -33.76 5.11
N VAL A 592 -6.62 -33.68 5.46
CA VAL A 592 -7.34 -34.76 6.12
C VAL A 592 -7.67 -35.94 5.17
N GLU A 593 -8.01 -35.62 3.92
CA GLU A 593 -8.13 -36.66 2.91
C GLU A 593 -6.77 -37.28 2.65
N ALA A 594 -5.78 -36.46 2.40
CA ALA A 594 -4.45 -37.01 2.27
C ALA A 594 -4.16 -38.00 3.37
N GLN A 595 -4.65 -37.73 4.59
CA GLN A 595 -4.29 -38.56 5.73
C GLN A 595 -4.86 -39.95 5.63
N LYS A 596 -6.10 -40.04 5.17
CA LYS A 596 -6.73 -41.34 4.96
C LYS A 596 -5.93 -42.04 3.89
N ALA A 597 -5.76 -41.34 2.76
CA ALA A 597 -5.14 -41.92 1.61
C ALA A 597 -3.81 -42.52 2.00
N LEU A 598 -3.08 -41.83 2.87
CA LEU A 598 -1.80 -42.34 3.34
C LEU A 598 -1.91 -43.55 4.30
N ALA A 599 -2.97 -43.59 5.10
CA ALA A 599 -3.16 -44.67 6.07
C ALA A 599 -3.22 -45.99 5.31
N VAL A 600 -3.98 -45.97 4.22
CA VAL A 600 -4.08 -47.11 3.33
C VAL A 600 -2.73 -47.63 2.90
N ASP A 601 -1.79 -46.71 2.65
CA ASP A 601 -0.48 -47.11 2.16
C ASP A 601 0.53 -47.27 3.28
N GLY A 602 0.03 -47.43 4.50
CA GLY A 602 0.87 -47.78 5.64
C GLY A 602 1.64 -46.62 6.24
N VAL A 603 1.24 -45.41 5.88
CA VAL A 603 1.85 -44.23 6.45
C VAL A 603 0.91 -43.56 7.48
N ASP A 604 1.42 -43.34 8.69
CA ASP A 604 0.57 -42.84 9.76
C ASP A 604 0.81 -41.35 10.08
N ALA A 605 -0.03 -40.49 9.49
CA ALA A 605 0.05 -39.04 9.63
C ALA A 605 -0.82 -38.49 10.74
N SER A 606 -0.35 -37.49 11.46
CA SER A 606 -1.30 -36.62 12.15
C SER A 606 -1.52 -35.33 11.33
N VAL A 607 -2.71 -34.74 11.44
CA VAL A 607 -2.98 -33.44 10.84
C VAL A 607 -3.11 -32.32 11.89
N VAL A 608 -2.30 -31.28 11.71
CA VAL A 608 -2.35 -30.11 12.55
C VAL A 608 -3.06 -28.99 11.78
N SER A 609 -4.11 -28.43 12.38
CA SER A 609 -4.70 -27.22 11.81
C SER A 609 -4.05 -25.97 12.42
N PRO A 611 -4.76 -22.28 12.23
CA PRO A 611 -5.50 -21.09 11.82
C PRO A 611 -4.75 -19.79 12.08
N SER A 612 -3.78 -19.80 13.02
CA SER A 612 -3.01 -18.61 13.34
C SER A 612 -1.61 -18.88 13.89
N ASP A 614 0.64 -16.67 14.69
CA ASP A 614 0.96 -15.79 15.78
C ASP A 614 0.41 -16.28 17.13
N ARG A 615 -0.81 -16.78 17.14
CA ARG A 615 -1.35 -17.29 18.39
C ARG A 615 -0.56 -18.55 18.85
N PHE A 616 -0.15 -19.38 17.89
CA PHE A 616 0.56 -20.61 18.21
C PHE A 616 1.91 -20.29 18.87
N GLU A 617 2.63 -19.36 18.26
CA GLU A 617 3.88 -18.86 18.79
C GLU A 617 3.81 -18.32 20.25
N ALA A 618 2.64 -17.86 20.70
CA ALA A 618 2.51 -17.29 22.02
C ALA A 618 2.24 -18.36 23.07
N GLN A 619 2.01 -19.60 22.60
CA GLN A 619 1.74 -20.74 23.47
C GLN A 619 3.01 -21.23 24.15
N THR A 620 2.84 -22.14 25.12
CA THR A 620 3.94 -22.52 26.00
C THR A 620 4.77 -23.58 25.28
N ALA A 621 6.07 -23.61 25.61
CA ALA A 621 6.98 -24.62 25.07
C ALA A 621 6.33 -25.98 25.20
N GLU A 622 5.71 -26.25 26.33
CA GLU A 622 5.05 -27.54 26.50
C GLU A 622 3.85 -27.75 25.56
N TYR A 623 3.00 -26.73 25.39
CA TYR A 623 1.90 -26.87 24.43
C TYR A 623 2.39 -27.07 22.97
N LYS A 624 3.33 -26.25 22.52
CA LYS A 624 3.85 -26.39 21.18
C LYS A 624 4.33 -27.82 20.97
N GLU A 625 5.19 -28.26 21.90
CA GLU A 625 5.77 -29.59 21.87
C GLU A 625 4.69 -30.67 21.78
N SER A 626 3.50 -30.41 22.29
CA SER A 626 2.40 -31.38 22.23
C SER A 626 1.74 -31.41 20.87
N VAL A 627 1.96 -30.38 20.07
CA VAL A 627 1.34 -30.36 18.76
C VAL A 627 2.38 -30.66 17.69
N LEU A 628 3.61 -30.21 17.92
CA LEU A 628 4.69 -30.45 16.98
C LEU A 628 5.90 -31.05 17.70
N PRO A 629 5.81 -32.34 18.02
CA PRO A 629 6.79 -33.14 18.76
C PRO A 629 8.19 -33.04 18.18
N LYS A 630 9.13 -32.44 18.92
CA LYS A 630 10.47 -32.18 18.39
C LYS A 630 11.15 -33.42 17.77
N ALA A 631 10.75 -34.60 18.21
CA ALA A 631 11.41 -35.82 17.74
C ALA A 631 10.85 -36.23 16.39
N VAL A 632 9.67 -35.71 16.04
CA VAL A 632 9.15 -35.97 14.69
C VAL A 632 9.61 -34.89 13.70
N THR A 633 10.65 -35.21 12.92
CA THR A 633 11.23 -34.25 11.98
C THR A 633 10.58 -34.29 10.60
N LYS A 634 9.69 -35.25 10.38
CA LYS A 634 9.06 -35.42 9.05
C LYS A 634 7.73 -34.67 9.02
N ARG A 635 7.77 -33.48 8.44
CA ARG A 635 6.63 -32.58 8.55
C ARG A 635 6.38 -31.99 7.19
N PHE A 636 5.11 -31.90 6.82
CA PHE A 636 4.76 -31.46 5.50
C PHE A 636 3.62 -30.42 5.59
N ALA A 637 3.93 -29.15 5.32
CA ALA A 637 2.97 -28.06 5.36
C ALA A 637 2.30 -27.91 4.02
N ILE A 638 1.01 -27.57 4.06
CA ILE A 638 0.21 -27.42 2.84
C ILE A 638 -0.59 -26.13 2.94
N GLU A 639 -0.34 -25.20 2.03
CA GLU A 639 -1.05 -23.93 2.04
C GLU A 639 -1.03 -23.28 0.65
N GLY A 641 -0.39 -20.58 -0.75
CA GLY A 641 0.24 -19.28 -0.59
C GLY A 641 1.75 -19.47 -0.63
N ALA A 642 2.49 -18.38 -0.53
CA ALA A 642 3.97 -18.49 -0.51
C ALA A 642 4.47 -19.47 0.53
N THR A 643 5.54 -20.21 0.20
CA THR A 643 6.16 -21.13 1.17
C THR A 643 6.91 -20.39 2.32
N PHE A 644 7.22 -19.11 2.07
CA PHE A 644 7.99 -18.23 2.95
C PHE A 644 7.42 -18.25 4.38
N GLY A 645 8.23 -18.64 5.35
CA GLY A 645 7.74 -18.71 6.72
C GLY A 645 7.49 -20.11 7.24
N TRP A 646 7.25 -21.05 6.36
CA TRP A 646 6.86 -22.42 6.79
C TRP A 646 7.98 -23.30 7.36
N HIS A 647 9.22 -22.91 7.10
CA HIS A 647 10.34 -23.74 7.56
C HIS A 647 10.55 -23.59 9.07
N ARG A 648 9.99 -22.52 9.66
CA ARG A 648 9.94 -22.41 11.09
C ARG A 648 9.34 -23.67 11.65
N TYR A 649 8.35 -24.22 10.98
CA TYR A 649 7.69 -25.46 11.40
C TYR A 649 8.19 -26.73 10.69
N VAL A 650 8.55 -26.65 9.43
CA VAL A 650 8.93 -27.89 8.76
C VAL A 650 10.43 -28.17 8.80
N GLY A 651 11.23 -27.15 9.09
CA GLY A 651 12.66 -27.30 9.25
C GLY A 651 13.38 -27.72 7.96
N LEU A 652 14.68 -28.04 8.05
CA LEU A 652 15.46 -28.41 6.86
C LEU A 652 15.05 -29.73 6.29
N GLU A 653 14.50 -30.60 7.13
CA GLU A 653 14.18 -31.93 6.66
C GLU A 653 12.73 -32.13 6.28
N GLY A 654 11.88 -31.12 6.49
CA GLY A 654 10.49 -31.24 6.08
C GLY A 654 10.35 -30.62 4.71
N ASP A 655 9.13 -30.55 4.20
CA ASP A 655 8.86 -29.91 2.92
C ASP A 655 7.55 -29.11 3.00
N VAL A 656 7.31 -28.20 2.06
CA VAL A 656 6.03 -27.53 2.00
C VAL A 656 5.47 -27.50 0.58
N LEU A 657 4.19 -27.81 0.44
CA LEU A 657 3.47 -27.56 -0.80
C LEU A 657 2.78 -26.20 -0.67
N GLY A 658 3.36 -25.19 -1.32
CA GLY A 658 2.76 -23.88 -1.40
C GLY A 658 2.81 -23.38 -2.83
N ILE A 659 2.85 -22.07 -3.02
CA ILE A 659 2.82 -21.50 -4.36
C ILE A 659 3.76 -20.35 -4.34
N ASP A 660 4.80 -20.42 -5.18
CA ASP A 660 5.76 -19.34 -5.26
C ASP A 660 5.77 -18.65 -6.62
N THR A 661 4.69 -18.78 -7.35
CA THR A 661 4.55 -18.01 -8.58
C THR A 661 3.20 -17.29 -8.46
N PHE A 662 2.91 -16.40 -9.41
CA PHE A 662 1.57 -15.85 -9.49
C PHE A 662 0.56 -16.90 -10.00
N GLY A 663 -0.72 -16.57 -9.94
CA GLY A 663 -1.78 -17.51 -10.26
C GLY A 663 -2.12 -17.51 -11.74
N ALA A 664 -3.38 -17.71 -12.11
CA ALA A 664 -3.75 -17.89 -13.50
C ALA A 664 -5.22 -17.59 -13.61
N SER A 665 -5.72 -17.44 -14.83
CA SER A 665 -7.13 -17.18 -15.04
C SER A 665 -7.83 -18.41 -15.58
N ALA A 666 -8.59 -19.09 -14.74
CA ALA A 666 -9.21 -20.34 -15.11
C ALA A 666 -10.12 -20.64 -13.95
N PRO A 667 -11.11 -21.54 -14.12
CA PRO A 667 -11.94 -22.07 -13.03
C PRO A 667 -11.10 -22.46 -11.81
N GLY A 668 -11.56 -22.08 -10.61
CA GLY A 668 -10.70 -22.16 -9.45
C GLY A 668 -10.13 -23.55 -9.27
N GLU A 669 -11.00 -24.53 -9.41
CA GLU A 669 -10.56 -25.90 -9.15
C GLU A 669 -9.57 -26.45 -10.18
N LYS A 670 -9.63 -25.97 -11.42
CA LYS A 670 -8.63 -26.31 -12.41
C LYS A 670 -7.21 -25.75 -12.02
N ILE A 671 -7.13 -24.48 -11.57
CA ILE A 671 -5.84 -23.98 -11.10
C ILE A 671 -5.31 -24.79 -9.93
N GLU A 673 -5.89 -27.86 -9.11
CA GLU A 673 -5.36 -29.13 -9.63
C GLU A 673 -4.00 -28.92 -10.30
N GLU A 674 -3.90 -27.94 -11.17
CA GLU A 674 -2.66 -27.72 -11.92
C GLU A 674 -1.48 -27.28 -11.03
N TYR A 675 -1.83 -26.52 -9.98
CA TYR A 675 -0.85 -26.09 -8.99
C TYR A 675 -0.48 -27.16 -7.96
N GLY A 676 -1.10 -28.33 -8.06
CA GLY A 676 -0.73 -29.45 -7.20
C GLY A 676 -1.56 -29.72 -5.96
N PHE A 677 -2.62 -28.95 -5.75
CA PHE A 677 -3.47 -29.12 -4.55
C PHE A 677 -4.55 -30.21 -4.72
N THR A 678 -4.06 -31.45 -4.88
CA THR A 678 -4.90 -32.63 -5.01
C THR A 678 -4.39 -33.66 -4.04
N VAL A 679 -5.24 -34.59 -3.66
CA VAL A 679 -4.81 -35.61 -2.73
C VAL A 679 -3.69 -36.45 -3.30
N GLU A 680 -3.89 -36.89 -4.54
CA GLU A 680 -2.90 -37.68 -5.24
C GLU A 680 -1.52 -37.02 -5.14
N ASN A 681 -1.42 -35.73 -5.45
CA ASN A 681 -0.13 -35.05 -5.41
C ASN A 681 0.43 -34.95 -3.99
N VAL A 682 -0.43 -34.64 -3.01
CA VAL A 682 0.06 -34.55 -1.64
C VAL A 682 0.60 -35.93 -1.17
N VAL A 683 -0.15 -36.99 -1.43
CA VAL A 683 0.34 -38.32 -1.06
C VAL A 683 1.72 -38.61 -1.67
N ARG A 684 1.88 -38.27 -2.94
CA ARG A 684 3.16 -38.52 -3.62
C ARG A 684 4.28 -37.70 -3.01
N LYS A 685 4.06 -36.39 -2.82
CA LYS A 685 5.14 -35.54 -2.30
C LYS A 685 5.53 -35.98 -0.89
N VAL A 686 4.55 -36.45 -0.12
CA VAL A 686 4.81 -36.91 1.26
C VAL A 686 5.60 -38.20 1.26
N LYS A 687 5.15 -39.17 0.49
CA LYS A 687 5.86 -40.45 0.40
C LYS A 687 7.26 -40.16 -0.10
N GLU A 688 7.40 -39.16 -0.96
CA GLU A 688 8.70 -38.76 -1.46
C GLU A 688 9.74 -38.41 -0.37
N LEU A 690 9.72 -39.20 3.24
CA LEU A 690 10.04 -40.09 4.36
C LEU A 690 10.88 -41.26 3.88
N SER B 28 -26.05 1.85 -39.90
CA SER B 28 -24.69 2.15 -40.34
C SER B 28 -23.74 1.01 -39.95
N ILE B 29 -22.53 1.06 -40.50
CA ILE B 29 -21.58 -0.03 -40.29
C ILE B 29 -20.89 0.19 -38.94
N GLU B 30 -20.87 1.44 -38.48
CA GLU B 30 -20.37 1.78 -37.15
C GLU B 30 -21.21 1.14 -36.05
N GLN B 31 -22.53 1.26 -36.20
CA GLN B 31 -23.45 0.75 -35.21
C GLN B 31 -23.37 -0.76 -35.19
N LEU B 32 -23.20 -1.37 -36.36
CA LEU B 32 -23.14 -2.83 -36.43
C LEU B 32 -21.82 -3.33 -35.81
N SER B 33 -20.75 -2.60 -36.09
CA SER B 33 -19.43 -2.90 -35.56
C SER B 33 -19.46 -2.75 -34.06
N ILE B 34 -20.15 -1.72 -33.59
CA ILE B 34 -20.24 -1.42 -32.16
C ILE B 34 -20.98 -2.53 -31.42
N ASN B 35 -22.07 -3.01 -32.02
CA ASN B 35 -22.86 -4.10 -31.41
C ASN B 35 -22.28 -5.47 -31.67
N THR B 36 -21.28 -5.54 -32.54
CA THR B 36 -20.51 -6.77 -32.63
C THR B 36 -19.58 -6.83 -31.42
N ILE B 37 -19.02 -5.67 -31.06
CA ILE B 37 -18.23 -5.58 -29.83
C ILE B 37 -19.12 -6.03 -28.67
N ARG B 38 -20.33 -5.46 -28.59
CA ARG B 38 -21.25 -5.77 -27.52
C ARG B 38 -21.57 -7.24 -27.42
N THR B 39 -22.05 -7.83 -28.52
CA THR B 39 -22.42 -9.25 -28.55
C THR B 39 -21.26 -10.24 -28.43
N LEU B 40 -20.15 -9.98 -29.12
CA LEU B 40 -18.97 -10.79 -28.88
C LEU B 40 -18.68 -10.79 -27.39
N SER B 41 -18.73 -9.62 -26.74
CA SER B 41 -18.40 -9.56 -25.29
C SER B 41 -19.40 -10.37 -24.47
N ILE B 42 -20.69 -10.14 -24.70
CA ILE B 42 -21.74 -10.85 -23.99
C ILE B 42 -21.59 -12.38 -24.11
N ASP B 43 -21.43 -12.87 -25.34
CA ASP B 43 -21.39 -14.31 -25.57
C ASP B 43 -20.14 -14.97 -25.00
N ALA B 44 -19.00 -14.29 -25.04
CA ALA B 44 -17.79 -14.87 -24.46
C ALA B 44 -18.00 -15.05 -22.96
N ILE B 45 -18.78 -14.17 -22.36
CA ILE B 45 -18.99 -14.21 -20.91
C ILE B 45 -20.04 -15.28 -20.59
N GLU B 46 -21.09 -15.32 -21.41
CA GLU B 46 -22.08 -16.38 -21.32
C GLU B 46 -21.42 -17.76 -21.31
N LYS B 47 -20.55 -18.00 -22.29
CA LYS B 47 -19.82 -19.26 -22.44
C LYS B 47 -18.83 -19.54 -21.31
N ALA B 48 -18.07 -18.54 -20.89
CA ALA B 48 -17.18 -18.74 -19.74
C ALA B 48 -18.00 -18.91 -18.48
N ASN B 49 -19.25 -18.49 -18.52
CA ASN B 49 -20.06 -18.36 -17.31
C ASN B 49 -19.37 -17.58 -16.16
N SER B 50 -18.65 -16.52 -16.53
CA SER B 50 -17.91 -15.72 -15.58
C SER B 50 -17.46 -14.48 -16.32
N GLY B 51 -17.56 -13.33 -15.67
CA GLY B 51 -17.09 -12.09 -16.26
C GLY B 51 -18.01 -10.89 -16.12
N HIS B 52 -17.63 -9.81 -16.80
CA HIS B 52 -18.21 -8.51 -16.59
C HIS B 52 -18.76 -7.92 -17.90
N PRO B 53 -20.07 -8.10 -18.12
CA PRO B 53 -20.84 -7.72 -19.31
C PRO B 53 -21.14 -6.23 -19.35
N GLY B 54 -21.33 -5.66 -18.14
CA GLY B 54 -21.88 -4.31 -17.98
C GLY B 54 -21.16 -3.19 -18.69
N PRO B 56 -18.55 -3.43 -21.02
CA PRO B 56 -18.46 -3.54 -22.47
C PRO B 56 -19.76 -3.05 -23.05
N GLY B 58 -21.93 -0.73 -22.03
CA GLY B 58 -22.07 0.72 -22.01
C GLY B 58 -20.95 1.46 -22.70
N ALA B 59 -19.79 0.84 -22.81
CA ALA B 59 -18.61 1.58 -23.24
C ALA B 59 -18.21 1.28 -24.68
N ALA B 60 -18.95 0.38 -25.34
CA ALA B 60 -18.58 -0.05 -26.69
C ALA B 60 -18.46 1.10 -27.67
N PRO B 61 -19.50 1.97 -27.74
CA PRO B 61 -19.41 3.10 -28.66
C PRO B 61 -18.13 3.88 -28.45
N ALA B 63 -15.27 3.26 -26.91
CA ALA B 63 -14.02 2.56 -27.24
C ALA B 63 -13.83 2.36 -28.77
N TYR B 64 -14.91 1.98 -29.46
CA TYR B 64 -14.90 1.85 -30.92
C TYR B 64 -14.38 3.13 -31.59
N THR B 65 -14.94 4.28 -31.17
CA THR B 65 -14.60 5.58 -31.75
C THR B 65 -13.11 5.86 -31.57
N LEU B 66 -12.61 5.70 -30.35
CA LEU B 66 -11.20 5.91 -30.06
C LEU B 66 -10.25 5.02 -30.89
N TRP B 67 -10.51 3.71 -30.83
CA TRP B 67 -9.69 2.67 -31.46
C TRP B 67 -9.69 2.83 -32.99
N THR B 68 -10.86 3.08 -33.52
CA THR B 68 -11.11 3.14 -34.96
C THR B 68 -10.76 4.47 -35.65
N GLN B 69 -10.95 5.59 -34.95
CA GLN B 69 -10.82 6.92 -35.58
C GLN B 69 -9.69 7.80 -35.03
N PHE B 70 -9.09 7.41 -33.91
CA PHE B 70 -7.99 8.18 -33.34
C PHE B 70 -6.63 7.49 -33.18
N LYS B 72 -3.34 5.58 -33.75
CA LYS B 72 -2.53 4.91 -34.77
C LYS B 72 -1.89 3.70 -34.09
N HIS B 73 -2.17 2.53 -34.64
CA HIS B 73 -1.61 1.28 -34.17
C HIS B 73 -1.69 0.27 -35.29
N ASN B 74 -0.74 -0.65 -35.30
CA ASN B 74 -0.67 -1.58 -36.37
C ASN B 74 -0.84 -2.97 -35.80
N PRO B 75 -2.05 -3.53 -35.98
CA PRO B 75 -2.43 -4.84 -35.47
C PRO B 75 -1.37 -5.85 -35.86
N ASN B 76 -0.75 -5.71 -37.03
CA ASN B 76 0.25 -6.69 -37.40
C ASN B 76 1.61 -6.48 -36.78
N ASN B 77 1.83 -5.32 -36.16
CA ASN B 77 3.00 -5.13 -35.30
C ASN B 77 2.69 -4.38 -33.95
N PRO B 78 2.20 -5.12 -32.96
CA PRO B 78 1.65 -4.54 -31.73
C PRO B 78 2.75 -3.86 -30.91
N THR B 79 3.98 -4.14 -31.31
CA THR B 79 5.20 -3.77 -30.62
C THR B 79 5.85 -2.47 -31.20
N TRP B 80 5.18 -1.92 -32.21
CA TRP B 80 5.66 -0.73 -32.92
C TRP B 80 5.94 0.38 -31.91
N PHE B 81 7.15 0.91 -31.96
CA PHE B 81 7.65 1.74 -30.88
C PHE B 81 6.90 3.06 -30.75
N ASN B 82 6.37 3.52 -31.87
CA ASN B 82 5.72 4.83 -31.92
C ASN B 82 4.21 4.76 -32.13
N ARG B 83 3.62 3.59 -31.88
CA ARG B 83 2.17 3.49 -31.78
C ARG B 83 1.67 4.33 -30.60
N ASP B 84 0.40 4.71 -30.69
CA ASP B 84 -0.32 5.20 -29.53
C ASP B 84 -0.49 4.06 -28.57
N ARG B 85 -0.20 4.31 -27.29
CA ARG B 85 -0.34 3.33 -26.20
C ARG B 85 -1.76 3.42 -25.65
N PHE B 86 -2.29 2.31 -25.13
CA PHE B 86 -3.65 2.27 -24.61
C PHE B 86 -3.72 1.46 -23.31
N VAL B 87 -4.42 1.97 -22.30
CA VAL B 87 -4.51 1.21 -21.05
C VAL B 87 -5.95 1.04 -20.61
N LEU B 88 -6.42 -0.20 -20.47
CA LEU B 88 -7.76 -0.43 -19.95
C LEU B 88 -7.72 -0.46 -18.42
N SER B 89 -7.70 0.72 -17.83
CA SER B 89 -7.60 0.83 -16.40
C SER B 89 -8.72 0.06 -15.72
N ALA B 90 -9.88 0.07 -16.33
CA ALA B 90 -11.03 -0.62 -15.77
C ALA B 90 -10.96 -2.06 -16.31
N GLY B 91 -9.99 -2.82 -15.84
CA GLY B 91 -9.62 -4.08 -16.44
C GLY B 91 -10.68 -5.17 -16.46
N HIS B 92 -11.66 -5.06 -15.58
CA HIS B 92 -12.71 -6.05 -15.57
C HIS B 92 -13.46 -6.02 -16.92
N GLY B 93 -13.30 -4.94 -17.66
CA GLY B 93 -13.92 -4.81 -18.96
C GLY B 93 -13.13 -5.46 -20.09
N SER B 94 -12.31 -6.44 -19.74
CA SER B 94 -11.44 -7.12 -20.72
C SER B 94 -12.07 -7.62 -22.03
N LEU B 96 -14.20 -6.26 -23.80
CA LEU B 96 -14.23 -5.09 -24.67
C LEU B 96 -12.90 -4.95 -25.41
N LEU B 97 -11.81 -5.14 -24.68
CA LEU B 97 -10.49 -4.98 -25.28
C LEU B 97 -10.24 -6.14 -26.21
N TYR B 98 -10.54 -7.35 -25.74
CA TYR B 98 -10.29 -8.56 -26.54
C TYR B 98 -11.09 -8.53 -27.86
N SER B 99 -12.34 -8.06 -27.80
CA SER B 99 -13.19 -7.93 -28.97
C SER B 99 -12.52 -7.03 -29.98
N LEU B 100 -12.08 -5.87 -29.50
CA LEU B 100 -11.46 -4.88 -30.37
C LEU B 100 -10.22 -5.47 -31.04
N LEU B 101 -9.39 -6.17 -30.26
CA LEU B 101 -8.13 -6.67 -30.76
C LEU B 101 -8.42 -7.67 -31.89
N HIS B 102 -9.44 -8.50 -31.71
CA HIS B 102 -9.72 -9.56 -32.66
C HIS B 102 -10.29 -8.99 -33.96
N LEU B 103 -11.28 -8.15 -33.76
CA LEU B 103 -11.98 -7.54 -34.84
C LEU B 103 -11.04 -6.70 -35.69
N SER B 104 -9.95 -6.20 -35.11
CA SER B 104 -9.10 -5.33 -35.92
C SER B 104 -7.83 -6.01 -36.42
N GLY B 105 -7.71 -7.29 -36.16
CA GLY B 105 -6.71 -8.11 -36.83
C GLY B 105 -5.44 -8.39 -36.07
N TYR B 106 -5.40 -8.04 -34.77
CA TYR B 106 -4.28 -8.43 -33.91
C TYR B 106 -4.35 -9.93 -33.71
N ASP B 107 -3.29 -10.53 -33.21
CA ASP B 107 -3.28 -11.98 -33.13
C ASP B 107 -4.10 -12.55 -31.95
N VAL B 108 -5.38 -12.21 -31.89
CA VAL B 108 -6.30 -12.76 -30.90
C VAL B 108 -7.39 -13.31 -31.78
N THR B 109 -7.54 -14.64 -31.80
CA THR B 109 -8.48 -15.30 -32.73
C THR B 109 -9.81 -15.56 -32.05
N ASP B 111 -11.31 -18.46 -31.65
CA ASP B 111 -11.17 -19.52 -30.64
C ASP B 111 -10.65 -18.94 -29.33
N ASP B 112 -9.71 -18.00 -29.40
CA ASP B 112 -9.22 -17.32 -28.17
C ASP B 112 -10.41 -16.66 -27.44
N LEU B 113 -11.26 -15.97 -28.19
CA LEU B 113 -12.45 -15.35 -27.59
C LEU B 113 -13.38 -16.38 -26.92
N LYS B 114 -13.47 -17.57 -27.53
CA LYS B 114 -14.33 -18.64 -27.03
C LYS B 114 -13.72 -19.39 -25.83
N ASN B 115 -12.51 -18.98 -25.45
CA ASN B 115 -11.81 -19.51 -24.29
C ASN B 115 -11.47 -18.38 -23.30
N PHE B 116 -12.27 -17.32 -23.31
CA PHE B 116 -12.20 -16.30 -22.29
C PHE B 116 -12.23 -16.93 -20.90
N ARG B 117 -11.23 -16.58 -20.08
CA ARG B 117 -11.19 -16.98 -18.66
C ARG B 117 -10.91 -18.46 -18.48
N GLN B 118 -10.38 -19.10 -19.51
CA GLN B 118 -10.07 -20.52 -19.44
C GLN B 118 -8.59 -20.76 -19.27
N TRP B 119 -8.29 -21.88 -18.62
CA TRP B 119 -6.89 -22.26 -18.37
C TRP B 119 -6.05 -22.18 -19.65
N GLY B 120 -4.95 -21.44 -19.58
CA GLY B 120 -4.00 -21.41 -20.68
C GLY B 120 -4.38 -20.53 -21.87
N SER B 121 -5.57 -19.94 -21.83
CA SER B 121 -6.06 -19.13 -22.96
C SER B 121 -5.33 -17.75 -23.13
N LYS B 122 -5.58 -17.08 -24.24
CA LYS B 122 -4.92 -15.80 -24.47
C LYS B 122 -5.87 -14.70 -24.04
N THR B 123 -7.00 -15.08 -23.46
CA THR B 123 -8.01 -14.14 -23.00
C THR B 123 -8.32 -14.28 -21.49
N PRO B 124 -7.32 -14.00 -20.62
CA PRO B 124 -7.59 -14.13 -19.17
C PRO B 124 -8.57 -13.04 -18.72
N GLY B 125 -9.12 -13.19 -17.52
CA GLY B 125 -10.21 -12.33 -17.08
C GLY B 125 -9.92 -10.84 -16.97
N HIS B 126 -8.66 -10.50 -16.73
CA HIS B 126 -8.23 -9.09 -16.70
C HIS B 126 -7.05 -9.07 -17.67
N PRO B 127 -6.82 -7.94 -18.35
CA PRO B 127 -5.74 -7.88 -19.35
C PRO B 127 -4.35 -8.15 -18.76
N GLU B 128 -3.58 -8.94 -19.50
CA GLU B 128 -2.22 -9.28 -19.09
C GLU B 128 -1.17 -8.97 -20.14
N TYR B 129 -0.37 -7.97 -19.83
CA TYR B 129 0.78 -7.65 -20.66
C TYR B 129 1.75 -8.81 -20.79
N GLY B 130 2.04 -9.13 -22.03
CA GLY B 130 3.01 -10.13 -22.36
C GLY B 130 2.35 -11.46 -22.59
N HIS B 131 1.04 -11.50 -22.47
N HIS B 131 1.04 -11.52 -22.47
CA HIS B 131 0.37 -12.75 -22.62
CA HIS B 131 0.35 -12.79 -22.61
C HIS B 131 -0.52 -12.72 -23.84
C HIS B 131 -0.62 -12.73 -23.76
N THR B 132 -1.01 -11.52 -24.15
CA THR B 132 -1.94 -11.34 -25.26
C THR B 132 -1.44 -10.24 -26.20
N ALA B 133 -1.48 -10.50 -27.50
CA ALA B 133 -0.90 -9.55 -28.44
C ALA B 133 -1.66 -8.23 -28.38
N GLY B 134 -0.94 -7.13 -28.24
CA GLY B 134 -1.59 -5.84 -28.31
C GLY B 134 -2.15 -5.36 -26.99
N VAL B 135 -1.93 -6.13 -25.92
CA VAL B 135 -2.21 -5.57 -24.57
C VAL B 135 -1.00 -4.76 -24.13
N ASP B 136 -1.15 -3.44 -23.98
CA ASP B 136 -0.01 -2.63 -23.56
C ASP B 136 0.34 -2.70 -22.06
N ALA B 137 -0.64 -2.97 -21.20
CA ALA B 137 -0.37 -3.03 -19.75
C ALA B 137 -1.29 -4.01 -19.07
N THR B 138 -0.80 -4.68 -18.03
CA THR B 138 -1.65 -5.45 -17.14
C THR B 138 -2.43 -4.55 -16.19
N THR B 139 -3.74 -4.74 -16.15
CA THR B 139 -4.60 -3.97 -15.25
C THR B 139 -5.57 -4.88 -14.49
N GLY B 140 -6.28 -4.30 -13.54
CA GLY B 140 -7.24 -5.05 -12.75
C GLY B 140 -7.47 -4.44 -11.38
N PRO B 141 -6.41 -4.38 -10.58
CA PRO B 141 -6.37 -3.49 -9.42
C PRO B 141 -6.65 -2.04 -9.81
N LEU B 142 -7.76 -1.50 -9.31
CA LEU B 142 -8.34 -0.28 -9.87
C LEU B 142 -7.45 0.92 -9.56
N GLY B 143 -7.54 1.94 -10.42
CA GLY B 143 -6.85 3.19 -10.19
C GLY B 143 -5.46 3.15 -10.79
N GLN B 144 -4.81 2.02 -10.64
CA GLN B 144 -3.43 1.87 -11.14
C GLN B 144 -3.27 2.02 -12.64
N GLY B 145 -4.27 1.64 -13.42
CA GLY B 145 -4.19 1.74 -14.87
C GLY B 145 -3.88 3.19 -15.26
N ILE B 146 -4.55 4.11 -14.59
CA ILE B 146 -4.38 5.52 -14.91
C ILE B 146 -2.98 5.94 -14.54
N ALA B 147 -2.49 5.45 -13.41
CA ALA B 147 -1.21 5.95 -12.96
C ALA B 147 -0.11 5.40 -13.86
N THR B 148 -0.35 4.22 -14.43
CA THR B 148 0.60 3.58 -15.35
C THR B 148 0.60 4.30 -16.68
N ALA B 149 -0.59 4.62 -17.20
CA ALA B 149 -0.68 5.51 -18.36
C ALA B 149 0.16 6.80 -18.14
N VAL B 150 0.10 7.38 -16.94
CA VAL B 150 0.79 8.65 -16.71
C VAL B 150 2.30 8.41 -16.94
N GLY B 151 2.83 7.32 -16.39
CA GLY B 151 4.22 6.97 -16.67
C GLY B 151 4.58 6.77 -18.14
N ALA B 153 3.20 8.19 -20.56
CA ALA B 153 3.20 9.51 -21.19
C ALA B 153 4.45 10.31 -20.82
N ALA B 155 7.40 8.78 -20.27
CA ALA B 155 8.40 8.22 -21.19
C ALA B 155 8.33 8.82 -22.59
N GLU B 156 7.13 8.87 -23.15
N GLU B 156 7.11 8.93 -23.15
CA GLU B 156 6.96 9.40 -24.50
CA GLU B 156 6.93 9.40 -24.53
C GLU B 156 7.65 10.76 -24.60
C GLU B 156 7.39 10.84 -24.75
N ARG B 157 7.26 11.68 -23.73
CA ARG B 157 7.81 13.04 -23.79
C ARG B 157 9.33 13.12 -23.55
N HIS B 158 9.82 12.46 -22.51
CA HIS B 158 11.26 12.46 -22.22
C HIS B 158 12.03 12.00 -23.45
N LEU B 159 11.48 10.99 -24.12
CA LEU B 159 12.19 10.31 -25.19
C LEU B 159 12.20 11.17 -26.44
N ALA B 160 11.10 11.87 -26.69
CA ALA B 160 11.06 12.86 -27.75
C ALA B 160 12.17 13.89 -27.55
N ALA B 161 12.24 14.47 -26.35
CA ALA B 161 13.22 15.53 -26.12
C ALA B 161 14.66 15.06 -26.27
N LYS B 162 14.96 13.87 -25.79
CA LYS B 162 16.29 13.30 -25.96
C LYS B 162 16.66 13.04 -27.44
N TYR B 163 15.72 12.43 -28.17
CA TYR B 163 16.05 11.73 -29.41
C TYR B 163 15.53 12.49 -30.62
N ASN B 164 14.75 13.54 -30.38
CA ASN B 164 14.06 14.25 -31.45
C ASN B 164 14.94 15.30 -32.11
N ARG B 165 14.60 15.67 -33.34
CA ARG B 165 15.45 16.54 -34.14
C ARG B 165 14.70 17.04 -35.38
N ASP B 166 15.42 17.76 -36.23
CA ASP B 166 14.78 18.57 -37.27
C ASP B 166 14.06 17.70 -38.29
N ALA B 167 12.81 18.05 -38.58
CA ALA B 167 11.96 17.22 -39.42
C ALA B 167 11.60 15.91 -38.72
N TYR B 168 12.60 15.28 -38.10
CA TYR B 168 12.45 13.93 -37.58
C TYR B 168 11.65 13.94 -36.28
N ASN B 169 10.39 13.48 -36.36
CA ASN B 169 9.61 13.20 -35.17
C ASN B 169 9.57 11.71 -34.83
N ILE B 170 10.70 11.21 -34.31
CA ILE B 170 10.85 9.77 -34.09
C ILE B 170 9.93 9.28 -32.99
N VAL B 171 9.92 9.98 -31.85
CA VAL B 171 9.03 9.67 -30.75
C VAL B 171 7.91 10.69 -30.64
N ASP B 172 6.74 10.34 -31.18
CA ASP B 172 5.63 11.28 -31.29
C ASP B 172 4.28 10.56 -31.27
N HIS B 173 3.83 10.17 -30.09
CA HIS B 173 2.56 9.49 -29.94
C HIS B 173 1.80 9.91 -28.69
N TYR B 174 0.59 9.37 -28.62
CA TYR B 174 -0.35 9.70 -27.59
C TYR B 174 -0.47 8.56 -26.61
N THR B 175 -1.08 8.83 -25.46
CA THR B 175 -1.34 7.77 -24.45
C THR B 175 -2.81 7.82 -24.06
N TYR B 176 -3.53 6.73 -24.25
CA TYR B 176 -4.95 6.70 -23.95
C TYR B 176 -5.32 5.72 -22.83
N ALA B 177 -6.34 6.05 -22.06
CA ALA B 177 -6.82 5.04 -21.12
C ALA B 177 -8.34 5.03 -21.10
N ILE B 178 -8.91 3.95 -20.59
CA ILE B 178 -10.33 3.95 -20.31
C ILE B 178 -10.49 3.49 -18.87
N CYS B 179 -11.16 4.32 -18.06
CA CYS B 179 -11.39 4.02 -16.66
C CYS B 179 -12.88 4.09 -16.27
N GLY B 180 -13.22 3.67 -15.05
CA GLY B 180 -14.58 3.79 -14.55
C GLY B 180 -14.63 4.62 -13.26
N ASP B 181 -15.79 4.61 -12.59
CA ASP B 181 -15.98 5.30 -11.32
C ASP B 181 -14.97 4.87 -10.26
N GLY B 182 -14.88 3.56 -10.04
CA GLY B 182 -13.94 3.01 -9.09
C GLY B 182 -12.53 3.56 -9.23
N ASP B 183 -12.04 3.67 -10.46
CA ASP B 183 -10.68 4.09 -10.70
C ASP B 183 -10.41 5.46 -10.13
N LEU B 184 -11.43 6.33 -10.22
CA LEU B 184 -11.29 7.70 -9.77
C LEU B 184 -11.53 7.87 -8.28
N GLU B 186 -9.93 5.84 -6.30
CA GLU B 186 -8.66 5.34 -5.73
C GLU B 186 -7.61 6.42 -5.60
N GLY B 187 -6.95 6.46 -4.45
CA GLY B 187 -5.93 7.45 -4.21
C GLY B 187 -4.84 7.50 -5.26
N VAL B 188 -4.38 6.35 -5.75
CA VAL B 188 -3.33 6.37 -6.75
C VAL B 188 -3.72 7.16 -8.03
N SER B 189 -4.98 7.10 -8.44
CA SER B 189 -5.31 7.85 -9.63
C SER B 189 -5.33 9.34 -9.31
N ALA B 190 -5.71 9.69 -8.08
CA ALA B 190 -5.62 11.10 -7.67
C ALA B 190 -4.18 11.61 -7.73
N GLU B 191 -3.26 10.89 -7.11
CA GLU B 191 -1.85 11.28 -7.12
C GLU B 191 -1.30 11.38 -8.56
N ALA B 192 -1.60 10.39 -9.40
CA ALA B 192 -1.05 10.38 -10.74
C ALA B 192 -1.58 11.55 -11.55
N SER B 193 -2.84 11.90 -11.29
CA SER B 193 -3.51 12.96 -12.05
C SER B 193 -2.93 14.32 -11.63
N SER B 194 -2.74 14.48 -10.32
CA SER B 194 -2.08 15.68 -9.83
C SER B 194 -0.74 15.81 -10.51
N LEU B 195 0.00 14.72 -10.60
CA LEU B 195 1.34 14.79 -11.16
C LEU B 195 1.31 15.00 -12.68
N ALA B 196 0.34 14.38 -13.35
CA ALA B 196 0.26 14.51 -14.80
C ALA B 196 -0.07 15.98 -15.13
N ALA B 197 -0.91 16.59 -14.30
CA ALA B 197 -1.25 18.01 -14.47
C ALA B 197 0.00 18.86 -14.27
N HIS B 198 0.69 18.62 -13.16
CA HIS B 198 1.91 19.37 -12.89
C HIS B 198 2.84 19.31 -14.09
N LEU B 199 3.00 18.14 -14.69
CA LEU B 199 3.95 17.99 -15.79
C LEU B 199 3.34 18.37 -17.14
N GLN B 200 2.09 18.78 -17.11
CA GLN B 200 1.40 19.15 -18.35
C GLN B 200 1.72 18.11 -19.42
N LEU B 201 1.32 16.88 -19.13
CA LEU B 201 1.47 15.79 -20.07
C LEU B 201 0.30 15.88 -21.03
N GLY B 202 0.43 16.75 -22.03
CA GLY B 202 -0.64 17.02 -22.97
C GLY B 202 -1.05 15.88 -23.89
N ARG B 203 -0.36 14.75 -23.83
CA ARG B 203 -0.65 13.70 -24.80
C ARG B 203 -1.27 12.49 -24.15
N LEU B 204 -1.79 12.73 -22.94
CA LEU B 204 -2.54 11.74 -22.17
C LEU B 204 -4.00 12.13 -22.21
N VAL B 205 -4.84 11.20 -22.68
CA VAL B 205 -6.28 11.38 -22.75
C VAL B 205 -6.93 10.18 -22.12
N VAL B 206 -7.71 10.40 -21.06
CA VAL B 206 -8.37 9.34 -20.34
C VAL B 206 -9.84 9.45 -20.63
N LEU B 207 -10.43 8.35 -21.10
CA LEU B 207 -11.87 8.29 -21.35
C LEU B 207 -12.51 7.65 -20.13
N TYR B 208 -13.38 8.42 -19.48
CA TYR B 208 -14.02 8.05 -18.23
C TYR B 208 -15.44 7.52 -18.52
N ASP B 209 -15.61 6.21 -18.37
CA ASP B 209 -16.93 5.64 -18.44
C ASP B 209 -17.74 5.96 -17.19
N SER B 210 -18.44 7.09 -17.23
CA SER B 210 -19.23 7.58 -16.10
C SER B 210 -20.68 7.10 -16.14
N ASN B 211 -20.98 6.08 -15.34
CA ASN B 211 -22.30 5.45 -15.40
C ASN B 211 -23.05 5.37 -14.05
N ASP B 212 -22.66 6.16 -13.06
CA ASP B 212 -23.39 6.20 -11.79
C ASP B 212 -23.50 4.83 -11.10
N ILE B 213 -22.73 3.86 -11.59
CA ILE B 213 -22.68 2.53 -10.97
C ILE B 213 -21.25 2.15 -10.60
N SER B 214 -21.06 1.85 -9.33
CA SER B 214 -19.77 1.35 -8.85
C SER B 214 -19.96 -0.16 -8.70
N LEU B 215 -19.02 -0.82 -8.05
CA LEU B 215 -19.02 -2.28 -8.01
C LEU B 215 -20.24 -2.90 -7.27
N ASP B 216 -20.82 -2.17 -6.34
CA ASP B 216 -21.61 -2.77 -5.27
C ASP B 216 -23.02 -2.23 -5.27
N GLY B 217 -23.25 -1.20 -6.05
CA GLY B 217 -24.57 -0.58 -6.10
C GLY B 217 -24.49 0.78 -6.72
N ASP B 218 -25.50 1.59 -6.45
CA ASP B 218 -25.53 2.99 -6.87
C ASP B 218 -24.28 3.74 -6.40
N LEU B 219 -23.67 4.45 -7.34
CA LEU B 219 -22.49 5.24 -7.08
C LEU B 219 -22.68 6.20 -5.90
N ASN B 220 -23.88 6.76 -5.79
CA ASN B 220 -24.13 7.72 -4.76
C ASN B 220 -24.29 7.16 -3.34
N ARG B 221 -24.14 5.85 -3.16
CA ARG B 221 -24.12 5.30 -1.82
C ARG B 221 -22.79 5.63 -1.16
N SER B 222 -21.81 6.00 -1.96
CA SER B 222 -20.44 6.15 -1.47
C SER B 222 -19.78 7.40 -2.04
N PHE B 223 -20.43 8.02 -3.01
CA PHE B 223 -19.74 8.91 -3.94
C PHE B 223 -20.68 10.00 -4.46
N SER B 224 -20.28 11.25 -4.28
CA SER B 224 -21.11 12.39 -4.66
C SER B 224 -20.26 13.59 -5.05
N GLU B 225 -18.97 13.35 -5.26
CA GLU B 225 -18.04 14.43 -5.60
C GLU B 225 -18.23 14.88 -7.04
N SER B 226 -17.67 16.04 -7.38
CA SER B 226 -17.64 16.50 -8.76
C SER B 226 -16.30 16.18 -9.42
N VAL B 227 -16.29 15.11 -10.19
CA VAL B 227 -15.06 14.63 -10.81
C VAL B 227 -14.47 15.67 -11.73
N GLU B 228 -15.34 16.25 -12.54
CA GLU B 228 -14.97 17.35 -13.43
C GLU B 228 -14.27 18.50 -12.70
N ASP B 229 -14.90 19.01 -11.66
CA ASP B 229 -14.29 20.10 -10.91
C ASP B 229 -12.95 19.65 -10.30
N ARG B 230 -12.87 18.42 -9.76
CA ARG B 230 -11.59 17.97 -9.24
C ARG B 230 -10.51 18.03 -10.31
N TYR B 231 -10.79 17.45 -11.49
CA TYR B 231 -9.75 17.38 -12.51
C TYR B 231 -9.28 18.76 -12.99
N LYS B 232 -10.22 19.67 -13.21
CA LYS B 232 -9.88 21.07 -13.54
C LYS B 232 -8.98 21.62 -12.43
N ALA B 233 -9.38 21.37 -11.19
CA ALA B 233 -8.57 21.82 -10.07
C ALA B 233 -7.12 21.36 -10.23
N TYR B 234 -6.90 20.10 -10.66
CA TYR B 234 -5.51 19.64 -10.77
C TYR B 234 -4.83 20.40 -11.89
N GLY B 235 -5.62 20.74 -12.89
CA GLY B 235 -5.08 21.34 -14.10
C GLY B 235 -5.36 20.54 -15.36
N TRP B 236 -6.32 19.60 -15.30
CA TRP B 236 -6.74 18.89 -16.52
C TRP B 236 -7.78 19.65 -17.33
N GLN B 237 -7.89 19.30 -18.61
CA GLN B 237 -9.02 19.68 -19.43
C GLN B 237 -10.13 18.65 -19.24
N VAL B 238 -11.34 19.08 -18.88
CA VAL B 238 -12.48 18.15 -18.84
C VAL B 238 -13.56 18.42 -19.91
N ILE B 239 -13.72 17.46 -20.82
CA ILE B 239 -14.79 17.51 -21.81
C ILE B 239 -15.83 16.47 -21.42
N ARG B 240 -17.10 16.84 -21.48
CA ARG B 240 -18.14 15.91 -21.09
C ARG B 240 -18.90 15.50 -22.33
N VAL B 241 -19.25 14.24 -22.41
CA VAL B 241 -20.07 13.74 -23.50
C VAL B 241 -21.35 13.24 -22.85
N GLU B 242 -22.43 13.97 -23.08
CA GLU B 242 -23.69 13.78 -22.39
C GLU B 242 -24.36 12.45 -22.73
N ASP B 243 -24.24 12.02 -23.97
CA ASP B 243 -24.82 10.75 -24.40
C ASP B 243 -23.73 9.82 -24.96
N GLY B 244 -23.45 8.72 -24.25
CA GLY B 244 -22.28 7.90 -24.54
C GLY B 244 -22.45 7.01 -25.76
N ASN B 245 -23.61 7.10 -26.40
CA ASN B 245 -23.89 6.40 -27.64
C ASN B 245 -23.64 7.25 -28.87
N ASP B 246 -23.30 8.52 -28.63
CA ASP B 246 -23.05 9.48 -29.69
C ASP B 246 -21.59 9.48 -30.13
N ILE B 247 -21.30 8.63 -31.12
CA ILE B 247 -20.00 8.52 -31.75
C ILE B 247 -19.48 9.87 -32.22
N GLU B 248 -20.39 10.66 -32.77
CA GLU B 248 -20.09 12.01 -33.24
C GLU B 248 -19.54 12.85 -32.10
N ALA B 249 -20.30 12.89 -31.01
CA ALA B 249 -19.98 13.71 -29.86
C ALA B 249 -18.67 13.25 -29.23
N ILE B 250 -18.46 11.94 -29.20
CA ILE B 250 -17.24 11.41 -28.61
C ILE B 250 -16.04 11.78 -29.46
N ALA B 251 -16.18 11.60 -30.78
CA ALA B 251 -15.11 11.94 -31.71
C ALA B 251 -14.73 13.41 -31.61
N LYS B 252 -15.70 14.31 -31.48
CA LYS B 252 -15.33 15.72 -31.37
C LYS B 252 -14.51 15.94 -30.09
N ALA B 253 -14.96 15.34 -29.00
CA ALA B 253 -14.22 15.48 -27.75
C ALA B 253 -12.75 15.06 -27.92
N ILE B 254 -12.51 13.94 -28.59
CA ILE B 254 -11.12 13.50 -28.75
C ILE B 254 -10.27 14.45 -29.58
N GLU B 255 -10.80 14.96 -30.70
CA GLU B 255 -10.12 15.99 -31.46
C GLU B 255 -9.75 17.10 -30.50
N GLU B 256 -10.73 17.52 -29.72
CA GLU B 256 -10.57 18.64 -28.79
C GLU B 256 -9.41 18.36 -27.83
N ALA B 257 -9.29 17.11 -27.38
CA ALA B 257 -8.20 16.75 -26.48
C ALA B 257 -6.83 16.81 -27.17
N LYS B 258 -6.80 16.54 -28.47
CA LYS B 258 -5.52 16.44 -29.16
C LYS B 258 -4.90 17.78 -29.62
N ALA B 259 -5.69 18.85 -29.70
CA ALA B 259 -5.09 20.15 -29.99
C ALA B 259 -4.61 20.88 -28.72
N ASP B 260 -5.10 20.48 -27.56
CA ASP B 260 -4.59 21.07 -26.33
C ASP B 260 -3.40 20.23 -25.90
N GLU B 261 -2.24 20.49 -26.49
CA GLU B 261 -1.07 19.71 -26.12
C GLU B 261 -0.45 20.26 -24.84
N LYS B 262 -1.20 21.15 -24.17
CA LYS B 262 -0.73 21.84 -22.96
C LYS B 262 -1.15 21.14 -21.70
N ARG B 263 -2.33 20.54 -21.65
CA ARG B 263 -2.72 19.77 -20.48
C ARG B 263 -3.31 18.39 -20.79
N PRO B 264 -3.45 17.54 -19.76
CA PRO B 264 -4.01 16.22 -20.01
C PRO B 264 -5.51 16.37 -20.11
N THR B 265 -6.16 15.44 -20.80
CA THR B 265 -7.57 15.54 -20.95
C THR B 265 -8.32 14.34 -20.32
N LEU B 266 -9.41 14.68 -19.64
CA LEU B 266 -10.34 13.72 -19.10
C LEU B 266 -11.65 13.92 -19.84
N ILE B 267 -12.13 12.88 -20.52
CA ILE B 267 -13.42 12.99 -21.14
C ILE B 267 -14.45 12.16 -20.39
N GLU B 268 -15.39 12.83 -19.73
CA GLU B 268 -16.47 12.14 -19.00
C GLU B 268 -17.59 11.77 -19.95
N VAL B 269 -17.67 10.48 -20.29
CA VAL B 269 -18.68 9.99 -21.19
C VAL B 269 -19.80 9.37 -20.37
N ARG B 270 -20.97 10.00 -20.40
CA ARG B 270 -22.10 9.45 -19.68
C ARG B 270 -22.68 8.25 -20.40
N THR B 271 -22.63 7.11 -19.73
CA THR B 271 -23.20 5.91 -20.30
C THR B 271 -24.18 5.33 -19.29
N THR B 272 -24.83 4.26 -19.73
CA THR B 272 -25.74 3.45 -18.96
C THR B 272 -25.11 2.04 -18.97
N ILE B 273 -24.62 1.53 -17.84
CA ILE B 273 -24.05 0.19 -17.91
C ILE B 273 -25.09 -0.80 -18.38
N GLY B 274 -24.61 -1.85 -19.03
CA GLY B 274 -25.44 -2.94 -19.50
C GLY B 274 -26.51 -2.43 -20.44
N PHE B 275 -26.18 -1.39 -21.18
CA PHE B 275 -27.10 -0.80 -22.11
C PHE B 275 -27.62 -1.87 -23.08
N GLY B 276 -28.93 -1.90 -23.29
CA GLY B 276 -29.54 -2.97 -24.07
C GLY B 276 -30.22 -4.02 -23.20
N SER B 277 -29.65 -4.28 -22.02
CA SER B 277 -30.32 -5.20 -21.09
C SER B 277 -31.59 -4.55 -20.52
N PRO B 278 -32.70 -5.30 -20.53
CA PRO B 278 -34.02 -4.84 -20.06
C PRO B 278 -34.19 -4.96 -18.55
N ASN B 279 -33.72 -6.07 -17.99
CA ASN B 279 -33.93 -6.31 -16.57
C ASN B 279 -32.74 -5.97 -15.70
N LYS B 280 -31.64 -5.55 -16.31
CA LYS B 280 -30.51 -5.20 -15.48
C LYS B 280 -29.61 -4.09 -16.03
N SER B 281 -30.03 -3.43 -17.10
CA SER B 281 -29.36 -2.19 -17.50
C SER B 281 -29.51 -1.15 -16.39
N GLY B 282 -28.50 -0.31 -16.24
CA GLY B 282 -28.54 0.73 -15.22
C GLY B 282 -28.35 0.24 -13.80
N LYS B 283 -28.13 -1.05 -13.61
CA LYS B 283 -28.00 -1.64 -12.27
C LYS B 283 -26.63 -2.25 -12.09
N SER B 284 -26.13 -2.24 -10.85
CA SER B 284 -24.85 -2.89 -10.53
C SER B 284 -24.94 -4.39 -10.82
N ALA B 285 -26.16 -4.85 -11.06
CA ALA B 285 -26.37 -6.24 -11.38
C ALA B 285 -25.73 -6.63 -12.74
N SER B 286 -25.57 -5.67 -13.65
CA SER B 286 -25.02 -5.97 -14.97
C SER B 286 -23.50 -5.93 -14.96
N HIS B 287 -22.95 -5.57 -13.82
CA HIS B 287 -21.55 -5.26 -13.71
C HIS B 287 -20.63 -6.47 -13.85
N GLY B 288 -20.80 -7.48 -12.99
CA GLY B 288 -19.83 -8.56 -12.92
C GLY B 288 -20.34 -9.99 -12.81
N SER B 289 -21.44 -10.27 -13.52
CA SER B 289 -22.01 -11.62 -13.74
C SER B 289 -22.49 -11.80 -15.19
N PRO B 290 -22.48 -13.05 -15.73
CA PRO B 290 -23.13 -13.16 -17.03
C PRO B 290 -24.60 -12.76 -16.93
N LEU B 291 -25.04 -12.00 -17.92
CA LEU B 291 -26.44 -11.68 -18.17
C LEU B 291 -27.37 -12.89 -17.93
N GLY B 292 -26.95 -14.04 -18.43
CA GLY B 292 -27.79 -15.23 -18.37
C GLY B 292 -28.45 -15.53 -19.70
N VAL B 293 -28.78 -16.80 -19.93
CA VAL B 293 -29.19 -17.23 -21.27
C VAL B 293 -30.43 -16.58 -21.87
N GLU B 294 -31.43 -16.31 -21.05
CA GLU B 294 -32.60 -15.69 -21.63
C GLU B 294 -32.55 -14.18 -21.58
N GLU B 295 -31.75 -13.62 -20.67
CA GLU B 295 -31.60 -12.17 -20.65
C GLU B 295 -30.72 -11.69 -21.82
N THR B 296 -29.75 -12.51 -22.24
CA THR B 296 -28.98 -12.13 -23.42
C THR B 296 -29.82 -12.23 -24.72
N LYS B 297 -30.76 -13.18 -24.76
CA LYS B 297 -31.80 -13.19 -25.81
C LYS B 297 -32.52 -11.84 -25.93
N LEU B 298 -33.01 -11.32 -24.80
CA LEU B 298 -33.73 -10.05 -24.81
C LEU B 298 -32.82 -8.89 -25.22
N THR B 299 -31.55 -8.97 -24.86
CA THR B 299 -30.63 -7.90 -25.16
C THR B 299 -30.30 -7.88 -26.65
N LYS B 300 -29.99 -9.04 -27.21
CA LYS B 300 -29.78 -9.14 -28.65
C LYS B 300 -31.04 -8.63 -29.36
N GLU B 301 -32.21 -8.90 -28.78
CA GLU B 301 -33.45 -8.34 -29.33
C GLU B 301 -33.37 -6.81 -29.38
N ALA B 302 -32.91 -6.20 -28.29
CA ALA B 302 -32.88 -4.75 -28.23
C ALA B 302 -31.86 -4.06 -29.17
N TYR B 303 -30.80 -4.79 -29.55
CA TYR B 303 -29.79 -4.27 -30.51
C TYR B 303 -30.23 -4.48 -31.97
N ALA B 304 -31.35 -5.16 -32.18
CA ALA B 304 -31.78 -5.57 -33.52
C ALA B 304 -30.72 -6.50 -34.09
N TRP B 305 -30.10 -7.26 -33.19
CA TRP B 305 -29.12 -8.25 -33.56
C TRP B 305 -29.84 -9.54 -33.92
N THR B 306 -29.80 -9.92 -35.21
CA THR B 306 -30.60 -11.04 -35.66
C THR B 306 -29.83 -12.37 -35.72
N ALA B 307 -28.51 -12.32 -35.76
CA ALA B 307 -27.74 -13.57 -35.99
C ALA B 307 -28.15 -14.70 -35.06
N GLU B 308 -28.12 -15.94 -35.56
CA GLU B 308 -28.57 -17.05 -34.74
C GLU B 308 -27.46 -17.95 -34.18
N GLN B 309 -26.26 -17.82 -34.72
CA GLN B 309 -25.10 -18.46 -34.10
C GLN B 309 -24.47 -17.52 -33.07
N ASP B 310 -23.72 -18.06 -32.13
CA ASP B 310 -23.35 -17.26 -30.96
C ASP B 310 -22.32 -16.16 -31.21
N PHE B 311 -21.19 -16.49 -31.77
CA PHE B 311 -20.13 -15.49 -31.82
C PHE B 311 -20.02 -14.96 -33.24
N HIS B 312 -21.04 -14.23 -33.66
CA HIS B 312 -21.17 -13.84 -35.05
C HIS B 312 -20.47 -12.53 -35.39
N VAL B 313 -19.56 -12.56 -36.36
CA VAL B 313 -19.00 -11.34 -36.93
C VAL B 313 -19.23 -11.27 -38.45
N ALA B 314 -20.05 -10.34 -38.90
CA ALA B 314 -20.34 -10.21 -40.31
C ALA B 314 -19.12 -9.72 -41.06
N GLU B 315 -18.93 -10.21 -42.28
CA GLU B 315 -17.78 -9.88 -43.11
C GLU B 315 -17.42 -8.39 -43.20
N GLU B 316 -18.44 -7.55 -43.33
CA GLU B 316 -18.16 -6.14 -43.50
C GLU B 316 -17.57 -5.55 -42.22
N VAL B 317 -17.85 -6.15 -41.07
CA VAL B 317 -17.30 -5.61 -39.82
C VAL B 317 -15.79 -5.81 -39.86
N TYR B 318 -15.37 -7.04 -40.17
CA TYR B 318 -13.96 -7.29 -40.37
C TYR B 318 -13.34 -6.28 -41.33
N GLU B 319 -13.95 -6.09 -42.49
CA GLU B 319 -13.39 -5.14 -43.44
C GLU B 319 -13.39 -3.71 -42.89
N ASN B 320 -14.46 -3.33 -42.18
CA ASN B 320 -14.53 -1.99 -41.60
C ASN B 320 -13.32 -1.76 -40.69
N PHE B 321 -12.97 -2.79 -39.92
CA PHE B 321 -11.80 -2.69 -39.08
C PHE B 321 -10.49 -2.68 -39.87
N ARG B 322 -10.45 -3.44 -40.96
CA ARG B 322 -9.26 -3.50 -41.81
C ARG B 322 -8.99 -2.14 -42.48
N LYS B 323 -10.04 -1.47 -42.92
CA LYS B 323 -9.84 -0.13 -43.45
C LYS B 323 -9.41 0.83 -42.36
N THR B 324 -10.10 0.81 -41.21
CA THR B 324 -9.93 1.89 -40.24
C THR B 324 -8.72 1.72 -39.34
N VAL B 325 -8.32 0.47 -39.12
CA VAL B 325 -7.22 0.18 -38.21
C VAL B 325 -5.98 -0.38 -38.91
N GLN B 326 -6.13 -1.55 -39.53
CA GLN B 326 -5.02 -2.25 -40.21
C GLN B 326 -4.34 -1.43 -41.31
N ASP B 327 -5.12 -1.03 -42.32
CA ASP B 327 -4.56 -0.28 -43.44
C ASP B 327 -3.90 1.01 -42.94
N VAL B 328 -4.67 1.77 -42.16
CA VAL B 328 -4.20 3.00 -41.52
C VAL B 328 -2.93 2.76 -40.70
N GLY B 329 -2.94 1.67 -39.94
CA GLY B 329 -1.80 1.29 -39.12
C GLY B 329 -0.54 0.95 -39.90
N GLU B 330 -0.66 0.17 -40.97
CA GLU B 330 0.51 -0.18 -41.79
C GLU B 330 1.12 1.02 -42.50
N THR B 331 0.27 1.89 -43.01
CA THR B 331 0.75 3.02 -43.76
C THR B 331 1.51 3.90 -42.79
N ALA B 332 0.87 4.21 -41.67
CA ALA B 332 1.51 4.94 -40.59
C ALA B 332 2.86 4.33 -40.18
N GLN B 333 2.93 3.00 -40.01
CA GLN B 333 4.20 2.42 -39.59
C GLN B 333 5.26 2.52 -40.71
N ALA B 334 4.82 2.34 -41.95
CA ALA B 334 5.74 2.42 -43.08
C ALA B 334 6.36 3.79 -43.14
N GLU B 335 5.52 4.82 -43.00
CA GLU B 335 5.98 6.20 -43.14
C GLU B 335 6.95 6.49 -42.01
N TRP B 336 6.56 6.08 -40.81
CA TRP B 336 7.43 6.18 -39.65
C TRP B 336 8.76 5.44 -39.92
N ASN B 337 8.68 4.23 -40.48
CA ASN B 337 9.92 3.49 -40.78
C ASN B 337 10.93 4.20 -41.72
N THR B 338 10.43 5.07 -42.59
CA THR B 338 11.29 5.67 -43.59
C THR B 338 11.96 6.87 -42.95
N LEU B 340 12.63 7.07 -39.91
CA LEU B 340 13.67 6.48 -39.09
C LEU B 340 14.92 6.27 -39.94
N GLY B 341 14.73 5.74 -41.15
CA GLY B 341 15.84 5.58 -42.09
C GLY B 341 16.65 6.84 -42.30
N GLU B 342 15.96 7.95 -42.54
CA GLU B 342 16.62 9.23 -42.79
C GLU B 342 17.35 9.68 -41.55
N TYR B 343 16.80 9.33 -40.39
CA TYR B 343 17.32 9.81 -39.10
C TYR B 343 18.69 9.19 -38.87
N ALA B 344 18.81 7.88 -39.13
CA ALA B 344 20.05 7.15 -38.92
C ALA B 344 21.18 7.64 -39.82
N GLN B 345 20.90 7.77 -41.11
CA GLN B 345 21.83 8.49 -42.00
C GLN B 345 22.21 9.87 -41.47
N ALA B 346 21.23 10.65 -41.00
CA ALA B 346 21.46 12.04 -40.58
C ALA B 346 22.04 12.25 -39.16
N TYR B 347 21.78 11.31 -38.23
CA TYR B 347 22.39 11.31 -36.89
C TYR B 347 22.79 9.88 -36.53
N PRO B 348 23.87 9.34 -37.11
CA PRO B 348 24.06 7.89 -36.90
C PRO B 348 24.32 7.44 -35.47
N GLU B 349 25.16 8.16 -34.72
CA GLU B 349 25.53 7.72 -33.37
CA GLU B 349 25.52 7.73 -33.36
C GLU B 349 24.33 7.81 -32.43
N LEU B 350 23.52 8.85 -32.61
CA LEU B 350 22.27 9.03 -31.88
C LEU B 350 21.29 7.91 -32.21
N ALA B 351 21.05 7.73 -33.52
CA ALA B 351 20.11 6.75 -33.98
C ALA B 351 20.49 5.41 -33.42
N ASN B 352 21.79 5.16 -33.41
CA ASN B 352 22.31 3.92 -32.89
C ASN B 352 21.96 3.80 -31.40
N GLU B 353 22.13 4.90 -30.70
CA GLU B 353 21.79 4.93 -29.30
C GLU B 353 20.31 4.59 -29.12
N LEU B 354 19.43 5.26 -29.87
CA LEU B 354 18.00 4.98 -29.71
C LEU B 354 17.73 3.50 -29.87
N GLN B 355 18.36 2.90 -30.89
CA GLN B 355 18.16 1.48 -31.20
C GLN B 355 18.53 0.57 -30.04
N ALA B 356 19.70 0.83 -29.46
CA ALA B 356 20.18 0.09 -28.31
C ALA B 356 19.26 0.25 -27.12
N ALA B 357 18.79 1.47 -26.90
CA ALA B 357 17.80 1.71 -25.85
C ALA B 357 16.51 0.92 -26.07
N ASN B 359 16.07 -1.70 -27.43
CA ASN B 359 16.34 -3.10 -27.24
C ASN B 359 16.93 -3.43 -25.87
N GLY B 360 16.80 -2.49 -24.92
CA GLY B 360 17.22 -2.75 -23.56
C GLY B 360 18.70 -3.08 -23.40
N LEU B 361 19.53 -2.61 -24.33
CA LEU B 361 20.94 -2.92 -24.25
C LEU B 361 21.75 -1.87 -23.50
N LEU B 362 22.50 -2.32 -22.51
CA LEU B 362 23.45 -1.47 -21.81
C LEU B 362 24.78 -1.39 -22.59
N PRO B 363 25.30 -0.16 -22.76
CA PRO B 363 26.53 0.06 -23.51
C PRO B 363 27.70 -0.75 -22.98
N GLU B 364 28.54 -1.27 -23.86
CA GLU B 364 29.72 -2.02 -23.46
C GLU B 364 30.66 -1.21 -22.57
N GLY B 365 31.19 -1.87 -21.55
CA GLY B 365 32.01 -1.21 -20.55
C GLY B 365 31.30 -0.14 -19.73
N TRP B 366 29.97 -0.08 -19.77
CA TRP B 366 29.22 0.93 -18.98
C TRP B 366 29.65 0.96 -17.52
N GLU B 367 29.99 -0.22 -17.00
CA GLU B 367 30.31 -0.38 -15.58
C GLU B 367 31.74 0.00 -15.20
N GLN B 368 32.43 0.73 -16.08
CA GLN B 368 33.86 0.97 -15.91
C GLN B 368 34.18 2.04 -14.90
N ASN B 369 33.34 3.06 -14.81
CA ASN B 369 33.52 4.13 -13.82
C ASN B 369 32.80 3.85 -12.50
N LEU B 370 32.36 2.62 -12.31
CA LEU B 370 31.66 2.22 -11.09
C LEU B 370 32.56 2.28 -9.85
N PRO B 371 32.14 3.05 -8.84
CA PRO B 371 32.91 3.29 -7.62
C PRO B 371 33.50 2.03 -7.04
N THR B 372 34.65 2.19 -6.41
CA THR B 372 35.30 1.15 -5.61
C THR B 372 35.59 1.65 -4.17
N TYR B 373 35.53 0.75 -3.19
CA TYR B 373 35.82 1.12 -1.79
C TYR B 373 36.99 0.29 -1.23
N GLU B 374 38.09 0.96 -0.83
CA GLU B 374 39.32 0.27 -0.46
C GLU B 374 39.25 -0.29 0.96
N LEU B 375 40.00 -1.35 1.21
CA LEU B 375 39.99 -1.94 2.54
C LEU B 375 40.09 -0.82 3.57
N GLY B 376 39.41 -0.97 4.70
CA GLY B 376 39.51 0.02 5.75
C GLY B 376 38.68 1.26 5.57
N SER B 377 38.00 1.42 4.42
CA SER B 377 37.06 2.52 4.25
C SER B 377 35.70 2.29 4.95
N LYS B 378 34.85 3.32 4.89
CA LYS B 378 33.48 3.37 5.44
C LYS B 378 32.59 3.85 4.34
N ALA B 379 31.31 3.45 4.35
CA ALA B 379 30.31 4.04 3.45
C ALA B 379 28.89 3.68 3.90
N ALA B 380 27.98 4.65 3.90
CA ALA B 380 26.56 4.35 4.00
C ALA B 380 26.06 3.86 2.59
N THR B 381 25.29 2.78 2.54
CA THR B 381 24.89 2.23 1.23
C THR B 381 23.96 3.16 0.44
N ARG B 382 23.32 4.11 1.12
CA ARG B 382 22.59 5.12 0.39
C ARG B 382 23.53 6.06 -0.37
N ASN B 383 24.75 6.27 0.16
CA ASN B 383 25.74 7.16 -0.47
C ASN B 383 26.44 6.40 -1.56
N SER B 384 26.76 5.17 -1.23
CA SER B 384 27.27 4.17 -2.10
C SER B 384 26.39 4.14 -3.34
N SER B 385 25.09 3.93 -3.11
CA SER B 385 24.11 3.95 -4.19
C SER B 385 24.09 5.28 -4.92
N GLY B 386 24.10 6.38 -4.18
CA GLY B 386 24.18 7.70 -4.79
C GLY B 386 25.34 7.78 -5.80
N ALA B 387 26.47 7.20 -5.41
CA ALA B 387 27.67 7.30 -6.23
C ALA B 387 27.44 6.50 -7.49
N VAL B 388 26.82 5.33 -7.34
CA VAL B 388 26.58 4.49 -8.50
C VAL B 388 25.57 5.14 -9.45
N ILE B 389 24.56 5.78 -8.89
CA ILE B 389 23.55 6.43 -9.72
C ILE B 389 24.21 7.50 -10.58
N ASN B 390 25.01 8.35 -9.96
CA ASN B 390 25.69 9.35 -10.77
C ASN B 390 26.61 8.73 -11.80
N ALA B 391 27.34 7.67 -11.45
CA ALA B 391 28.19 7.00 -12.44
C ALA B 391 27.39 6.39 -13.59
N ILE B 392 26.15 5.98 -13.32
CA ILE B 392 25.32 5.36 -14.36
C ILE B 392 24.73 6.44 -15.26
N ALA B 393 24.35 7.57 -14.68
CA ALA B 393 23.83 8.67 -15.48
C ALA B 393 24.88 9.15 -16.50
N GLU B 394 26.14 8.83 -16.25
CA GLU B 394 27.19 9.33 -17.09
C GLU B 394 27.40 8.36 -18.23
N SER B 395 27.30 7.08 -17.92
CA SER B 395 27.72 6.05 -18.86
C SER B 395 26.56 5.26 -19.51
N VAL B 396 25.37 5.34 -18.94
CA VAL B 396 24.22 4.62 -19.49
C VAL B 396 23.15 5.62 -19.84
N PRO B 397 23.02 5.94 -21.13
CA PRO B 397 22.23 7.10 -21.57
C PRO B 397 20.69 6.92 -21.49
N SER B 398 20.21 5.72 -21.23
CA SER B 398 18.76 5.49 -21.13
C SER B 398 18.16 5.66 -19.71
N PHE B 399 18.99 6.06 -18.75
CA PHE B 399 18.60 6.20 -17.35
C PHE B 399 17.65 7.37 -17.08
N PHE B 400 16.67 7.14 -16.20
CA PHE B 400 15.60 8.10 -15.93
C PHE B 400 15.01 7.74 -14.56
N GLY B 401 15.02 8.64 -13.59
CA GLY B 401 14.52 8.28 -12.27
C GLY B 401 14.43 9.42 -11.27
N GLY B 402 13.90 9.15 -10.09
CA GLY B 402 13.85 10.18 -9.07
C GLY B 402 13.35 9.63 -7.78
N SER B 403 12.71 10.47 -6.98
CA SER B 403 12.40 10.16 -5.61
C SER B 403 11.05 10.71 -5.28
N ALA B 404 10.37 10.07 -4.32
CA ALA B 404 9.12 10.61 -3.80
C ALA B 404 9.40 11.67 -2.74
N ASP B 405 9.99 12.79 -3.18
CA ASP B 405 10.24 13.95 -2.36
C ASP B 405 11.29 13.70 -1.31
N LEU B 406 12.26 12.85 -1.60
CA LEU B 406 13.27 12.51 -0.61
C LEU B 406 14.62 12.35 -1.29
N ALA B 407 14.81 13.08 -2.39
CA ALA B 407 16.05 12.99 -3.15
C ALA B 407 17.25 13.30 -2.25
N GLY B 408 17.12 14.35 -1.46
CA GLY B 408 18.12 14.64 -0.43
C GLY B 408 18.49 13.46 0.47
N SER B 409 17.51 12.80 1.07
CA SER B 409 17.82 11.68 1.98
C SER B 409 18.14 10.34 1.32
N ASN B 410 17.49 10.06 0.19
CA ASN B 410 17.65 8.80 -0.54
C ASN B 410 18.91 8.83 -1.37
N LYS B 411 19.40 10.05 -1.64
CA LYS B 411 20.59 10.23 -2.47
C LYS B 411 20.37 9.70 -3.88
N THR B 412 19.23 10.03 -4.49
CA THR B 412 18.86 9.51 -5.79
C THR B 412 19.12 10.50 -6.90
N TYR B 413 19.49 11.72 -6.51
CA TYR B 413 19.63 12.77 -7.49
C TYR B 413 20.89 12.61 -8.37
N ASN B 415 23.41 14.57 -10.06
CA ASN B 415 23.83 15.95 -9.84
C ASN B 415 24.36 16.65 -11.09
N ASN B 416 24.62 15.87 -12.13
CA ASN B 416 25.15 16.39 -13.39
C ASN B 416 24.07 16.34 -14.47
N GLU B 417 22.82 16.08 -14.05
CA GLU B 417 21.69 16.03 -15.00
C GLU B 417 20.62 17.10 -14.66
N LYS B 418 19.80 17.48 -15.64
CA LYS B 418 18.73 18.48 -15.47
C LYS B 418 17.46 17.86 -14.84
N ASP B 419 16.45 18.67 -14.50
CA ASP B 419 15.16 18.19 -13.96
C ASP B 419 14.09 18.04 -15.04
N PHE B 420 13.29 16.98 -14.96
CA PHE B 420 12.20 16.70 -15.91
C PHE B 420 11.05 17.61 -15.52
N THR B 421 10.64 18.52 -16.41
CA THR B 421 9.62 19.52 -16.08
C THR B 421 8.74 19.83 -17.30
N ARG B 422 7.64 20.55 -17.10
CA ARG B 422 6.84 20.96 -18.25
C ARG B 422 7.66 21.80 -19.19
N ASP B 423 8.74 22.40 -18.72
CA ASP B 423 9.53 23.24 -19.60
C ASP B 423 10.78 22.56 -20.17
N ASP B 424 11.10 21.36 -19.72
CA ASP B 424 12.26 20.66 -20.24
C ASP B 424 12.16 19.16 -19.96
N TYR B 425 11.79 18.42 -20.99
CA TYR B 425 11.57 16.99 -20.83
C TYR B 425 12.85 16.21 -21.06
N SER B 426 13.89 16.90 -21.51
CA SER B 426 15.19 16.25 -21.64
C SER B 426 15.77 15.95 -20.27
N GLY B 427 15.23 16.61 -19.23
CA GLY B 427 15.71 16.43 -17.87
C GLY B 427 15.52 15.01 -17.36
N LYS B 428 16.57 14.44 -16.76
CA LYS B 428 16.48 13.06 -16.29
C LYS B 428 16.05 12.92 -14.82
N ASN B 429 16.04 14.00 -14.07
CA ASN B 429 15.73 13.92 -12.65
C ASN B 429 14.26 14.16 -12.45
N ILE B 430 13.55 13.14 -11.99
CA ILE B 430 12.13 13.24 -11.79
C ILE B 430 11.79 13.59 -10.33
N TRP B 431 10.79 14.45 -10.16
CA TRP B 431 10.36 14.86 -8.85
C TRP B 431 8.94 14.37 -8.66
N TYR B 432 8.78 13.22 -7.99
CA TYR B 432 7.48 12.60 -7.90
C TYR B 432 6.57 13.28 -6.88
N GLY B 433 7.14 14.05 -5.97
CA GLY B 433 6.38 14.59 -4.86
C GLY B 433 6.07 13.49 -3.88
N VAL B 434 5.17 13.76 -2.94
CA VAL B 434 4.85 12.76 -1.91
C VAL B 434 3.77 11.83 -2.42
N ARG B 435 4.15 11.01 -3.42
CA ARG B 435 3.20 10.16 -4.12
C ARG B 435 3.87 8.78 -4.41
N GLU B 436 4.13 8.00 -3.37
CA GLU B 436 4.86 6.76 -3.49
C GLU B 436 4.13 5.81 -4.46
N PHE B 437 2.84 5.64 -4.25
CA PHE B 437 2.06 4.72 -5.06
C PHE B 437 2.11 5.19 -6.53
N ALA B 438 1.81 6.45 -6.79
CA ALA B 438 1.76 6.91 -8.18
C ALA B 438 3.12 6.77 -8.84
N GLY B 440 5.40 4.45 -8.08
CA GLY B 440 5.54 3.05 -8.41
C GLY B 440 4.83 2.68 -9.70
N ALA B 441 3.59 3.13 -9.87
CA ALA B 441 2.83 2.73 -11.04
C ALA B 441 3.40 3.45 -12.27
N ALA B 442 3.77 4.72 -12.12
CA ALA B 442 4.43 5.46 -13.20
C ALA B 442 5.70 4.76 -13.67
N ASN B 444 6.28 1.67 -13.69
CA ASN B 444 5.81 0.56 -14.50
C ASN B 444 5.49 1.04 -15.91
N GLY B 445 4.76 2.15 -16.00
CA GLY B 445 4.45 2.75 -17.28
C GLY B 445 5.69 3.15 -18.09
N ILE B 446 6.72 3.61 -17.39
CA ILE B 446 7.98 3.97 -18.02
C ILE B 446 8.69 2.74 -18.57
N ALA B 447 8.68 1.63 -17.83
CA ALA B 447 9.40 0.47 -18.28
C ALA B 447 8.66 -0.15 -19.43
N LEU B 448 7.34 -0.06 -19.38
CA LEU B 448 6.50 -0.64 -20.43
C LEU B 448 6.76 0.05 -21.76
N HIS B 449 6.93 1.36 -21.72
CA HIS B 449 7.10 2.09 -22.97
C HIS B 449 8.26 1.54 -23.79
N GLY B 450 9.38 1.26 -23.16
CA GLY B 450 10.57 0.92 -23.92
C GLY B 450 11.41 2.17 -24.06
N GLY B 451 12.72 1.98 -24.18
CA GLY B 451 13.62 3.12 -24.38
C GLY B 451 14.36 3.61 -23.13
N LEU B 452 13.86 3.27 -21.93
CA LEU B 452 14.38 3.84 -20.69
C LEU B 452 14.59 2.78 -19.59
N LYS B 453 15.67 2.94 -18.82
CA LYS B 453 15.85 2.19 -17.57
C LYS B 453 15.51 3.10 -16.38
N THR B 454 14.45 2.78 -15.61
CA THR B 454 14.06 3.63 -14.45
C THR B 454 14.35 3.10 -13.07
N TYR B 455 14.39 4.03 -12.15
CA TYR B 455 14.40 3.74 -10.74
C TYR B 455 13.56 4.79 -10.00
N GLY B 456 13.16 4.46 -8.78
CA GLY B 456 12.46 5.40 -7.94
C GLY B 456 12.87 5.18 -6.50
N GLY B 457 12.89 6.26 -5.70
CA GLY B 457 13.41 6.13 -4.36
C GLY B 457 12.42 6.56 -3.30
N THR B 458 12.42 5.89 -2.17
CA THR B 458 11.73 6.37 -0.99
C THR B 458 12.30 5.68 0.22
N PHE B 459 11.88 6.10 1.41
CA PHE B 459 12.27 5.38 2.59
C PHE B 459 11.74 3.95 2.49
N PHE B 460 12.55 2.98 2.89
CA PHE B 460 12.12 1.57 2.92
C PHE B 460 10.80 1.35 3.70
N VAL B 461 10.65 2.04 4.82
CA VAL B 461 9.41 1.91 5.55
C VAL B 461 8.19 2.24 4.67
N PHE B 462 8.37 3.09 3.65
CA PHE B 462 7.24 3.50 2.79
C PHE B 462 7.10 2.66 1.50
N SER B 463 7.83 1.56 1.42
CA SER B 463 7.64 0.67 0.32
C SER B 463 6.19 0.20 0.43
N ASP B 464 5.67 0.12 1.64
CA ASP B 464 4.28 -0.27 1.86
C ASP B 464 3.31 0.53 1.02
N TYR B 465 3.64 1.79 0.78
CA TYR B 465 2.73 2.67 0.06
C TYR B 465 2.59 2.31 -1.41
N LEU B 466 3.64 1.70 -2.00
CA LEU B 466 3.61 1.44 -3.43
C LEU B 466 3.54 -0.06 -3.71
N ARG B 467 3.31 -0.83 -2.65
CA ARG B 467 3.21 -2.28 -2.74
C ARG B 467 2.36 -2.85 -3.92
N PRO B 468 1.12 -2.37 -4.12
CA PRO B 468 0.34 -2.98 -5.21
C PRO B 468 1.04 -2.76 -6.56
N ALA B 469 1.84 -1.68 -6.70
CA ALA B 469 2.54 -1.37 -7.97
C ALA B 469 3.78 -2.26 -8.14
N ILE B 470 4.48 -2.53 -7.04
CA ILE B 470 5.53 -3.52 -7.02
C ILE B 470 4.96 -4.87 -7.46
N ARG B 471 3.74 -5.20 -7.01
CA ARG B 471 3.19 -6.50 -7.37
C ARG B 471 2.94 -6.50 -8.89
N LEU B 472 2.36 -5.43 -9.42
CA LEU B 472 2.13 -5.40 -10.86
C LEU B 472 3.47 -5.44 -11.61
N ALA B 473 4.50 -4.77 -11.09
CA ALA B 473 5.80 -4.89 -11.71
C ALA B 473 6.31 -6.35 -11.75
N ALA B 474 6.13 -7.07 -10.64
CA ALA B 474 6.57 -8.45 -10.56
C ALA B 474 5.79 -9.29 -11.57
N LEU B 475 4.48 -9.07 -11.63
CA LEU B 475 3.57 -9.76 -12.52
C LEU B 475 3.97 -9.55 -13.99
N GLN B 477 6.79 -8.56 -15.11
CA GLN B 477 8.21 -8.83 -15.34
C GLN B 477 8.99 -7.59 -15.77
N LEU B 478 8.70 -6.47 -15.12
CA LEU B 478 9.35 -5.21 -15.47
C LEU B 478 10.60 -4.99 -14.65
N PRO B 479 11.73 -4.78 -15.34
CA PRO B 479 12.97 -4.60 -14.59
C PRO B 479 13.15 -3.16 -14.07
N VAL B 480 12.18 -2.63 -13.31
CA VAL B 480 12.37 -1.34 -12.65
C VAL B 480 13.29 -1.52 -11.43
N THR B 481 13.92 -0.46 -10.96
CA THR B 481 14.74 -0.53 -9.73
C THR B 481 14.17 0.41 -8.61
N TYR B 482 13.94 -0.17 -7.43
CA TYR B 482 13.55 0.65 -6.27
C TYR B 482 14.79 0.94 -5.46
N VAL B 483 15.00 2.21 -5.13
CA VAL B 483 16.04 2.61 -4.19
C VAL B 483 15.40 2.87 -2.81
N PHE B 484 15.46 1.87 -1.95
CA PHE B 484 14.82 1.96 -0.64
C PHE B 484 15.87 2.24 0.46
N THR B 485 15.93 3.44 0.98
CA THR B 485 17.00 3.72 1.93
C THR B 485 16.41 3.74 3.35
N HIS B 486 17.27 3.92 4.35
CA HIS B 486 16.81 4.02 5.74
C HIS B 486 16.18 2.70 6.21
N ASP B 487 16.99 1.64 6.17
CA ASP B 487 16.43 0.30 6.06
C ASP B 487 16.13 -0.34 7.40
N SER B 488 16.42 0.34 8.51
CA SER B 488 16.35 -0.34 9.79
C SER B 488 16.11 0.57 10.98
N ILE B 489 16.07 -0.05 12.16
CA ILE B 489 15.92 0.73 13.38
C ILE B 489 17.11 1.67 13.50
N ALA B 490 18.11 1.50 12.64
CA ALA B 490 19.31 2.39 12.73
C ALA B 490 18.88 3.81 12.39
N VAL B 491 17.70 3.95 11.81
CA VAL B 491 17.20 5.26 11.46
C VAL B 491 17.17 6.16 12.73
N GLY B 492 16.96 5.54 13.90
CA GLY B 492 17.08 6.23 15.19
C GLY B 492 15.95 7.15 15.61
N GLU B 493 16.18 8.45 15.56
CA GLU B 493 15.26 9.41 16.20
C GLU B 493 13.86 9.53 15.57
N ASP B 494 13.77 9.39 14.25
CA ASP B 494 12.44 9.48 13.63
C ASP B 494 11.44 8.51 14.20
N GLY B 495 11.89 7.44 14.83
CA GLY B 495 10.93 6.59 15.53
C GLY B 495 10.31 5.44 14.72
N PRO B 496 9.43 4.67 15.38
CA PRO B 496 8.88 3.38 14.92
C PRO B 496 8.11 3.52 13.62
N THR B 497 7.42 4.65 13.39
CA THR B 497 6.66 4.78 12.13
C THR B 497 7.61 4.88 10.95
N HIS B 498 8.90 5.10 11.25
CA HIS B 498 9.90 5.32 10.21
C HIS B 498 10.97 4.24 10.19
N GLU B 499 10.81 3.20 11.00
CA GLU B 499 11.81 2.15 11.10
C GLU B 499 11.27 0.83 10.57
N PRO B 500 11.82 0.36 9.43
CA PRO B 500 11.32 -0.88 8.82
C PRO B 500 11.60 -2.01 9.78
N ILE B 501 10.71 -3.00 9.84
CA ILE B 501 10.90 -4.22 10.59
C ILE B 501 10.59 -5.36 9.62
N GLU B 502 9.37 -5.36 9.13
CA GLU B 502 8.81 -6.50 8.40
C GLU B 502 8.95 -6.31 6.89
N GLN B 503 9.46 -5.17 6.46
CA GLN B 503 9.44 -4.80 5.02
C GLN B 503 10.26 -5.78 4.13
N LEU B 504 11.38 -6.27 4.64
CA LEU B 504 12.17 -7.28 3.95
C LEU B 504 11.36 -8.54 3.65
N ALA B 505 10.82 -9.15 4.70
CA ALA B 505 10.02 -10.37 4.57
C ALA B 505 8.89 -10.15 3.61
N ALA B 506 8.22 -9.01 3.74
CA ALA B 506 7.03 -8.76 2.96
C ALA B 506 7.36 -8.79 1.44
N LEU B 507 8.59 -8.42 1.10
CA LEU B 507 9.00 -8.38 -0.31
C LEU B 507 9.63 -9.71 -0.72
N ARG B 508 10.35 -10.34 0.21
CA ARG B 508 10.99 -11.62 -0.08
C ARG B 508 9.94 -12.68 -0.35
N ALA B 509 8.76 -12.55 0.25
CA ALA B 509 7.71 -13.54 0.02
C ALA B 509 7.03 -13.39 -1.35
N PRO B 511 6.30 -13.31 -5.32
CA PRO B 511 6.96 -13.91 -6.50
C PRO B 511 7.61 -12.90 -7.44
N ASN B 512 8.73 -13.29 -8.04
CA ASN B 512 9.37 -12.52 -9.09
C ASN B 512 9.79 -11.10 -8.70
N VAL B 513 10.12 -10.87 -7.42
CA VAL B 513 10.85 -9.66 -7.02
C VAL B 513 12.25 -10.05 -6.52
N SER B 514 13.28 -9.32 -6.93
CA SER B 514 14.59 -9.58 -6.37
C SER B 514 14.86 -8.58 -5.25
N VAL B 515 15.35 -9.06 -4.12
CA VAL B 515 15.61 -8.15 -2.99
C VAL B 515 17.07 -8.24 -2.62
N ILE B 516 17.78 -7.12 -2.68
CA ILE B 516 19.24 -7.10 -2.41
C ILE B 516 19.58 -6.09 -1.34
N ARG B 517 20.19 -6.58 -0.28
CA ARG B 517 20.55 -5.77 0.86
C ARG B 517 22.08 -5.85 1.00
N PRO B 518 22.78 -4.96 0.32
CA PRO B 518 24.25 -4.94 0.29
C PRO B 518 24.88 -4.70 1.66
N ALA B 519 25.91 -5.48 1.94
CA ALA B 519 26.56 -5.50 3.23
C ALA B 519 27.60 -4.40 3.37
N ASP B 520 27.95 -3.77 2.26
CA ASP B 520 28.90 -2.66 2.30
C ASP B 520 28.91 -1.95 0.95
N GLY B 521 29.86 -1.05 0.76
CA GLY B 521 29.93 -0.29 -0.47
C GLY B 521 30.17 -1.11 -1.74
N ASN B 522 31.04 -2.11 -1.66
CA ASN B 522 31.33 -2.91 -2.85
C ASN B 522 30.12 -3.79 -3.20
N GLU B 523 29.57 -4.47 -2.18
CA GLU B 523 28.38 -5.32 -2.35
C GLU B 523 27.28 -4.47 -2.96
N SER B 524 27.24 -3.24 -2.49
CA SER B 524 26.41 -2.18 -3.01
C SER B 524 26.51 -2.03 -4.52
N VAL B 525 27.71 -1.75 -5.02
CA VAL B 525 27.91 -1.49 -6.45
C VAL B 525 27.46 -2.68 -7.26
N ALA B 526 27.83 -3.87 -6.79
CA ALA B 526 27.36 -5.08 -7.42
C ALA B 526 25.81 -5.14 -7.49
N ALA B 527 25.15 -4.83 -6.38
CA ALA B 527 23.69 -4.90 -6.33
C ALA B 527 23.13 -4.04 -7.42
N TRP B 528 23.64 -2.82 -7.53
CA TRP B 528 23.16 -1.93 -8.56
C TRP B 528 23.35 -2.52 -9.97
N ARG B 529 24.46 -3.22 -10.20
CA ARG B 529 24.73 -3.77 -11.52
C ARG B 529 23.70 -4.83 -11.83
N LEU B 530 23.52 -5.73 -10.87
CA LEU B 530 22.53 -6.80 -10.99
C LEU B 530 21.15 -6.22 -11.24
N ALA B 531 20.87 -5.06 -10.63
CA ALA B 531 19.58 -4.39 -10.80
C ALA B 531 19.44 -3.80 -12.20
N LEU B 532 20.43 -3.03 -12.63
CA LEU B 532 20.38 -2.45 -13.96
C LEU B 532 20.42 -3.58 -15.02
N GLU B 533 21.15 -4.65 -14.72
CA GLU B 533 21.23 -5.73 -15.69
C GLU B 533 19.92 -6.55 -15.77
N SER B 534 19.01 -6.38 -14.79
CA SER B 534 17.74 -7.11 -14.85
C SER B 534 16.97 -6.93 -16.17
N THR B 535 16.33 -7.98 -16.69
CA THR B 535 15.41 -7.82 -17.82
C THR B 535 14.00 -8.33 -17.56
N ASN B 536 13.81 -9.11 -16.51
CA ASN B 536 12.48 -9.64 -16.32
C ASN B 536 11.96 -9.62 -14.89
N LYS B 537 12.51 -8.77 -14.04
CA LYS B 537 11.99 -8.69 -12.69
C LYS B 537 12.44 -7.41 -12.01
N PRO B 538 11.52 -6.79 -11.26
CA PRO B 538 11.92 -5.61 -10.48
C PRO B 538 12.92 -6.02 -9.40
N THR B 539 13.83 -5.11 -9.09
CA THR B 539 14.86 -5.31 -8.06
C THR B 539 14.69 -4.23 -6.98
N ALA B 540 14.52 -4.66 -5.74
CA ALA B 540 14.51 -3.71 -4.64
C ALA B 540 15.88 -3.65 -3.96
N LEU B 541 16.51 -2.47 -3.98
CA LEU B 541 17.78 -2.24 -3.27
C LEU B 541 17.51 -1.72 -1.87
N VAL B 542 18.00 -2.42 -0.86
CA VAL B 542 17.66 -2.07 0.51
C VAL B 542 18.92 -1.48 1.16
N LEU B 543 18.90 -0.17 1.43
CA LEU B 543 20.11 0.61 1.65
C LEU B 543 20.09 1.31 2.98
N THR B 544 21.30 1.53 3.55
CA THR B 544 21.40 2.05 4.91
C THR B 544 21.56 3.56 4.94
N ARG B 545 20.99 4.17 5.97
CA ARG B 545 21.31 5.54 6.29
C ARG B 545 22.70 5.66 6.90
N GLN B 546 23.15 4.65 7.65
CA GLN B 546 24.43 4.75 8.39
C GLN B 546 25.65 4.14 7.69
N ASP B 547 26.84 4.60 8.09
CA ASP B 547 28.07 4.10 7.52
C ASP B 547 28.24 2.60 7.80
N LEU B 548 28.76 1.88 6.83
CA LEU B 548 29.12 0.47 6.98
C LEU B 548 30.60 0.31 6.61
N PRO B 549 31.31 -0.49 7.40
CA PRO B 549 32.75 -0.71 7.20
C PRO B 549 33.00 -1.62 6.02
N THR B 550 33.93 -1.27 5.16
CA THR B 550 34.23 -2.10 4.00
C THR B 550 34.78 -3.47 4.40
N LEU B 551 34.22 -4.54 3.85
CA LEU B 551 34.48 -5.89 4.35
C LEU B 551 35.58 -6.63 3.60
N GLU B 552 36.62 -7.10 4.29
CA GLU B 552 37.68 -7.82 3.56
C GLU B 552 37.17 -8.90 2.61
N GLY B 553 36.30 -9.77 3.12
CA GLY B 553 35.74 -10.88 2.38
C GLY B 553 34.84 -10.55 1.18
N ALA B 554 34.43 -9.29 1.09
CA ALA B 554 33.52 -8.87 0.03
C ALA B 554 34.29 -8.12 -1.07
N LYS B 555 35.50 -7.68 -0.72
CA LYS B 555 36.33 -6.84 -1.57
C LYS B 555 36.69 -7.33 -2.98
N ASP B 556 37.12 -8.58 -3.12
CA ASP B 556 37.50 -9.07 -4.44
C ASP B 556 36.35 -9.84 -5.05
N ASP B 557 36.15 -9.71 -6.37
CA ASP B 557 35.08 -10.42 -7.08
C ASP B 557 33.71 -10.18 -6.43
N THR B 558 33.48 -8.94 -6.05
CA THR B 558 32.27 -8.55 -5.38
C THR B 558 31.08 -9.01 -6.23
N TYR B 559 31.03 -8.54 -7.47
CA TYR B 559 29.94 -8.82 -8.41
C TYR B 559 29.60 -10.30 -8.51
N GLU B 560 30.63 -11.12 -8.61
CA GLU B 560 30.46 -12.56 -8.76
C GLU B 560 29.87 -13.18 -7.48
N LYS B 561 30.30 -12.68 -6.33
CA LYS B 561 29.81 -13.14 -5.03
C LYS B 561 28.35 -12.73 -4.81
N VAL B 562 28.04 -11.47 -5.07
CA VAL B 562 26.67 -10.99 -4.82
C VAL B 562 25.73 -11.67 -5.79
N ALA B 563 26.19 -11.89 -7.03
CA ALA B 563 25.37 -12.55 -8.02
C ALA B 563 24.94 -13.92 -7.50
N LYS B 564 25.76 -14.53 -6.65
CA LYS B 564 25.39 -15.82 -6.11
C LYS B 564 24.28 -15.72 -5.01
N GLY B 565 24.00 -14.53 -4.53
CA GLY B 565 22.95 -14.39 -3.55
C GLY B 565 23.48 -14.51 -2.14
N ALA B 566 24.25 -15.56 -1.88
CA ALA B 566 24.90 -15.76 -0.60
C ALA B 566 26.26 -16.47 -0.81
N TYR B 567 27.26 -16.11 -0.01
CA TYR B 567 28.60 -16.60 -0.18
C TYR B 567 29.37 -16.53 1.15
N VAL B 568 30.44 -17.33 1.25
CA VAL B 568 31.22 -17.34 2.48
C VAL B 568 32.09 -16.10 2.51
N VAL B 569 31.76 -15.17 3.41
CA VAL B 569 32.40 -13.87 3.39
C VAL B 569 33.63 -13.86 4.29
N SER B 570 33.71 -14.87 5.17
CA SER B 570 34.95 -15.14 5.90
C SER B 570 34.92 -16.52 6.54
N ALA B 571 35.97 -17.30 6.28
CA ALA B 571 35.89 -18.76 6.42
C ALA B 571 36.13 -19.18 7.87
N SER B 572 35.47 -20.27 8.27
CA SER B 572 35.96 -21.09 9.37
C SER B 572 37.40 -21.54 9.14
N LYS B 573 38.22 -21.49 10.18
CA LYS B 573 39.59 -21.99 10.12
C LYS B 573 39.62 -23.43 9.60
N LYS B 574 38.57 -24.18 9.91
CA LYS B 574 38.62 -25.63 9.83
C LYS B 574 37.64 -26.17 8.79
N GLU B 575 37.79 -27.44 8.44
CA GLU B 575 37.05 -28.02 7.33
C GLU B 575 35.55 -27.78 7.47
N THR B 576 34.96 -28.38 8.49
CA THR B 576 33.60 -28.10 8.85
C THR B 576 33.54 -27.23 10.11
N ALA B 577 32.70 -26.22 10.03
CA ALA B 577 32.59 -25.24 11.08
C ALA B 577 31.88 -25.83 12.28
N ASP B 578 32.16 -25.25 13.44
CA ASP B 578 31.32 -25.41 14.62
C ASP B 578 29.93 -24.78 14.43
N VAL B 579 29.87 -23.69 13.67
CA VAL B 579 28.62 -22.93 13.49
C VAL B 579 28.83 -22.03 12.31
N ILE B 580 27.72 -21.75 11.62
CA ILE B 580 27.64 -20.79 10.52
C ILE B 580 26.81 -19.59 10.94
N LEU B 581 27.39 -18.41 10.75
CA LEU B 581 26.71 -17.17 11.02
C LEU B 581 26.27 -16.58 9.68
N LEU B 582 24.97 -16.37 9.54
CA LEU B 582 24.36 -15.74 8.38
C LEU B 582 23.92 -14.33 8.72
N ALA B 583 24.14 -13.41 7.80
CA ALA B 583 23.81 -12.03 8.03
C ALA B 583 23.66 -11.36 6.65
N THR B 584 22.97 -10.22 6.63
CA THR B 584 22.77 -9.47 5.41
C THR B 584 23.02 -8.03 5.74
N GLY B 585 23.21 -7.18 4.74
CA GLY B 585 23.39 -5.77 4.92
C GLY B 585 24.29 -5.37 6.08
N SER B 586 23.80 -4.45 6.91
CA SER B 586 24.57 -3.87 8.00
C SER B 586 24.89 -4.87 9.11
N GLU B 587 24.30 -6.06 9.06
CA GLU B 587 24.66 -7.03 10.09
C GLU B 587 25.87 -7.91 9.76
N VAL B 588 26.31 -7.94 8.52
CA VAL B 588 27.47 -8.79 8.17
C VAL B 588 28.72 -8.41 9.01
N SER B 589 29.00 -7.13 9.17
CA SER B 589 30.18 -6.75 9.94
C SER B 589 30.04 -7.16 11.41
N LEU B 590 28.83 -7.05 11.94
CA LEU B 590 28.65 -7.45 13.32
C LEU B 590 28.99 -8.96 13.41
N ALA B 591 28.55 -9.70 12.41
CA ALA B 591 28.77 -11.14 12.37
C ALA B 591 30.25 -11.48 12.28
N VAL B 592 30.99 -10.71 11.50
CA VAL B 592 32.39 -11.04 11.28
C VAL B 592 33.16 -10.68 12.54
N GLU B 593 32.65 -9.71 13.27
CA GLU B 593 33.17 -9.43 14.60
C GLU B 593 32.78 -10.45 15.62
N ALA B 594 31.54 -10.93 15.57
CA ALA B 594 31.19 -12.03 16.43
C ALA B 594 32.11 -13.23 16.17
N GLN B 595 32.39 -13.49 14.89
CA GLN B 595 33.22 -14.63 14.54
C GLN B 595 34.63 -14.62 15.26
N LYS B 596 35.26 -13.45 15.39
CA LYS B 596 36.56 -13.33 16.08
C LYS B 596 36.46 -13.43 17.59
N ALA B 597 35.35 -13.01 18.18
CA ALA B 597 35.28 -13.12 19.62
C ALA B 597 35.04 -14.59 19.89
N LEU B 598 34.26 -15.22 19.03
CA LEU B 598 33.95 -16.64 19.17
C LEU B 598 35.21 -17.48 19.01
N ALA B 599 36.11 -17.06 18.12
CA ALA B 599 37.31 -17.84 17.91
C ALA B 599 38.13 -17.84 19.21
N VAL B 600 38.36 -16.65 19.76
CA VAL B 600 39.05 -16.51 21.04
C VAL B 600 38.51 -17.52 22.03
N ASP B 601 37.19 -17.69 22.02
CA ASP B 601 36.53 -18.58 22.98
C ASP B 601 36.43 -20.07 22.57
N GLY B 602 37.03 -20.47 21.46
CA GLY B 602 37.08 -21.88 21.14
C GLY B 602 36.01 -22.38 20.19
N VAL B 603 35.21 -21.44 19.69
CA VAL B 603 34.17 -21.78 18.73
C VAL B 603 34.55 -21.29 17.35
N ASP B 604 34.55 -22.20 16.39
CA ASP B 604 34.98 -21.88 15.06
C ASP B 604 33.78 -21.73 14.13
N ALA B 605 33.60 -20.51 13.63
CA ALA B 605 32.39 -20.10 12.90
C ALA B 605 32.76 -19.63 11.51
N SER B 606 31.94 -19.94 10.49
CA SER B 606 32.09 -19.21 9.23
C SER B 606 30.99 -18.15 9.10
N VAL B 607 31.25 -17.12 8.31
CA VAL B 607 30.28 -16.06 8.10
C VAL B 607 29.83 -16.03 6.64
N VAL B 608 28.52 -16.13 6.45
CA VAL B 608 27.91 -16.06 5.13
C VAL B 608 27.19 -14.72 5.00
N SER B 609 27.59 -13.93 4.02
CA SER B 609 26.79 -12.77 3.63
C SER B 609 25.70 -13.17 2.60
N PRO B 611 23.40 -11.14 0.55
CA PRO B 611 22.76 -9.93 0.04
C PRO B 611 21.35 -10.17 -0.54
N SER B 612 21.10 -11.36 -1.06
CA SER B 612 19.82 -11.64 -1.74
C SER B 612 19.40 -13.11 -1.67
N ASP B 614 16.68 -14.55 -2.91
CA ASP B 614 16.16 -15.06 -4.18
C ASP B 614 17.31 -15.48 -5.13
N ARG B 615 18.39 -14.71 -5.17
CA ARG B 615 19.47 -15.08 -6.10
C ARG B 615 20.13 -16.35 -5.58
N PHE B 616 20.30 -16.47 -4.28
CA PHE B 616 20.90 -17.67 -3.70
C PHE B 616 20.10 -18.92 -4.03
N GLU B 617 18.78 -18.89 -3.82
CA GLU B 617 17.92 -20.03 -4.16
C GLU B 617 18.00 -20.51 -5.61
N ALA B 618 18.43 -19.65 -6.51
CA ALA B 618 18.48 -19.98 -7.91
C ALA B 618 19.80 -20.73 -8.28
N GLN B 619 20.78 -20.63 -7.39
CA GLN B 619 22.07 -21.30 -7.57
C GLN B 619 21.93 -22.84 -7.61
N THR B 620 22.99 -23.51 -8.07
CA THR B 620 23.00 -24.97 -8.10
C THR B 620 23.07 -25.57 -6.69
N ALA B 621 22.57 -26.81 -6.56
CA ALA B 621 22.48 -27.52 -5.28
C ALA B 621 23.86 -27.61 -4.63
N GLU B 622 24.85 -27.62 -5.51
CA GLU B 622 26.23 -27.85 -5.17
C GLU B 622 26.86 -26.53 -4.72
N TYR B 623 26.56 -25.45 -5.41
CA TYR B 623 26.96 -24.16 -4.86
C TYR B 623 26.36 -23.97 -3.44
N LYS B 624 25.11 -24.34 -3.26
CA LYS B 624 24.41 -24.07 -2.01
C LYS B 624 25.00 -24.88 -0.86
N GLU B 625 25.32 -26.13 -1.17
CA GLU B 625 25.96 -27.04 -0.24
C GLU B 625 27.32 -26.49 0.18
N SER B 626 27.99 -25.80 -0.73
CA SER B 626 29.29 -25.22 -0.41
C SER B 626 29.20 -24.04 0.55
N VAL B 627 28.07 -23.34 0.54
CA VAL B 627 27.94 -22.17 1.38
C VAL B 627 27.28 -22.58 2.68
N LEU B 628 26.37 -23.54 2.59
CA LEU B 628 25.60 -23.98 3.75
C LEU B 628 25.58 -25.51 3.79
N PRO B 629 26.69 -26.15 4.24
CA PRO B 629 26.77 -27.61 4.22
C PRO B 629 25.68 -28.25 5.08
N LYS B 630 24.98 -29.21 4.50
CA LYS B 630 23.92 -29.89 5.23
C LYS B 630 24.42 -30.53 6.54
N ALA B 631 25.73 -30.74 6.63
CA ALA B 631 26.32 -31.33 7.81
C ALA B 631 26.30 -30.34 8.98
N VAL B 632 26.70 -29.10 8.74
CA VAL B 632 26.65 -28.08 9.78
C VAL B 632 25.22 -27.67 10.15
N THR B 633 24.70 -28.16 11.27
CA THR B 633 23.32 -27.85 11.65
C THR B 633 23.24 -26.68 12.60
N LYS B 634 24.36 -26.31 13.20
CA LYS B 634 24.32 -25.17 14.11
C LYS B 634 24.51 -23.92 13.24
N ARG B 635 23.41 -23.16 13.07
CA ARG B 635 23.37 -22.02 12.18
C ARG B 635 22.69 -20.85 12.88
N PHE B 636 23.30 -19.68 12.84
CA PHE B 636 22.76 -18.52 13.53
C PHE B 636 22.61 -17.34 12.58
N ALA B 637 21.38 -16.86 12.41
CA ALA B 637 21.13 -15.75 11.51
C ALA B 637 21.03 -14.42 12.24
N ILE B 638 21.54 -13.36 11.62
CA ILE B 638 21.51 -12.05 12.27
C ILE B 638 21.04 -11.01 11.27
N GLU B 639 19.93 -10.34 11.56
CA GLU B 639 19.42 -9.29 10.69
C GLU B 639 18.46 -8.35 11.44
N GLY B 641 15.47 -6.96 11.35
CA GLY B 641 14.22 -7.07 10.62
C GLY B 641 13.51 -8.29 11.19
N ALA B 642 12.25 -8.52 10.82
CA ALA B 642 11.55 -9.69 11.32
C ALA B 642 12.38 -10.96 11.18
N THR B 643 12.13 -11.93 12.02
CA THR B 643 12.85 -13.19 11.95
C THR B 643 12.17 -14.05 10.92
N PHE B 644 10.96 -13.66 10.54
CA PHE B 644 10.10 -14.42 9.63
C PHE B 644 10.89 -14.80 8.33
N GLY B 645 10.89 -16.10 7.99
CA GLY B 645 11.59 -16.56 6.79
C GLY B 645 13.01 -17.12 6.99
N TRP B 646 13.63 -16.83 8.12
CA TRP B 646 15.03 -17.18 8.29
C TRP B 646 15.23 -18.66 8.51
N HIS B 647 14.18 -19.32 8.96
CA HIS B 647 14.26 -20.72 9.31
C HIS B 647 14.43 -21.64 8.13
N ARG B 648 14.21 -21.11 6.93
CA ARG B 648 14.54 -21.82 5.69
C ARG B 648 16.01 -22.15 5.72
N TYR B 649 16.84 -21.26 6.29
CA TYR B 649 18.30 -21.45 6.40
C TYR B 649 18.84 -21.96 7.75
N VAL B 650 18.23 -21.54 8.85
CA VAL B 650 18.78 -21.95 10.14
C VAL B 650 18.07 -23.16 10.69
N GLY B 651 16.97 -23.56 10.09
CA GLY B 651 16.29 -24.79 10.48
C GLY B 651 15.78 -24.85 11.91
N LEU B 652 15.32 -26.03 12.32
CA LEU B 652 14.75 -26.23 13.65
C LEU B 652 15.80 -26.15 14.76
N GLU B 653 17.07 -26.40 14.42
CA GLU B 653 18.09 -26.56 15.43
C GLU B 653 18.89 -25.27 15.61
N GLY B 654 18.71 -24.33 14.68
CA GLY B 654 19.44 -23.08 14.66
C GLY B 654 18.68 -21.95 15.35
N ASP B 655 19.14 -20.72 15.18
CA ASP B 655 18.48 -19.59 15.81
C ASP B 655 18.67 -18.35 14.96
N VAL B 656 17.90 -17.31 15.26
CA VAL B 656 18.04 -16.01 14.62
C VAL B 656 17.91 -14.86 15.63
N LEU B 657 18.74 -13.86 15.44
CA LEU B 657 18.63 -12.61 16.17
C LEU B 657 18.10 -11.61 15.18
N GLY B 658 16.84 -11.22 15.37
CA GLY B 658 16.17 -10.27 14.49
C GLY B 658 15.33 -9.38 15.37
N ILE B 659 14.27 -8.78 14.81
CA ILE B 659 13.44 -7.86 15.57
C ILE B 659 12.01 -8.15 15.21
N ASP B 660 11.24 -8.59 16.20
CA ASP B 660 9.83 -8.89 15.97
C ASP B 660 8.87 -7.98 16.75
N THR B 661 9.38 -6.82 17.18
CA THR B 661 8.54 -5.73 17.68
C THR B 661 8.83 -4.53 16.81
N PHE B 662 8.09 -3.44 17.03
CA PHE B 662 8.38 -2.18 16.38
C PHE B 662 9.60 -1.54 16.98
N GLY B 663 10.10 -0.47 16.35
CA GLY B 663 11.29 0.23 16.84
C GLY B 663 11.02 1.28 17.91
N ALA B 664 11.78 2.36 17.89
CA ALA B 664 11.76 3.34 18.98
C ALA B 664 12.38 4.63 18.49
N SER B 665 12.16 5.66 19.27
CA SER B 665 12.68 6.95 18.93
C SER B 665 13.88 7.19 19.87
N ALA B 666 15.09 7.08 19.33
CA ALA B 666 16.31 7.22 20.13
C ALA B 666 17.47 7.28 19.15
N PRO B 667 18.64 7.71 19.61
CA PRO B 667 19.76 7.56 18.69
C PRO B 667 19.87 6.12 18.17
N GLY B 668 20.23 5.96 16.90
CA GLY B 668 20.19 4.63 16.28
C GLY B 668 21.05 3.63 17.02
N GLU B 669 22.27 4.06 17.35
CA GLU B 669 23.25 3.28 18.09
C GLU B 669 22.61 2.66 19.31
N LYS B 670 21.85 3.49 20.01
CA LYS B 670 21.26 3.14 21.28
C LYS B 670 20.18 2.08 21.08
N ILE B 671 19.28 2.31 20.13
CA ILE B 671 18.26 1.30 19.82
C ILE B 671 18.94 -0.03 19.43
N GLU B 673 21.85 -1.30 20.40
CA GLU B 673 22.34 -2.00 21.58
C GLU B 673 21.20 -2.57 22.38
N GLU B 674 20.18 -1.76 22.65
CA GLU B 674 19.01 -2.20 23.38
C GLU B 674 18.32 -3.37 22.70
N TYR B 675 18.34 -3.39 21.37
CA TYR B 675 17.66 -4.51 20.70
C TYR B 675 18.56 -5.72 20.48
N GLY B 676 19.75 -5.74 21.10
CA GLY B 676 20.64 -6.92 21.10
C GLY B 676 21.68 -7.00 19.97
N PHE B 677 21.82 -5.94 19.21
CA PHE B 677 22.73 -6.03 18.11
C PHE B 677 24.14 -5.57 18.47
N THR B 678 24.77 -6.37 19.32
CA THR B 678 26.11 -6.08 19.85
C THR B 678 26.92 -7.37 19.78
N VAL B 679 28.25 -7.26 19.80
CA VAL B 679 29.07 -8.45 19.60
C VAL B 679 28.78 -9.40 20.75
N GLU B 680 28.76 -8.83 21.95
CA GLU B 680 28.70 -9.63 23.14
C GLU B 680 27.38 -10.39 23.25
N ASN B 681 26.29 -9.79 22.78
CA ASN B 681 25.02 -10.49 22.80
C ASN B 681 24.93 -11.54 21.70
N VAL B 682 25.57 -11.29 20.57
CA VAL B 682 25.59 -12.29 19.51
C VAL B 682 26.39 -13.53 19.96
N VAL B 683 27.58 -13.26 20.50
CA VAL B 683 28.46 -14.30 21.00
C VAL B 683 27.72 -15.11 22.06
N ARG B 684 27.07 -14.42 23.01
CA ARG B 684 26.29 -15.13 24.01
C ARG B 684 25.15 -15.98 23.43
N LYS B 685 24.36 -15.43 22.50
CA LYS B 685 23.23 -16.22 22.01
C LYS B 685 23.75 -17.42 21.19
N VAL B 686 24.86 -17.24 20.48
CA VAL B 686 25.45 -18.39 19.75
C VAL B 686 25.90 -19.50 20.71
N LYS B 687 26.65 -19.13 21.76
CA LYS B 687 27.08 -20.12 22.74
C LYS B 687 25.89 -20.89 23.30
N GLU B 688 24.81 -20.18 23.59
CA GLU B 688 23.60 -20.78 24.11
C GLU B 688 22.93 -21.83 23.22
N LEU B 690 24.82 -23.67 20.86
CA LEU B 690 25.80 -24.74 20.81
C LEU B 690 25.45 -25.81 21.84
#